data_4YLF
#
_entry.id   4YLF
#
_cell.length_a   81.420
_cell.length_b   81.420
_cell.length_c   311.480
_cell.angle_alpha   90.00
_cell.angle_beta   90.00
_cell.angle_gamma   90.00
#
_symmetry.space_group_name_H-M   'P 43'
#
loop_
_entity.id
_entity.type
_entity.pdbx_description
1 polymer 'Dihydroorotate dehydrogenase B (NAD(+)), electron transfer subunit homolog'
2 polymer 'Dihydropyrimidine dehydrogenase subunit A'
3 non-polymer 'FE2/S2 (INORGANIC) CLUSTER'
4 non-polymer 'FLAVIN-ADENINE DINUCLEOTIDE'
5 non-polymer 'IRON/SULFUR CLUSTER'
6 non-polymer 'PHOSPHATE ION'
7 water water
#
loop_
_entity_poly.entity_id
_entity_poly.type
_entity_poly.pdbx_seq_one_letter_code
_entity_poly.pdbx_strand_id
1 'polypeptide(L)'
;MGGTALNEIVKKVKIAEDVFDFWIHSPSVSKEARPGQFVVIRLHEKGERIPLTVADTKPEEGLFRMVVKVVGKTTHELSL
KKEGDTILDVVGPLGNPSEIENYGNVLLVGGGVGIATLYPIAKALKEAGNNITTVLGARTKDYLIMVDEFKEISDVLLVT
DDGSAGMKGVVTDAMDKLFRERKFDICWAVGPTIMMKFCTLKAREFGVPIWVSLNPIMVDGTGMCGACRVTVSGQIKFAC
VDGPEFRGEEVDWDELLKRLAQYREQEKISYERFLK
;
A,C
2 'polypeptide(L)'
;MKNRKTPMKEQSPESRRRNFEEVALGYTLEEALEEAQRCLQCPTHPCVSGCPVEIDIPGFIRKLRDGKLEESYRILKSYN
NLPAVCGRVCPQEVQCESRCVVGKMKDSEPVAIGRLERFVADWAAENLEEDVKPLAGSKKEKVAVVGSGPAGLTAAADLA
KMGYHVDIFEAFHKPGGVLVYGIPEFRLPKRIVEREVSYIRKLGVNFHLNTVVGKTVKVKELLSEYDAVFIGTGAGTPKF
MGIPGTNLNGVYSANEFLTRVNLMKAYLFPEYDTPIRVGKKVAVIGAGNTAMDAARSALRLGAEKVYIVYRRTEREMPAR
REEYHHALEEGIEFLWLTLPIRYIGDANGNVEAMECVRMELKEADGSGRPRPVPIEGSNFVLEVDMVIEAIGQGPNRVLL
SEFPGLELNERGYIKADEDTGATSVKGVFAGGDIVTGAATVIKAMGAGKKAAQFIHSYLTGEWNPWQK
;
B,D
#
loop_
_chem_comp.id
_chem_comp.type
_chem_comp.name
_chem_comp.formula
FAD non-polymer 'FLAVIN-ADENINE DINUCLEOTIDE' 'C27 H33 N9 O15 P2'
FES non-polymer 'FE2/S2 (INORGANIC) CLUSTER' 'Fe2 S2'
PO4 non-polymer 'PHOSPHATE ION' 'O4 P -3'
SF4 non-polymer 'IRON/SULFUR CLUSTER' 'Fe4 S4'
#
# COMPACT_ATOMS: atom_id res chain seq x y z
N MET A 1 -1.46 -18.25 0.41
CA MET A 1 -1.45 -19.60 -0.24
C MET A 1 -0.64 -19.56 -1.54
N GLY A 2 0.37 -18.69 -1.59
CA GLY A 2 1.24 -18.60 -2.74
C GLY A 2 0.64 -17.89 -3.93
N GLY A 3 -0.51 -17.22 -3.73
CA GLY A 3 -1.18 -16.52 -4.80
C GLY A 3 -1.31 -15.03 -4.58
N THR A 4 -2.13 -14.39 -5.40
CA THR A 4 -2.41 -12.96 -5.28
C THR A 4 -3.72 -12.75 -4.53
N ALA A 5 -4.25 -11.53 -4.60
CA ALA A 5 -5.52 -11.19 -3.98
C ALA A 5 -6.31 -10.29 -4.91
N LEU A 6 -7.53 -9.94 -4.49
CA LEU A 6 -8.41 -9.14 -5.32
C LEU A 6 -7.76 -7.84 -5.75
N ASN A 7 -7.70 -6.86 -4.85
CA ASN A 7 -7.27 -5.53 -5.24
C ASN A 7 -5.79 -5.26 -4.94
N GLU A 8 -5.03 -6.35 -4.79
CA GLU A 8 -3.61 -6.28 -4.47
C GLU A 8 -2.84 -5.35 -5.40
N ILE A 9 -1.99 -4.51 -4.82
CA ILE A 9 -1.06 -3.71 -5.59
C ILE A 9 0.10 -4.60 -6.03
N VAL A 10 0.09 -5.00 -7.29
CA VAL A 10 1.07 -5.94 -7.81
C VAL A 10 2.40 -5.23 -8.09
N LYS A 11 2.33 -3.95 -8.41
CA LYS A 11 3.55 -3.17 -8.57
C LYS A 11 3.30 -1.71 -8.24
N LYS A 12 4.30 -1.07 -7.62
CA LYS A 12 4.27 0.36 -7.41
C LYS A 12 5.65 0.93 -7.67
N VAL A 13 5.75 1.77 -8.70
CA VAL A 13 7.03 2.39 -9.04
C VAL A 13 6.88 3.90 -9.19
N LYS A 14 7.85 4.62 -8.64
CA LYS A 14 7.83 6.08 -8.72
C LYS A 14 8.42 6.51 -10.06
N ILE A 15 7.90 7.59 -10.60
CA ILE A 15 8.32 8.07 -11.91
C ILE A 15 8.50 9.59 -11.92
N ALA A 16 8.09 10.24 -10.83
CA ALA A 16 8.33 11.67 -10.64
C ALA A 16 8.29 12.03 -9.16
N GLU A 17 8.53 13.30 -8.85
CA GLU A 17 8.62 13.78 -7.47
C GLU A 17 7.37 13.44 -6.68
N ASP A 18 6.24 13.31 -7.36
CA ASP A 18 4.96 13.09 -6.70
C ASP A 18 4.01 12.19 -7.50
N VAL A 19 4.52 11.55 -8.53
CA VAL A 19 3.70 10.70 -9.40
C VAL A 19 4.10 9.24 -9.22
N PHE A 20 3.11 8.34 -9.22
CA PHE A 20 3.34 6.91 -9.03
C PHE A 20 2.61 6.04 -10.04
N ASP A 21 3.35 5.11 -10.63
CA ASP A 21 2.81 4.16 -11.59
C ASP A 21 2.57 2.84 -10.88
N PHE A 22 1.29 2.54 -10.69
CA PHE A 22 0.85 1.31 -10.06
C PHE A 22 0.41 0.32 -11.13
N TRP A 23 0.70 -0.95 -10.90
CA TRP A 23 0.03 -2.03 -11.61
C TRP A 23 -0.76 -2.84 -10.58
N ILE A 24 -2.03 -3.04 -10.86
CA ILE A 24 -2.93 -3.65 -9.90
C ILE A 24 -3.78 -4.76 -10.50
N HIS A 25 -3.96 -5.82 -9.72
CA HIS A 25 -4.72 -7.00 -10.11
C HIS A 25 -6.22 -6.76 -9.98
N SER A 26 -6.95 -6.97 -11.08
CA SER A 26 -8.41 -6.88 -11.07
C SER A 26 -8.95 -7.42 -12.39
N PRO A 27 -9.17 -8.74 -12.48
CA PRO A 27 -9.52 -9.36 -13.76
C PRO A 27 -10.71 -8.69 -14.47
N SER A 28 -11.67 -8.18 -13.71
CA SER A 28 -12.81 -7.47 -14.32
C SER A 28 -12.34 -6.20 -15.01
N VAL A 29 -11.64 -5.34 -14.30
CA VAL A 29 -11.19 -4.08 -14.88
C VAL A 29 -10.21 -4.35 -16.02
N SER A 30 -9.37 -5.37 -15.84
CA SER A 30 -8.38 -5.72 -16.85
C SER A 30 -9.06 -6.22 -18.12
N LYS A 31 -10.02 -7.12 -17.95
CA LYS A 31 -10.71 -7.73 -19.07
C LYS A 31 -11.64 -6.76 -19.77
N GLU A 32 -12.40 -6.01 -18.98
CA GLU A 32 -13.54 -5.29 -19.52
C GLU A 32 -13.17 -3.91 -20.09
N ALA A 33 -12.04 -3.37 -19.66
CA ALA A 33 -11.69 -1.98 -19.99
C ALA A 33 -11.30 -1.75 -21.45
N ARG A 34 -11.84 -0.66 -21.99
CA ARG A 34 -11.49 -0.15 -23.31
C ARG A 34 -10.93 1.25 -23.10
N PRO A 35 -10.13 1.76 -24.05
CA PRO A 35 -9.49 3.07 -23.89
C PRO A 35 -10.46 4.23 -23.68
N GLY A 36 -10.06 5.19 -22.85
CA GLY A 36 -10.89 6.33 -22.53
C GLY A 36 -11.74 6.13 -21.27
N GLN A 37 -11.68 4.91 -20.71
CA GLN A 37 -12.43 4.56 -19.49
C GLN A 37 -11.62 4.77 -18.22
N PHE A 38 -12.31 4.77 -17.08
CA PHE A 38 -11.69 5.08 -15.80
C PHE A 38 -12.29 4.23 -14.69
N VAL A 39 -11.60 4.18 -13.54
CA VAL A 39 -12.10 3.50 -12.34
C VAL A 39 -12.28 4.47 -11.18
N VAL A 40 -13.24 4.16 -10.33
CA VAL A 40 -13.41 4.87 -9.06
C VAL A 40 -12.95 3.96 -7.94
N ILE A 41 -12.13 4.48 -7.04
CA ILE A 41 -11.60 3.65 -5.95
C ILE A 41 -11.80 4.24 -4.56
N ARG A 42 -11.73 3.33 -3.59
CA ARG A 42 -11.68 3.67 -2.17
C ARG A 42 -10.60 2.81 -1.52
N LEU A 43 -9.76 3.43 -0.69
CA LEU A 43 -8.59 2.77 -0.12
C LEU A 43 -8.93 2.03 1.18
N HIS A 44 -9.76 2.65 2.00
CA HIS A 44 -10.17 2.09 3.28
C HIS A 44 -11.60 2.49 3.61
N GLU A 45 -12.15 1.91 4.68
CA GLU A 45 -13.56 2.06 5.00
C GLU A 45 -13.99 3.51 5.29
N LYS A 46 -13.06 4.34 5.75
CA LYS A 46 -13.32 5.77 5.93
C LYS A 46 -12.95 6.55 4.67
N GLY A 47 -12.55 5.81 3.65
CA GLY A 47 -12.06 6.41 2.42
C GLY A 47 -13.12 7.15 1.66
N GLU A 48 -12.68 7.91 0.68
CA GLU A 48 -13.55 8.59 -0.27
C GLU A 48 -13.41 7.92 -1.61
N ARG A 49 -14.47 7.98 -2.41
CA ARG A 49 -14.36 7.47 -3.77
C ARG A 49 -13.63 8.51 -4.60
N ILE A 50 -12.57 8.08 -5.30
CA ILE A 50 -11.86 8.97 -6.22
C ILE A 50 -11.69 8.38 -7.63
N PRO A 51 -11.75 9.25 -8.65
CA PRO A 51 -11.61 8.80 -10.04
C PRO A 51 -10.17 8.77 -10.54
N LEU A 52 -9.80 7.71 -11.24
CA LEU A 52 -8.49 7.61 -11.87
C LEU A 52 -8.64 6.86 -13.19
N THR A 53 -7.79 7.16 -14.16
CA THR A 53 -7.90 6.54 -15.47
C THR A 53 -7.15 5.22 -15.58
N VAL A 54 -7.77 4.24 -16.23
CA VAL A 54 -7.07 3.01 -16.59
C VAL A 54 -6.17 3.31 -17.78
N ALA A 55 -4.87 3.25 -17.55
CA ALA A 55 -3.88 3.67 -18.53
C ALA A 55 -3.34 2.51 -19.37
N ASP A 56 -3.69 1.28 -19.01
CA ASP A 56 -3.27 0.09 -19.76
C ASP A 56 -3.92 -1.14 -19.12
N THR A 57 -3.85 -2.28 -19.79
CA THR A 57 -4.38 -3.53 -19.25
C THR A 57 -3.54 -4.73 -19.68
N LYS A 58 -3.40 -5.69 -18.76
CA LYS A 58 -2.86 -7.00 -19.07
C LYS A 58 -3.87 -8.06 -18.69
N PRO A 59 -4.90 -8.26 -19.53
CA PRO A 59 -6.02 -9.14 -19.19
C PRO A 59 -5.58 -10.58 -18.92
N GLU A 60 -4.50 -11.00 -19.57
CA GLU A 60 -3.96 -12.35 -19.40
C GLU A 60 -3.59 -12.62 -17.95
N GLU A 61 -2.89 -11.69 -17.33
CA GLU A 61 -2.50 -11.79 -15.94
C GLU A 61 -3.50 -11.06 -15.07
N GLY A 62 -4.40 -10.32 -15.69
CA GLY A 62 -5.51 -9.72 -14.98
C GLY A 62 -5.09 -8.46 -14.29
N LEU A 63 -4.22 -7.69 -14.95
CA LEU A 63 -3.69 -6.46 -14.37
C LEU A 63 -4.18 -5.23 -15.12
N PHE A 64 -4.29 -4.11 -14.40
CA PHE A 64 -4.50 -2.82 -15.03
C PHE A 64 -3.57 -1.78 -14.40
N ARG A 65 -3.12 -0.86 -15.24
CA ARG A 65 -2.14 0.15 -14.86
C ARG A 65 -2.85 1.41 -14.40
N MET A 66 -2.27 2.09 -13.43
CA MET A 66 -2.86 3.30 -12.88
C MET A 66 -1.77 4.30 -12.50
N VAL A 67 -1.93 5.56 -12.89
CA VAL A 67 -0.93 6.59 -12.63
C VAL A 67 -1.51 7.68 -11.74
N VAL A 68 -0.87 7.90 -10.59
CA VAL A 68 -1.42 8.80 -9.59
C VAL A 68 -0.46 9.91 -9.20
N LYS A 69 -0.98 11.14 -9.16
CA LYS A 69 -0.23 12.29 -8.67
C LYS A 69 -0.77 12.69 -7.31
N VAL A 70 0.13 12.90 -6.37
CA VAL A 70 -0.25 13.19 -4.99
C VAL A 70 -0.57 14.68 -4.80
N VAL A 71 -1.87 14.98 -4.65
CA VAL A 71 -2.34 16.34 -4.41
C VAL A 71 -3.02 16.44 -3.04
N GLY A 72 -3.55 15.32 -2.56
CA GLY A 72 -4.28 15.29 -1.30
C GLY A 72 -4.19 13.92 -0.64
N LYS A 73 -4.94 13.72 0.44
CA LYS A 73 -4.82 12.53 1.27
C LYS A 73 -4.89 11.21 0.51
N THR A 74 -5.87 11.07 -0.38
CA THR A 74 -6.17 9.77 -0.96
C THR A 74 -5.09 9.27 -1.90
N THR A 75 -4.65 10.14 -2.81
CA THR A 75 -3.59 9.82 -3.74
C THR A 75 -2.27 9.59 -3.01
N HIS A 76 -2.04 10.41 -1.99
CA HIS A 76 -0.89 10.24 -1.10
C HIS A 76 -0.94 8.87 -0.45
N GLU A 77 -2.09 8.54 0.11
CA GLU A 77 -2.25 7.29 0.83
C GLU A 77 -2.02 6.12 -0.09
N LEU A 78 -2.55 6.20 -1.30
CA LEU A 78 -2.32 5.15 -2.27
C LEU A 78 -0.84 5.14 -2.67
N SER A 79 -0.22 6.31 -2.77
CA SER A 79 1.19 6.34 -3.10
C SER A 79 2.01 5.75 -1.96
N LEU A 80 1.50 5.85 -0.74
CA LEU A 80 2.16 5.26 0.42
C LEU A 80 1.85 3.77 0.57
N LYS A 81 0.79 3.31 -0.09
CA LYS A 81 0.43 1.90 -0.03
C LYS A 81 1.55 1.03 -0.60
N LYS A 82 2.04 0.09 0.21
CA LYS A 82 3.14 -0.79 -0.17
C LYS A 82 2.66 -1.90 -1.08
N GLU A 83 3.59 -2.53 -1.78
CA GLU A 83 3.25 -3.60 -2.70
C GLU A 83 2.74 -4.79 -1.89
N GLY A 84 1.50 -5.17 -2.15
CA GLY A 84 0.89 -6.30 -1.50
C GLY A 84 -0.32 -5.83 -0.70
N ASP A 85 -0.32 -4.56 -0.34
CA ASP A 85 -1.48 -3.95 0.30
C ASP A 85 -2.62 -3.96 -0.71
N THR A 86 -3.84 -4.11 -0.22
CA THR A 86 -5.00 -4.09 -1.09
C THR A 86 -5.70 -2.75 -1.02
N ILE A 87 -6.32 -2.38 -2.13
CA ILE A 87 -7.24 -1.27 -2.16
C ILE A 87 -8.60 -1.86 -1.82
N LEU A 88 -9.32 -1.24 -0.90
CA LEU A 88 -10.55 -1.84 -0.40
C LEU A 88 -11.57 -2.01 -1.52
N ASP A 89 -11.93 -0.90 -2.16
CA ASP A 89 -12.93 -0.90 -3.23
C ASP A 89 -12.37 -0.40 -4.57
N VAL A 90 -12.57 -1.20 -5.61
CA VAL A 90 -12.24 -0.82 -6.99
C VAL A 90 -13.47 -0.99 -7.88
N VAL A 91 -13.91 0.11 -8.48
CA VAL A 91 -15.11 0.10 -9.31
C VAL A 91 -14.77 0.51 -10.74
N GLY A 92 -15.04 -0.40 -11.69
CA GLY A 92 -14.84 -0.11 -13.10
C GLY A 92 -14.94 -1.32 -14.01
N PRO A 93 -14.66 -1.14 -15.31
CA PRO A 93 -14.28 0.13 -15.94
C PRO A 93 -15.45 1.11 -16.05
N LEU A 94 -15.20 2.40 -15.86
CA LEU A 94 -16.27 3.41 -15.94
C LEU A 94 -16.08 4.36 -17.13
N GLY A 95 -17.15 5.06 -17.49
CA GLY A 95 -17.12 6.05 -18.55
C GLY A 95 -17.33 5.50 -19.95
N ASN A 96 -17.48 6.42 -20.90
CA ASN A 96 -17.70 6.06 -22.30
C ASN A 96 -16.36 5.81 -22.99
N PRO A 97 -16.22 4.67 -23.67
CA PRO A 97 -14.95 4.40 -24.36
C PRO A 97 -14.61 5.42 -25.43
N SER A 98 -13.33 5.57 -25.74
CA SER A 98 -12.91 6.52 -26.76
C SER A 98 -13.39 6.05 -28.14
N GLU A 99 -13.41 6.97 -29.09
CA GLU A 99 -13.73 6.65 -30.48
C GLU A 99 -12.46 6.37 -31.28
N ILE A 100 -12.21 5.09 -31.56
CA ILE A 100 -10.98 4.65 -32.24
C ILE A 100 -11.31 4.03 -33.60
N GLU A 101 -10.49 4.35 -34.60
CA GLU A 101 -10.58 3.72 -35.92
C GLU A 101 -9.41 4.19 -36.76
N ASN A 102 -9.29 3.69 -37.99
CA ASN A 102 -8.19 4.06 -38.88
C ASN A 102 -8.46 5.40 -39.52
N TYR A 103 -7.72 6.42 -39.07
CA TYR A 103 -7.86 7.76 -39.60
C TYR A 103 -6.57 8.15 -40.32
N GLY A 104 -6.46 9.42 -40.66
CA GLY A 104 -5.28 9.96 -41.33
C GLY A 104 -4.13 10.12 -40.36
N ASN A 105 -3.49 11.29 -40.39
CA ASN A 105 -2.43 11.61 -39.45
C ASN A 105 -3.03 12.25 -38.21
N VAL A 106 -2.50 11.90 -37.04
CA VAL A 106 -3.10 12.32 -35.77
C VAL A 106 -2.08 13.01 -34.86
N LEU A 107 -2.55 14.04 -34.14
CA LEU A 107 -1.73 14.75 -33.17
C LEU A 107 -2.37 14.66 -31.81
N LEU A 108 -1.54 14.49 -30.79
CA LEU A 108 -2.01 14.35 -29.43
C LEU A 108 -1.21 15.27 -28.53
N VAL A 109 -1.79 15.63 -27.39
CA VAL A 109 -1.11 16.47 -26.42
C VAL A 109 -1.49 16.02 -25.02
N GLY A 110 -0.49 15.98 -24.13
CA GLY A 110 -0.71 15.57 -22.77
C GLY A 110 0.14 16.33 -21.79
N GLY A 111 -0.48 16.76 -20.70
CA GLY A 111 0.22 17.50 -19.66
C GLY A 111 -0.02 16.81 -18.33
N GLY A 112 0.93 17.01 -17.40
CA GLY A 112 0.88 16.34 -16.12
C GLY A 112 0.55 14.86 -16.24
N VAL A 113 -0.32 14.39 -15.36
CA VAL A 113 -0.74 12.98 -15.34
C VAL A 113 -1.63 12.58 -16.51
N GLY A 114 -2.34 13.55 -17.07
CA GLY A 114 -3.19 13.33 -18.24
C GLY A 114 -2.51 12.55 -19.34
N ILE A 115 -1.19 12.60 -19.35
CA ILE A 115 -0.39 11.89 -20.32
C ILE A 115 -0.68 10.41 -20.15
N ALA A 116 -0.65 9.95 -18.91
CA ALA A 116 -0.88 8.54 -18.62
C ALA A 116 -2.32 8.16 -18.99
N THR A 117 -3.23 9.10 -18.79
CA THR A 117 -4.61 8.92 -19.20
C THR A 117 -4.74 9.24 -20.70
N LEU A 118 -3.66 9.73 -21.31
CA LEU A 118 -3.62 10.01 -22.75
C LEU A 118 -3.06 8.81 -23.52
N TYR A 119 -2.12 8.11 -22.89
CA TYR A 119 -1.47 6.94 -23.49
C TYR A 119 -2.41 5.86 -24.02
N PRO A 120 -3.38 5.41 -23.21
CA PRO A 120 -4.18 4.26 -23.66
C PRO A 120 -4.96 4.53 -24.95
N ILE A 121 -5.38 5.78 -25.11
CA ILE A 121 -6.07 6.20 -26.32
C ILE A 121 -5.06 6.19 -27.46
N ALA A 122 -3.95 6.88 -27.23
CA ALA A 122 -2.83 6.92 -28.18
C ALA A 122 -2.44 5.52 -28.65
N LYS A 123 -2.34 4.60 -27.70
CA LYS A 123 -2.02 3.21 -28.02
C LYS A 123 -3.04 2.57 -28.95
N ALA A 124 -4.30 2.99 -28.85
CA ALA A 124 -5.36 2.30 -29.56
C ALA A 124 -5.44 2.78 -31.00
N LEU A 125 -5.15 4.06 -31.18
CA LEU A 125 -5.07 4.65 -32.49
C LEU A 125 -4.05 3.91 -33.35
N LYS A 126 -2.87 3.70 -32.78
CA LYS A 126 -1.78 3.09 -33.52
C LYS A 126 -2.13 1.67 -33.98
N GLU A 127 -2.74 0.87 -33.10
CA GLU A 127 -3.17 -0.47 -33.49
C GLU A 127 -4.43 -0.39 -34.38
N ALA A 128 -4.96 0.82 -34.53
CA ALA A 128 -6.08 1.04 -35.44
C ALA A 128 -5.56 1.43 -36.81
N GLY A 129 -4.27 1.77 -36.89
CA GLY A 129 -3.61 2.02 -38.16
C GLY A 129 -3.19 3.46 -38.40
N ASN A 130 -3.20 4.25 -37.33
CA ASN A 130 -2.91 5.67 -37.41
C ASN A 130 -1.41 5.94 -37.39
N ASN A 131 -1.01 7.13 -37.88
CA ASN A 131 0.35 7.63 -37.69
C ASN A 131 0.29 8.90 -36.87
N ILE A 132 0.91 8.85 -35.70
CA ILE A 132 0.69 9.86 -34.68
C ILE A 132 1.93 10.74 -34.51
N THR A 133 1.73 11.89 -33.88
CA THR A 133 2.82 12.71 -33.36
C THR A 133 2.35 13.26 -32.02
N THR A 134 3.25 13.37 -31.04
CA THR A 134 2.84 13.73 -29.69
C THR A 134 3.67 14.87 -29.08
N VAL A 135 2.99 15.69 -28.28
CA VAL A 135 3.59 16.83 -27.60
C VAL A 135 3.39 16.66 -26.11
N LEU A 136 4.49 16.74 -25.37
CA LEU A 136 4.43 16.55 -23.92
C LEU A 136 4.93 17.77 -23.16
N GLY A 137 4.19 18.12 -22.10
CA GLY A 137 4.48 19.29 -21.30
C GLY A 137 4.55 18.98 -19.81
N ALA A 138 5.20 19.85 -19.05
CA ALA A 138 5.42 19.63 -17.62
C ALA A 138 5.06 20.87 -16.83
N ARG A 139 5.00 20.71 -15.51
CA ARG A 139 4.55 21.76 -14.61
C ARG A 139 5.65 22.66 -14.04
N THR A 140 6.92 22.30 -14.26
CA THR A 140 8.01 23.18 -13.84
C THR A 140 9.37 22.81 -14.48
N LYS A 141 10.38 23.63 -14.18
CA LYS A 141 11.69 23.53 -14.83
C LYS A 141 12.45 22.24 -14.54
N ASP A 142 12.82 22.03 -13.27
CA ASP A 142 13.76 20.96 -12.93
C ASP A 142 13.03 19.67 -12.57
N TYR A 143 12.56 19.55 -11.33
CA TYR A 143 11.84 18.36 -10.90
C TYR A 143 10.44 18.33 -11.52
N LEU A 144 9.62 17.36 -11.13
CA LEU A 144 8.33 17.10 -11.77
C LEU A 144 8.57 16.93 -13.28
N ILE A 145 8.95 15.72 -13.66
CA ILE A 145 9.28 15.40 -15.04
C ILE A 145 8.13 14.69 -15.73
N MET A 146 8.44 14.01 -16.83
CA MET A 146 7.42 13.38 -17.65
C MET A 146 7.84 11.95 -18.01
N VAL A 147 6.90 11.16 -18.53
CA VAL A 147 7.18 9.77 -18.89
C VAL A 147 8.17 9.68 -20.04
N ASP A 148 9.36 9.20 -19.75
CA ASP A 148 10.45 9.16 -20.72
C ASP A 148 10.17 8.16 -21.84
N GLU A 149 9.88 6.93 -21.44
CA GLU A 149 9.89 5.78 -22.33
C GLU A 149 8.70 5.65 -23.29
N PHE A 150 7.49 5.61 -22.75
CA PHE A 150 6.34 5.03 -23.45
C PHE A 150 5.94 5.69 -24.78
N LYS A 151 5.99 7.02 -24.86
CA LYS A 151 5.50 7.72 -26.04
C LYS A 151 6.41 7.62 -27.26
N GLU A 152 7.70 7.81 -27.05
CA GLU A 152 8.67 7.77 -28.14
C GLU A 152 8.51 6.53 -29.00
N ILE A 153 8.08 5.44 -28.38
CA ILE A 153 7.85 4.17 -29.07
C ILE A 153 6.73 4.30 -30.10
N SER A 154 5.65 4.96 -29.69
CA SER A 154 4.46 5.10 -30.53
C SER A 154 4.64 6.04 -31.71
N ASP A 155 5.51 7.04 -31.56
CA ASP A 155 5.74 8.00 -32.62
C ASP A 155 6.89 8.96 -32.35
N VAL A 156 7.15 9.83 -33.31
CA VAL A 156 8.12 10.90 -33.15
C VAL A 156 7.68 11.80 -31.98
N LEU A 157 8.64 12.27 -31.21
CA LEU A 157 8.37 12.92 -29.92
C LEU A 157 8.59 14.43 -29.95
N LEU A 158 7.69 15.19 -29.33
CA LEU A 158 7.94 16.61 -29.09
C LEU A 158 7.83 16.96 -27.60
N VAL A 159 8.84 17.69 -27.12
CA VAL A 159 8.96 18.06 -25.71
C VAL A 159 8.75 19.57 -25.51
N THR A 160 8.05 19.93 -24.43
CA THR A 160 7.93 21.32 -24.02
C THR A 160 8.08 21.46 -22.52
N ASP A 161 9.24 21.91 -22.08
CA ASP A 161 9.50 22.10 -20.67
C ASP A 161 10.68 23.05 -20.47
N ASP A 162 10.63 23.83 -19.40
CA ASP A 162 11.76 24.69 -19.08
C ASP A 162 12.93 23.77 -18.76
N GLY A 163 13.68 23.41 -19.80
CA GLY A 163 14.71 22.41 -19.68
C GLY A 163 15.00 21.66 -20.97
N SER A 164 14.99 20.33 -20.87
CA SER A 164 15.59 19.48 -21.90
C SER A 164 14.70 19.03 -23.07
N ALA A 165 15.38 18.58 -24.12
CA ALA A 165 14.78 17.84 -25.23
C ALA A 165 13.71 18.57 -26.06
N GLY A 166 13.46 19.85 -25.79
CA GLY A 166 12.45 20.55 -26.54
C GLY A 166 12.30 22.01 -26.17
N MET A 167 11.15 22.58 -26.54
CA MET A 167 10.89 24.00 -26.32
C MET A 167 10.73 24.30 -24.83
N LYS A 168 10.11 25.44 -24.51
CA LYS A 168 10.10 25.94 -23.15
C LYS A 168 8.71 26.37 -22.66
N GLY A 169 8.04 27.20 -23.47
CA GLY A 169 6.81 27.84 -23.05
C GLY A 169 5.67 26.92 -22.71
N VAL A 170 4.87 26.57 -23.71
CA VAL A 170 3.65 25.82 -23.49
C VAL A 170 3.37 24.87 -24.64
N VAL A 171 2.48 23.91 -24.40
CA VAL A 171 2.12 22.91 -25.40
C VAL A 171 1.44 23.54 -26.61
N THR A 172 0.81 24.70 -26.41
CA THR A 172 0.14 25.40 -27.49
C THR A 172 1.15 26.12 -28.39
N ASP A 173 2.35 26.35 -27.88
CA ASP A 173 3.44 26.90 -28.68
C ASP A 173 4.01 25.81 -29.57
N ALA A 174 3.94 24.57 -29.09
CA ALA A 174 4.40 23.41 -29.85
C ALA A 174 3.43 23.11 -30.96
N MET A 175 2.14 23.20 -30.62
CA MET A 175 1.11 23.33 -31.64
C MET A 175 1.34 24.70 -32.23
N ASP A 176 0.90 24.93 -33.45
CA ASP A 176 1.18 26.18 -34.15
C ASP A 176 2.63 26.22 -34.63
N LYS A 177 3.50 25.41 -34.01
CA LYS A 177 4.83 25.21 -34.53
C LYS A 177 4.79 24.03 -35.48
N LEU A 178 3.60 23.49 -35.69
CA LEU A 178 3.36 22.62 -36.82
C LEU A 178 2.77 23.44 -37.96
N PHE A 179 2.85 24.76 -37.81
CA PHE A 179 2.50 25.67 -38.89
C PHE A 179 3.11 25.15 -40.17
N ARG A 180 4.31 24.63 -40.06
CA ARG A 180 4.99 24.05 -41.21
C ARG A 180 4.19 22.87 -41.71
N GLU A 181 3.96 21.90 -40.84
CA GLU A 181 3.31 20.66 -41.22
C GLU A 181 1.82 20.90 -41.38
N ARG A 182 1.24 21.46 -40.32
CA ARG A 182 -0.18 21.80 -40.25
C ARG A 182 -1.06 20.54 -40.17
N LYS A 183 -0.57 19.40 -40.68
CA LYS A 183 -1.23 18.12 -40.45
C LYS A 183 -2.69 18.15 -40.91
N PHE A 184 -3.45 17.13 -40.53
CA PHE A 184 -4.90 17.16 -40.75
C PHE A 184 -5.63 16.13 -39.89
N ASP A 185 -6.96 16.06 -40.07
CA ASP A 185 -7.89 15.17 -39.36
C ASP A 185 -8.22 15.62 -37.93
N ILE A 186 -7.76 14.90 -36.90
CA ILE A 186 -8.25 15.15 -35.52
C ILE A 186 -7.16 15.57 -34.56
N CYS A 187 -7.59 16.03 -33.38
CA CYS A 187 -6.68 16.30 -32.27
C CYS A 187 -7.18 15.76 -30.93
N TRP A 188 -6.28 15.76 -29.94
CA TRP A 188 -6.59 15.30 -28.59
C TRP A 188 -5.80 16.14 -27.59
N ALA A 189 -6.47 16.63 -26.54
CA ALA A 189 -5.80 17.35 -25.46
C ALA A 189 -6.24 16.88 -24.06
N VAL A 190 -5.30 16.39 -23.27
CA VAL A 190 -5.57 15.90 -21.90
C VAL A 190 -4.57 16.47 -20.90
N GLY A 191 -5.09 16.99 -19.79
CA GLY A 191 -4.25 17.58 -18.76
C GLY A 191 -5.10 18.49 -17.89
N PRO A 192 -4.47 19.43 -17.17
CA PRO A 192 -5.25 20.41 -16.43
C PRO A 192 -6.26 21.08 -17.36
N THR A 193 -7.39 21.50 -16.81
CA THR A 193 -8.48 22.03 -17.63
C THR A 193 -8.01 23.16 -18.52
N ILE A 194 -7.24 24.07 -17.94
CA ILE A 194 -6.71 25.24 -18.66
C ILE A 194 -6.00 24.83 -19.94
N MET A 195 -5.15 23.81 -19.85
CA MET A 195 -4.37 23.37 -20.98
C MET A 195 -5.29 22.89 -22.10
N MET A 196 -6.20 21.99 -21.75
CA MET A 196 -7.13 21.41 -22.72
C MET A 196 -7.96 22.49 -23.38
N LYS A 197 -8.39 23.44 -22.57
CA LYS A 197 -9.10 24.62 -23.08
C LYS A 197 -8.27 25.31 -24.15
N PHE A 198 -7.06 25.72 -23.80
CA PHE A 198 -6.27 26.46 -24.78
C PHE A 198 -5.89 25.59 -26.00
N CYS A 199 -5.77 24.29 -25.79
CA CYS A 199 -5.63 23.38 -26.91
C CYS A 199 -6.84 23.52 -27.81
N THR A 200 -8.03 23.58 -27.21
CA THR A 200 -9.23 23.86 -28.00
C THR A 200 -9.04 25.18 -28.72
N LEU A 201 -8.69 26.22 -27.98
CA LEU A 201 -8.52 27.54 -28.58
C LEU A 201 -7.51 27.49 -29.71
N LYS A 202 -6.65 26.48 -29.72
CA LYS A 202 -5.78 26.25 -30.86
C LYS A 202 -6.50 25.39 -31.90
N ALA A 203 -7.81 25.56 -31.97
CA ALA A 203 -8.55 25.21 -33.18
C ALA A 203 -8.43 26.38 -34.12
N ARG A 204 -7.82 27.46 -33.63
CA ARG A 204 -7.67 28.69 -34.40
C ARG A 204 -6.56 28.59 -35.44
N GLU A 205 -5.44 27.99 -35.04
CA GLU A 205 -4.25 27.96 -35.88
C GLU A 205 -4.39 27.04 -37.08
N PHE A 206 -4.83 25.82 -36.83
CA PHE A 206 -4.89 24.81 -37.88
C PHE A 206 -6.33 24.53 -38.32
N GLY A 207 -7.29 25.18 -37.66
CA GLY A 207 -8.70 24.92 -37.95
C GLY A 207 -8.97 23.45 -37.72
N VAL A 208 -8.54 22.97 -36.56
CA VAL A 208 -8.51 21.55 -36.27
C VAL A 208 -9.59 21.18 -35.25
N PRO A 209 -10.19 19.98 -35.39
CA PRO A 209 -11.11 19.46 -34.37
C PRO A 209 -10.42 18.77 -33.18
N ILE A 210 -10.66 19.29 -31.98
CA ILE A 210 -9.94 18.86 -30.80
C ILE A 210 -10.83 18.05 -29.87
N TRP A 211 -10.45 16.79 -29.66
CA TRP A 211 -11.04 15.98 -28.63
C TRP A 211 -10.37 16.26 -27.29
N VAL A 212 -11.14 16.05 -26.22
CA VAL A 212 -10.71 16.39 -24.88
C VAL A 212 -11.24 15.38 -23.86
N SER A 213 -10.44 15.11 -22.84
CA SER A 213 -10.87 14.28 -21.71
C SER A 213 -11.00 15.15 -20.46
N LEU A 214 -12.22 15.25 -19.94
CA LEU A 214 -12.51 16.18 -18.86
C LEU A 214 -12.30 15.55 -17.49
N ASN A 215 -12.06 16.39 -16.48
CA ASN A 215 -11.71 15.93 -15.14
C ASN A 215 -12.43 16.61 -13.97
N PRO A 216 -13.76 16.46 -13.86
CA PRO A 216 -14.51 17.09 -12.76
C PRO A 216 -14.61 16.26 -11.48
N ILE A 217 -15.16 16.86 -10.43
CA ILE A 217 -15.32 16.17 -9.14
C ILE A 217 -16.34 15.06 -9.29
N MET A 218 -15.92 13.84 -8.96
CA MET A 218 -16.77 12.67 -9.04
C MET A 218 -16.93 12.02 -7.67
N VAL A 219 -18.09 11.39 -7.49
CA VAL A 219 -18.45 10.72 -6.25
C VAL A 219 -18.79 9.26 -6.55
N ASP A 220 -19.92 9.06 -7.20
CA ASP A 220 -20.36 7.74 -7.65
C ASP A 220 -19.64 7.27 -8.93
N GLY A 221 -19.59 8.13 -9.94
CA GLY A 221 -18.99 7.76 -11.21
C GLY A 221 -19.85 6.80 -12.02
N THR A 222 -21.08 6.59 -11.56
CA THR A 222 -22.05 5.70 -12.22
C THR A 222 -23.24 6.46 -12.82
N GLY A 223 -23.37 7.75 -12.50
CA GLY A 223 -24.40 8.59 -13.11
C GLY A 223 -25.62 8.78 -12.23
N MET A 224 -25.46 8.62 -10.93
CA MET A 224 -26.58 8.57 -10.01
C MET A 224 -26.73 9.88 -9.24
N CYS A 225 -25.79 10.80 -9.38
CA CYS A 225 -25.81 12.04 -8.60
C CYS A 225 -25.61 13.32 -9.43
N GLY A 226 -24.59 13.36 -10.27
CA GLY A 226 -24.35 14.52 -11.11
C GLY A 226 -23.39 15.55 -10.54
N ALA A 227 -22.48 15.13 -9.68
CA ALA A 227 -21.42 16.01 -9.18
C ALA A 227 -20.53 16.44 -10.35
N CYS A 228 -20.35 15.50 -11.25
CA CYS A 228 -19.47 15.63 -12.39
C CYS A 228 -20.12 16.37 -13.57
N ARG A 229 -21.06 17.25 -13.28
CA ARG A 229 -21.81 17.96 -14.32
C ARG A 229 -20.90 18.60 -15.37
N VAL A 230 -21.37 18.61 -16.63
CA VAL A 230 -20.64 19.25 -17.74
C VAL A 230 -21.62 19.91 -18.72
N THR A 231 -21.32 21.11 -19.18
CA THR A 231 -22.11 21.73 -20.26
C THR A 231 -21.44 21.48 -21.61
N VAL A 232 -22.13 20.73 -22.48
CA VAL A 232 -21.62 20.44 -23.83
C VAL A 232 -22.52 21.09 -24.87
N SER A 233 -21.90 21.84 -25.78
CA SER A 233 -22.61 22.63 -26.77
C SER A 233 -23.56 23.58 -26.06
N GLY A 234 -24.63 23.04 -25.49
CA GLY A 234 -25.51 23.81 -24.64
C GLY A 234 -26.15 23.00 -23.53
N GLN A 235 -26.09 21.68 -23.66
CA GLN A 235 -26.85 20.78 -22.80
C GLN A 235 -25.99 20.16 -21.70
N ILE A 236 -26.62 19.92 -20.55
CA ILE A 236 -25.95 19.28 -19.42
C ILE A 236 -25.66 17.82 -19.76
N LYS A 237 -24.44 17.41 -19.44
CA LYS A 237 -23.97 16.07 -19.68
C LYS A 237 -23.28 15.63 -18.41
N PHE A 238 -23.27 14.33 -18.16
CA PHE A 238 -22.54 13.74 -17.05
C PHE A 238 -21.27 13.13 -17.58
N ALA A 239 -20.14 13.60 -17.06
CA ALA A 239 -18.83 13.20 -17.56
C ALA A 239 -18.52 11.74 -17.30
N CYS A 240 -19.15 11.16 -16.27
CA CYS A 240 -18.94 9.75 -15.94
C CYS A 240 -19.74 8.81 -16.84
N VAL A 241 -20.77 9.34 -17.49
CA VAL A 241 -21.68 8.55 -18.32
C VAL A 241 -21.56 8.93 -19.79
N ASP A 242 -21.71 10.22 -20.06
CA ASP A 242 -21.64 10.74 -21.40
C ASP A 242 -20.21 10.96 -21.85
N GLY A 243 -19.30 11.03 -20.88
CA GLY A 243 -17.90 11.27 -21.16
C GLY A 243 -16.98 10.14 -20.71
N PRO A 244 -15.78 10.49 -20.22
CA PRO A 244 -15.21 11.83 -19.99
C PRO A 244 -14.80 12.56 -21.27
N GLU A 245 -14.72 11.85 -22.40
CA GLU A 245 -14.24 12.46 -23.63
C GLU A 245 -15.31 13.26 -24.39
N PHE A 246 -15.01 14.53 -24.64
CA PHE A 246 -15.89 15.38 -25.44
C PHE A 246 -15.09 16.19 -26.45
N ARG A 247 -15.80 16.93 -27.28
CA ARG A 247 -15.20 17.85 -28.24
C ARG A 247 -14.97 19.21 -27.61
N GLY A 248 -13.71 19.64 -27.57
CA GLY A 248 -13.33 20.85 -26.86
C GLY A 248 -14.11 22.09 -27.27
N GLU A 249 -14.57 22.10 -28.51
CA GLU A 249 -15.31 23.23 -29.06
C GLU A 249 -16.64 23.39 -28.34
N GLU A 250 -17.17 22.28 -27.86
CA GLU A 250 -18.49 22.24 -27.24
C GLU A 250 -18.46 22.47 -25.73
N VAL A 251 -17.33 22.10 -25.12
CA VAL A 251 -17.17 22.14 -23.67
C VAL A 251 -17.13 23.56 -23.10
N ASP A 252 -17.99 23.82 -22.10
CA ASP A 252 -17.84 25.01 -21.29
C ASP A 252 -16.63 24.80 -20.38
N TRP A 253 -15.60 25.61 -20.56
CA TRP A 253 -14.31 25.40 -19.89
C TRP A 253 -14.12 26.19 -18.60
N ASP A 254 -14.70 27.39 -18.57
CA ASP A 254 -14.60 28.25 -17.40
C ASP A 254 -15.50 27.70 -16.30
N GLU A 255 -16.66 27.20 -16.72
CA GLU A 255 -17.61 26.58 -15.83
C GLU A 255 -17.00 25.40 -15.09
N LEU A 256 -16.16 24.65 -15.79
CA LEU A 256 -15.56 23.43 -15.24
C LEU A 256 -14.59 23.76 -14.09
N LEU A 257 -13.54 24.51 -14.38
CA LEU A 257 -12.56 24.83 -13.34
C LEU A 257 -13.17 25.75 -12.30
N LYS A 258 -14.23 26.49 -12.67
CA LYS A 258 -14.97 27.25 -11.65
C LYS A 258 -15.73 26.28 -10.74
N ARG A 259 -15.82 25.03 -11.15
CA ARG A 259 -16.52 24.03 -10.37
C ARG A 259 -15.54 23.06 -9.74
N LEU A 260 -14.34 22.96 -10.30
CA LEU A 260 -13.32 22.10 -9.70
C LEU A 260 -12.78 22.69 -8.40
N ALA A 261 -12.90 24.01 -8.26
CA ALA A 261 -12.46 24.68 -7.04
C ALA A 261 -13.61 24.76 -6.03
N GLN A 262 -14.56 23.83 -6.13
CA GLN A 262 -15.75 23.85 -5.29
C GLN A 262 -15.47 23.47 -3.84
N TYR A 263 -14.61 22.45 -3.63
CA TYR A 263 -14.20 22.06 -2.29
C TYR A 263 -12.75 22.48 -2.05
N ARG A 264 -12.59 23.72 -1.59
CA ARG A 264 -11.27 24.23 -1.24
C ARG A 264 -10.89 23.80 0.15
N GLU A 265 -11.63 22.83 0.68
CA GLU A 265 -11.18 22.06 1.83
C GLU A 265 -10.48 20.86 1.21
N GLN A 266 -10.06 19.93 2.05
CA GLN A 266 -9.13 18.84 1.70
C GLN A 266 -7.74 19.43 1.71
N GLU A 267 -7.71 20.75 1.73
CA GLU A 267 -6.72 21.48 2.48
C GLU A 267 -6.54 20.74 3.80
N LYS A 268 -7.66 20.54 4.50
CA LYS A 268 -7.68 19.89 5.80
C LYS A 268 -7.26 18.41 5.85
N ILE A 269 -7.85 17.59 4.98
CA ILE A 269 -7.65 16.14 5.08
C ILE A 269 -6.19 15.84 4.73
N SER A 270 -5.67 16.61 3.78
CA SER A 270 -4.29 16.47 3.37
C SER A 270 -3.33 16.80 4.51
N TYR A 271 -3.56 17.92 5.18
CA TYR A 271 -2.75 18.27 6.34
C TYR A 271 -2.83 17.20 7.43
N GLU A 272 -4.03 16.80 7.82
CA GLU A 272 -4.14 15.82 8.89
C GLU A 272 -3.38 14.56 8.49
N ARG A 273 -3.49 14.16 7.23
CA ARG A 273 -2.73 12.99 6.78
C ARG A 273 -1.21 13.14 6.93
N PHE A 274 -0.67 14.30 6.56
CA PHE A 274 0.78 14.46 6.39
C PHE A 274 1.61 14.48 7.67
N LEU A 275 1.03 14.04 8.79
CA LEU A 275 1.77 13.84 10.02
C LEU A 275 2.40 12.44 10.10
N LYS A 276 3.61 12.35 10.64
CA LYS A 276 4.31 11.06 10.80
C LYS A 276 3.62 10.22 11.87
N MET B 1 -62.96 13.44 25.89
CA MET B 1 -63.51 13.40 24.50
C MET B 1 -62.50 12.82 23.53
N LYS B 2 -61.21 12.94 23.87
CA LYS B 2 -60.14 12.51 22.98
C LYS B 2 -59.65 11.09 23.28
N ASN B 3 -59.05 10.47 22.26
CA ASN B 3 -58.46 9.15 22.35
C ASN B 3 -57.22 9.18 21.48
N ARG B 4 -56.05 9.31 22.10
CA ARG B 4 -54.80 9.50 21.38
C ARG B 4 -53.93 8.24 21.31
N LYS B 5 -52.95 8.28 20.42
CA LYS B 5 -51.87 7.28 20.34
C LYS B 5 -51.00 7.36 21.58
N THR B 6 -50.55 6.21 22.08
CA THR B 6 -49.61 6.20 23.21
C THR B 6 -48.30 6.88 22.80
N PRO B 7 -47.95 7.99 23.47
CA PRO B 7 -46.73 8.70 23.07
C PRO B 7 -45.44 7.90 23.29
N MET B 8 -44.50 8.11 22.37
CA MET B 8 -43.20 7.45 22.37
C MET B 8 -42.08 8.39 22.77
N LYS B 9 -41.04 7.83 23.39
CA LYS B 9 -39.85 8.60 23.70
C LYS B 9 -39.22 9.11 22.40
N GLU B 10 -38.91 10.40 22.36
CA GLU B 10 -38.18 10.97 21.24
C GLU B 10 -37.03 11.82 21.73
N GLN B 11 -36.04 11.98 20.87
CA GLN B 11 -34.91 12.87 21.17
C GLN B 11 -35.42 14.28 21.40
N SER B 12 -34.72 15.03 22.24
CA SER B 12 -35.08 16.40 22.50
C SER B 12 -34.76 17.25 21.26
N PRO B 13 -35.67 18.16 20.88
CA PRO B 13 -35.46 18.94 19.65
C PRO B 13 -34.17 19.77 19.63
N GLU B 14 -33.83 20.42 20.74
CA GLU B 14 -32.66 21.29 20.78
C GLU B 14 -31.37 20.48 20.62
N SER B 15 -31.35 19.28 21.19
CA SER B 15 -30.17 18.45 21.12
C SER B 15 -30.11 17.65 19.82
N ARG B 16 -31.27 17.21 19.34
CA ARG B 16 -31.31 16.35 18.15
C ARG B 16 -31.14 17.14 16.85
N ARG B 17 -31.22 18.47 16.95
CA ARG B 17 -31.06 19.33 15.78
C ARG B 17 -29.66 19.20 15.18
N ARG B 18 -28.69 18.77 16.00
CA ARG B 18 -27.29 18.76 15.59
C ARG B 18 -26.73 17.40 15.19
N ASN B 19 -27.48 16.33 15.42
CA ASN B 19 -26.94 14.97 15.24
C ASN B 19 -27.80 14.10 14.34
N PHE B 20 -27.21 12.99 13.89
CA PHE B 20 -27.87 12.07 12.96
C PHE B 20 -28.44 10.81 13.62
N GLU B 21 -28.47 10.79 14.95
CA GLU B 21 -29.01 9.66 15.68
C GLU B 21 -30.50 9.56 15.43
N GLU B 22 -31.07 8.37 15.61
CA GLU B 22 -32.49 8.15 15.33
C GLU B 22 -33.36 9.05 16.21
N VAL B 23 -34.39 9.65 15.60
CA VAL B 23 -35.21 10.64 16.29
C VAL B 23 -36.36 10.00 17.05
N ALA B 24 -37.04 9.05 16.39
CA ALA B 24 -38.05 8.24 17.03
C ALA B 24 -37.35 7.08 17.72
N LEU B 25 -37.40 7.03 19.05
CA LEU B 25 -36.56 6.10 19.82
C LEU B 25 -37.18 4.72 20.00
N GLY B 26 -38.49 4.61 19.80
CA GLY B 26 -39.14 3.32 19.89
C GLY B 26 -39.83 3.08 21.21
N TYR B 27 -40.83 2.22 21.18
CA TYR B 27 -41.60 1.84 22.37
C TYR B 27 -40.80 1.01 23.36
N THR B 28 -41.13 1.17 24.63
CA THR B 28 -40.76 0.19 25.65
C THR B 28 -41.75 -0.94 25.52
N LEU B 29 -41.51 -2.05 26.18
CA LEU B 29 -42.44 -3.16 26.14
C LEU B 29 -43.80 -2.75 26.71
N GLU B 30 -43.80 -2.07 27.85
CA GLU B 30 -45.06 -1.72 28.48
C GLU B 30 -45.84 -0.71 27.62
N GLU B 31 -45.14 0.23 26.99
CA GLU B 31 -45.78 1.21 26.11
C GLU B 31 -46.40 0.50 24.92
N ALA B 32 -45.65 -0.43 24.34
CA ALA B 32 -46.15 -1.23 23.22
C ALA B 32 -47.38 -2.04 23.61
N LEU B 33 -47.31 -2.68 24.77
CA LEU B 33 -48.43 -3.46 25.26
C LEU B 33 -49.64 -2.56 25.55
N GLU B 34 -49.37 -1.37 26.07
CA GLU B 34 -50.43 -0.40 26.36
C GLU B 34 -51.10 0.08 25.07
N GLU B 35 -50.30 0.28 24.02
CA GLU B 35 -50.86 0.65 22.72
C GLU B 35 -51.63 -0.51 22.11
N ALA B 36 -51.11 -1.72 22.23
CA ALA B 36 -51.74 -2.88 21.63
C ALA B 36 -53.14 -3.14 22.17
N GLN B 37 -53.44 -2.55 23.33
CA GLN B 37 -54.74 -2.70 23.96
C GLN B 37 -55.82 -1.82 23.31
N ARG B 38 -55.38 -0.80 22.58
CA ARG B 38 -56.30 0.11 21.91
C ARG B 38 -56.94 -0.50 20.68
N CYS B 39 -56.30 -1.54 20.14
CA CYS B 39 -56.88 -2.28 19.03
C CYS B 39 -58.10 -3.04 19.47
N LEU B 40 -59.22 -2.79 18.78
CA LEU B 40 -60.51 -3.35 19.16
C LEU B 40 -60.76 -4.72 18.56
N GLN B 41 -59.78 -5.24 17.82
CA GLN B 41 -59.91 -6.56 17.21
C GLN B 41 -61.13 -6.67 16.31
N CYS B 42 -61.25 -5.76 15.35
CA CYS B 42 -62.38 -5.72 14.42
C CYS B 42 -62.41 -6.98 13.54
N PRO B 43 -63.56 -7.69 13.49
CA PRO B 43 -63.60 -8.90 12.68
C PRO B 43 -63.32 -8.64 11.20
N THR B 44 -63.73 -7.48 10.72
CA THR B 44 -63.57 -7.10 9.31
C THR B 44 -62.23 -6.37 9.04
N HIS B 45 -61.53 -6.02 10.12
CA HIS B 45 -60.18 -5.48 10.11
C HIS B 45 -59.83 -4.61 8.89
N PRO B 46 -60.41 -3.40 8.83
CA PRO B 46 -60.20 -2.53 7.67
C PRO B 46 -58.75 -2.09 7.55
N CYS B 47 -58.07 -2.04 8.69
CA CYS B 47 -56.66 -1.71 8.75
C CYS B 47 -55.87 -2.46 7.67
N VAL B 48 -56.18 -3.75 7.53
CA VAL B 48 -55.43 -4.63 6.65
C VAL B 48 -55.56 -4.17 5.20
N SER B 49 -56.65 -3.49 4.88
CA SER B 49 -56.89 -3.07 3.51
C SER B 49 -56.00 -1.90 3.15
N GLY B 50 -55.45 -1.25 4.16
CA GLY B 50 -54.57 -0.10 3.94
C GLY B 50 -53.11 -0.50 3.85
N CYS B 51 -52.80 -1.78 4.14
CA CYS B 51 -51.45 -2.29 3.99
C CYS B 51 -51.25 -2.93 2.61
N PRO B 52 -50.27 -2.46 1.83
CA PRO B 52 -50.04 -2.99 0.49
C PRO B 52 -49.79 -4.51 0.42
N VAL B 53 -49.15 -5.10 1.42
CA VAL B 53 -48.88 -6.54 1.40
C VAL B 53 -49.84 -7.28 2.34
N GLU B 54 -50.77 -6.53 2.93
CA GLU B 54 -51.88 -7.10 3.66
C GLU B 54 -51.39 -7.93 4.85
N ILE B 55 -50.67 -7.28 5.76
CA ILE B 55 -50.19 -7.90 6.99
C ILE B 55 -51.36 -8.20 7.91
N ASP B 56 -51.34 -9.37 8.52
CA ASP B 56 -52.36 -9.75 9.48
C ASP B 56 -52.18 -8.92 10.74
N ILE B 57 -52.69 -7.70 10.72
CA ILE B 57 -52.40 -6.71 11.77
C ILE B 57 -52.92 -7.10 13.17
N PRO B 58 -54.24 -7.31 13.30
CA PRO B 58 -54.78 -7.62 14.62
C PRO B 58 -54.20 -8.92 15.20
N GLY B 59 -53.68 -9.77 14.33
CA GLY B 59 -53.07 -11.02 14.74
C GLY B 59 -51.79 -10.79 15.51
N PHE B 60 -50.85 -10.06 14.91
CA PHE B 60 -49.58 -9.85 15.57
C PHE B 60 -49.78 -8.90 16.73
N ILE B 61 -50.78 -8.03 16.64
CA ILE B 61 -51.14 -7.22 17.81
C ILE B 61 -51.66 -8.12 18.95
N ARG B 62 -52.51 -9.09 18.60
CA ARG B 62 -53.07 -10.03 19.56
C ARG B 62 -51.98 -10.84 20.26
N LYS B 63 -51.15 -11.50 19.48
CA LYS B 63 -50.08 -12.31 20.06
C LYS B 63 -49.11 -11.42 20.84
N LEU B 64 -48.91 -10.17 20.41
CA LEU B 64 -48.17 -9.25 21.26
C LEU B 64 -48.87 -9.05 22.60
N ARG B 65 -50.19 -8.80 22.57
CA ARG B 65 -50.95 -8.57 23.80
C ARG B 65 -50.76 -9.75 24.73
N ASP B 66 -50.73 -10.95 24.15
CA ASP B 66 -50.65 -12.20 24.90
C ASP B 66 -49.25 -12.49 25.47
N GLY B 67 -48.25 -11.72 25.02
CA GLY B 67 -46.89 -11.92 25.49
C GLY B 67 -46.11 -12.93 24.68
N LYS B 68 -46.71 -13.41 23.61
CA LYS B 68 -46.09 -14.37 22.70
C LYS B 68 -45.37 -13.61 21.58
N LEU B 69 -44.26 -12.97 21.93
CA LEU B 69 -43.59 -12.01 21.05
C LEU B 69 -42.96 -12.63 19.80
N GLU B 70 -42.44 -13.84 19.93
CA GLU B 70 -41.88 -14.46 18.74
C GLU B 70 -43.01 -14.77 17.79
N GLU B 71 -44.13 -15.25 18.33
CA GLU B 71 -45.29 -15.58 17.51
C GLU B 71 -45.76 -14.34 16.74
N SER B 72 -45.72 -13.20 17.42
CA SER B 72 -45.99 -11.90 16.80
C SER B 72 -45.02 -11.63 15.65
N TYR B 73 -43.73 -11.78 15.92
CA TYR B 73 -42.70 -11.58 14.89
C TYR B 73 -42.90 -12.54 13.71
N ARG B 74 -43.27 -13.79 14.01
CA ARG B 74 -43.46 -14.82 12.99
C ARG B 74 -44.64 -14.48 12.11
N ILE B 75 -45.70 -13.99 12.73
CA ILE B 75 -46.85 -13.47 12.01
C ILE B 75 -46.44 -12.30 11.09
N LEU B 76 -45.75 -11.30 11.63
CA LEU B 76 -45.26 -10.22 10.78
C LEU B 76 -44.40 -10.70 9.60
N LYS B 77 -43.41 -11.52 9.89
CA LYS B 77 -42.41 -11.87 8.88
C LYS B 77 -42.92 -12.72 7.72
N SER B 78 -44.03 -13.42 7.93
CA SER B 78 -44.62 -14.21 6.85
C SER B 78 -45.22 -13.31 5.78
N TYR B 79 -45.33 -12.02 6.08
CA TYR B 79 -45.84 -11.03 5.12
C TYR B 79 -44.74 -10.06 4.71
N ASN B 80 -44.05 -9.51 5.69
CA ASN B 80 -43.11 -8.42 5.44
C ASN B 80 -41.69 -8.86 5.71
N ASN B 81 -40.84 -8.74 4.69
CA ASN B 81 -39.46 -9.14 4.80
C ASN B 81 -38.67 -8.14 5.63
N LEU B 82 -39.13 -6.89 5.64
CA LEU B 82 -38.39 -5.76 6.21
C LEU B 82 -39.20 -4.96 7.22
N PRO B 83 -39.74 -5.63 8.25
CA PRO B 83 -40.65 -4.95 9.16
C PRO B 83 -40.03 -3.79 9.93
N ALA B 84 -38.81 -3.94 10.42
CA ALA B 84 -38.15 -2.87 11.16
C ALA B 84 -37.94 -1.65 10.28
N VAL B 85 -37.92 -1.87 8.97
CA VAL B 85 -37.76 -0.79 8.01
C VAL B 85 -39.12 -0.13 7.76
N CYS B 86 -40.08 -0.96 7.41
CA CYS B 86 -41.40 -0.47 7.07
C CYS B 86 -42.14 0.20 8.22
N GLY B 87 -42.12 -0.40 9.41
CA GLY B 87 -42.72 0.23 10.57
C GLY B 87 -42.11 1.60 10.86
N ARG B 88 -40.87 1.79 10.43
CA ARG B 88 -40.20 3.08 10.55
C ARG B 88 -40.56 4.03 9.41
N VAL B 89 -40.57 3.56 8.17
CA VAL B 89 -40.71 4.47 7.02
C VAL B 89 -42.09 4.49 6.35
N CYS B 90 -42.90 3.45 6.51
CA CYS B 90 -44.24 3.49 5.90
C CYS B 90 -45.00 4.75 6.32
N PRO B 91 -45.65 5.43 5.35
CA PRO B 91 -46.55 6.53 5.70
C PRO B 91 -47.92 6.01 6.11
N GLN B 92 -48.02 5.52 7.33
CA GLN B 92 -49.26 4.89 7.81
C GLN B 92 -50.46 5.82 7.68
N GLU B 93 -50.19 7.12 7.58
CA GLU B 93 -51.25 8.11 7.49
C GLU B 93 -51.99 8.05 6.15
N VAL B 94 -51.35 7.43 5.15
CA VAL B 94 -52.00 7.16 3.86
C VAL B 94 -52.09 5.66 3.61
N GLN B 95 -51.81 4.85 4.63
CA GLN B 95 -51.85 3.40 4.49
C GLN B 95 -52.66 2.71 5.59
N CYS B 96 -52.04 1.81 6.34
CA CYS B 96 -52.78 0.95 7.26
C CYS B 96 -53.60 1.73 8.29
N GLU B 97 -52.98 2.72 8.92
CA GLU B 97 -53.62 3.44 10.02
C GLU B 97 -54.69 4.43 9.56
N SER B 98 -54.78 4.65 8.25
CA SER B 98 -55.83 5.53 7.70
C SER B 98 -57.17 4.81 7.59
N ARG B 99 -57.15 3.48 7.76
CA ARG B 99 -58.37 2.67 7.70
C ARG B 99 -58.78 2.19 9.09
N CYS B 100 -57.98 2.54 10.09
CA CYS B 100 -58.21 2.06 11.44
C CYS B 100 -59.46 2.70 12.06
N VAL B 101 -60.34 1.83 12.54
CA VAL B 101 -61.62 2.22 13.13
C VAL B 101 -61.52 3.19 14.31
N VAL B 102 -60.57 2.96 15.22
CA VAL B 102 -60.48 3.80 16.42
C VAL B 102 -60.25 5.26 16.04
N GLY B 103 -59.77 5.49 14.82
CA GLY B 103 -59.58 6.84 14.33
C GLY B 103 -60.88 7.44 13.78
N LYS B 104 -61.86 6.59 13.49
CA LYS B 104 -63.14 7.03 12.97
C LYS B 104 -63.90 7.79 14.04
N MET B 105 -63.57 7.51 15.29
CA MET B 105 -64.17 8.21 16.42
C MET B 105 -63.84 9.71 16.32
N LYS B 106 -64.70 10.54 16.89
CA LYS B 106 -64.46 11.98 16.87
C LYS B 106 -63.29 12.33 17.79
N ASP B 107 -62.41 13.20 17.31
CA ASP B 107 -61.24 13.63 18.07
C ASP B 107 -60.42 12.44 18.58
N SER B 108 -60.19 11.47 17.71
CA SER B 108 -59.57 10.21 18.11
C SER B 108 -58.54 9.74 17.09
N GLU B 109 -57.39 9.30 17.58
CA GLU B 109 -56.29 8.87 16.72
C GLU B 109 -56.31 7.36 16.49
N PRO B 110 -55.85 6.93 15.30
CA PRO B 110 -55.84 5.49 15.01
C PRO B 110 -54.83 4.70 15.85
N VAL B 111 -54.95 3.38 15.81
CA VAL B 111 -53.96 2.50 16.43
C VAL B 111 -52.60 2.69 15.76
N ALA B 112 -51.55 2.67 16.56
CA ALA B 112 -50.21 2.90 16.07
C ALA B 112 -49.55 1.62 15.59
N ILE B 113 -50.12 1.08 14.53
CA ILE B 113 -49.67 -0.17 13.92
C ILE B 113 -48.19 -0.17 13.54
N GLY B 114 -47.69 0.96 13.02
CA GLY B 114 -46.32 1.05 12.56
C GLY B 114 -45.34 0.93 13.71
N ARG B 115 -45.62 1.68 14.79
CA ARG B 115 -44.75 1.68 15.95
C ARG B 115 -44.67 0.29 16.56
N LEU B 116 -45.77 -0.45 16.48
CA LEU B 116 -45.83 -1.83 16.97
C LEU B 116 -45.08 -2.81 16.07
N GLU B 117 -45.25 -2.70 14.76
CA GLU B 117 -44.45 -3.50 13.84
C GLU B 117 -42.97 -3.30 14.13
N ARG B 118 -42.59 -2.02 14.25
CA ARG B 118 -41.23 -1.67 14.65
C ARG B 118 -40.82 -2.30 15.97
N PHE B 119 -41.62 -2.10 17.00
CA PHE B 119 -41.30 -2.62 18.32
C PHE B 119 -41.03 -4.13 18.27
N VAL B 120 -41.94 -4.88 17.67
CA VAL B 120 -41.80 -6.32 17.57
C VAL B 120 -40.54 -6.69 16.79
N ALA B 121 -40.32 -6.02 15.66
CA ALA B 121 -39.13 -6.33 14.87
C ALA B 121 -37.84 -5.99 15.60
N ASP B 122 -37.85 -4.92 16.38
CA ASP B 122 -36.67 -4.44 17.12
C ASP B 122 -36.41 -5.25 18.36
N TRP B 123 -37.49 -5.63 19.01
CA TRP B 123 -37.41 -6.42 20.22
C TRP B 123 -36.78 -7.75 19.89
N ALA B 124 -37.17 -8.34 18.77
CA ALA B 124 -36.61 -9.63 18.35
C ALA B 124 -35.16 -9.51 17.88
N ALA B 125 -34.74 -8.31 17.48
CA ALA B 125 -33.40 -8.10 16.95
C ALA B 125 -32.33 -8.20 18.02
N GLU B 126 -32.52 -7.41 19.08
CA GLU B 126 -31.52 -7.31 20.14
C GLU B 126 -31.76 -8.37 21.19
N ASN B 127 -32.48 -9.42 20.80
CA ASN B 127 -32.76 -10.54 21.68
C ASN B 127 -32.38 -11.87 21.03
N LEU B 128 -33.17 -12.32 20.06
CA LEU B 128 -32.91 -13.62 19.43
C LEU B 128 -32.42 -13.52 17.99
N GLU B 129 -31.95 -14.66 17.49
CA GLU B 129 -31.55 -14.81 16.10
C GLU B 129 -32.12 -16.17 15.67
N GLU B 130 -31.64 -16.71 14.56
CA GLU B 130 -32.14 -17.98 14.04
C GLU B 130 -30.98 -18.92 13.71
N ASP B 131 -31.29 -20.05 13.07
CA ASP B 131 -30.28 -21.04 12.71
C ASP B 131 -29.38 -20.57 11.55
N VAL B 132 -28.08 -20.56 11.79
CA VAL B 132 -27.10 -19.97 10.87
C VAL B 132 -26.98 -20.75 9.55
N LYS B 133 -27.68 -21.86 9.44
CA LYS B 133 -27.50 -22.77 8.31
C LYS B 133 -27.94 -22.15 6.97
N PRO B 134 -27.05 -22.18 5.96
CA PRO B 134 -27.39 -21.69 4.62
C PRO B 134 -28.31 -22.62 3.87
N LEU B 135 -29.29 -22.04 3.17
CA LEU B 135 -30.29 -22.83 2.45
C LEU B 135 -30.14 -22.76 0.93
N ALA B 136 -29.28 -21.86 0.46
CA ALA B 136 -29.08 -21.67 -0.97
C ALA B 136 -28.21 -22.75 -1.62
N GLY B 137 -28.58 -23.12 -2.85
CA GLY B 137 -27.82 -24.11 -3.63
C GLY B 137 -28.40 -25.50 -3.66
N SER B 138 -29.67 -25.64 -3.28
CA SER B 138 -30.35 -26.93 -3.26
C SER B 138 -31.05 -27.26 -4.58
N LYS B 139 -31.57 -26.24 -5.26
CA LYS B 139 -32.34 -26.43 -6.50
C LYS B 139 -31.44 -26.37 -7.74
N LYS B 140 -30.13 -26.24 -7.53
CA LYS B 140 -29.13 -26.36 -8.59
C LYS B 140 -29.15 -25.27 -9.67
N GLU B 141 -30.25 -24.52 -9.77
CA GLU B 141 -30.41 -23.56 -10.87
C GLU B 141 -29.97 -22.16 -10.44
N LYS B 142 -29.57 -21.33 -11.41
CA LYS B 142 -28.98 -20.03 -11.10
C LYS B 142 -29.90 -18.84 -11.42
N VAL B 143 -30.03 -17.97 -10.43
CA VAL B 143 -30.80 -16.76 -10.57
C VAL B 143 -29.94 -15.59 -10.11
N ALA B 144 -29.91 -14.54 -10.92
CA ALA B 144 -29.13 -13.35 -10.64
C ALA B 144 -30.03 -12.20 -10.25
N VAL B 145 -29.68 -11.52 -9.16
CA VAL B 145 -30.42 -10.36 -8.72
C VAL B 145 -29.57 -9.11 -8.82
N VAL B 146 -30.00 -8.18 -9.68
CA VAL B 146 -29.27 -6.95 -9.94
C VAL B 146 -29.88 -5.79 -9.18
N GLY B 147 -29.14 -5.32 -8.18
CA GLY B 147 -29.59 -4.29 -7.28
C GLY B 147 -29.89 -4.90 -5.93
N SER B 148 -29.38 -4.26 -4.88
CA SER B 148 -29.52 -4.78 -3.52
C SER B 148 -30.47 -3.93 -2.67
N GLY B 149 -31.47 -3.32 -3.29
CA GLY B 149 -32.46 -2.57 -2.55
C GLY B 149 -33.45 -3.51 -1.89
N PRO B 150 -34.53 -2.96 -1.32
CA PRO B 150 -35.61 -3.78 -0.73
C PRO B 150 -36.02 -4.93 -1.65
N ALA B 151 -36.19 -4.64 -2.94
CA ALA B 151 -36.66 -5.62 -3.90
C ALA B 151 -35.68 -6.77 -4.07
N GLY B 152 -34.42 -6.43 -4.35
CA GLY B 152 -33.39 -7.44 -4.56
C GLY B 152 -33.08 -8.25 -3.33
N LEU B 153 -33.00 -7.56 -2.18
CA LEU B 153 -32.77 -8.24 -0.91
C LEU B 153 -33.90 -9.21 -0.64
N THR B 154 -35.13 -8.75 -0.86
CA THR B 154 -36.30 -9.58 -0.60
C THR B 154 -36.33 -10.79 -1.53
N ALA B 155 -36.23 -10.56 -2.83
CA ALA B 155 -36.20 -11.63 -3.81
C ALA B 155 -35.09 -12.63 -3.51
N ALA B 156 -33.90 -12.10 -3.28
CA ALA B 156 -32.73 -12.94 -3.02
C ALA B 156 -32.96 -13.83 -1.81
N ALA B 157 -33.32 -13.22 -0.69
CA ALA B 157 -33.66 -13.95 0.52
C ALA B 157 -34.64 -15.07 0.25
N ASP B 158 -35.79 -14.68 -0.27
CA ASP B 158 -36.87 -15.63 -0.51
C ASP B 158 -36.45 -16.75 -1.46
N LEU B 159 -35.63 -16.43 -2.45
CA LEU B 159 -35.11 -17.44 -3.37
C LEU B 159 -34.12 -18.36 -2.70
N ALA B 160 -33.25 -17.81 -1.86
CA ALA B 160 -32.29 -18.63 -1.14
C ALA B 160 -33.04 -19.62 -0.26
N LYS B 161 -34.10 -19.14 0.39
CA LYS B 161 -34.96 -20.05 1.15
C LYS B 161 -35.56 -21.13 0.25
N MET B 162 -35.66 -20.85 -1.04
CA MET B 162 -36.25 -21.79 -1.99
C MET B 162 -35.20 -22.73 -2.55
N GLY B 163 -33.95 -22.54 -2.16
CA GLY B 163 -32.90 -23.49 -2.49
C GLY B 163 -32.02 -23.09 -3.65
N TYR B 164 -32.35 -22.00 -4.32
CA TYR B 164 -31.63 -21.60 -5.53
C TYR B 164 -30.28 -20.95 -5.26
N HIS B 165 -29.40 -21.01 -6.24
CA HIS B 165 -28.18 -20.22 -6.20
C HIS B 165 -28.54 -18.78 -6.48
N VAL B 166 -28.30 -17.94 -5.49
CA VAL B 166 -28.59 -16.52 -5.62
C VAL B 166 -27.29 -15.73 -5.64
N ASP B 167 -27.07 -15.02 -6.73
CA ASP B 167 -25.94 -14.11 -6.83
C ASP B 167 -26.47 -12.70 -7.02
N ILE B 168 -26.25 -11.86 -6.02
CA ILE B 168 -26.65 -10.47 -6.09
C ILE B 168 -25.56 -9.66 -6.74
N PHE B 169 -25.97 -8.67 -7.52
CA PHE B 169 -25.04 -7.75 -8.14
C PHE B 169 -25.40 -6.32 -7.68
N GLU B 170 -24.45 -5.64 -7.03
CA GLU B 170 -24.64 -4.27 -6.54
C GLU B 170 -23.56 -3.32 -7.05
N ALA B 171 -23.97 -2.12 -7.43
CA ALA B 171 -23.07 -1.13 -8.01
C ALA B 171 -22.17 -0.49 -6.96
N PHE B 172 -22.74 -0.25 -5.77
CA PHE B 172 -22.04 0.40 -4.67
C PHE B 172 -21.26 -0.56 -3.79
N HIS B 173 -20.48 0.01 -2.88
CA HIS B 173 -19.69 -0.77 -1.94
C HIS B 173 -20.56 -1.25 -0.78
N LYS B 174 -21.71 -0.61 -0.58
CA LYS B 174 -22.66 -1.04 0.45
C LYS B 174 -23.99 -1.45 -0.19
N PRO B 175 -24.60 -2.54 0.31
CA PRO B 175 -25.93 -2.95 -0.15
C PRO B 175 -27.06 -2.31 0.64
N GLY B 176 -28.25 -2.20 0.06
CA GLY B 176 -29.40 -1.62 0.73
C GLY B 176 -30.16 -0.57 -0.07
N GLY B 177 -29.63 -0.20 -1.23
CA GLY B 177 -30.21 0.85 -2.07
C GLY B 177 -30.46 2.14 -1.33
N VAL B 178 -31.66 2.68 -1.46
CA VAL B 178 -32.04 3.89 -0.76
C VAL B 178 -31.92 3.73 0.75
N LEU B 179 -32.02 2.49 1.22
CA LEU B 179 -31.94 2.23 2.65
C LEU B 179 -30.53 2.49 3.18
N VAL B 180 -29.54 2.64 2.30
CA VAL B 180 -28.20 2.97 2.79
C VAL B 180 -27.72 4.37 2.38
N TYR B 181 -28.00 4.78 1.15
CA TYR B 181 -27.48 6.05 0.64
C TYR B 181 -28.55 7.14 0.48
N GLY B 182 -29.82 6.79 0.70
CA GLY B 182 -30.90 7.74 0.57
C GLY B 182 -31.44 8.27 1.89
N ILE B 183 -32.16 7.41 2.60
CA ILE B 183 -32.76 7.79 3.87
C ILE B 183 -31.68 7.85 4.96
N PRO B 184 -31.63 8.95 5.74
CA PRO B 184 -30.56 9.11 6.72
C PRO B 184 -30.66 8.25 7.99
N GLU B 185 -29.58 8.22 8.75
CA GLU B 185 -29.50 7.48 10.01
C GLU B 185 -30.54 7.94 11.03
N PHE B 186 -30.92 9.22 10.97
CA PHE B 186 -31.85 9.73 11.98
C PHE B 186 -33.28 9.26 11.73
N ARG B 187 -33.45 8.54 10.63
CA ARG B 187 -34.75 7.99 10.28
C ARG B 187 -34.66 6.46 10.27
N LEU B 188 -33.60 5.96 9.66
CA LEU B 188 -33.41 4.52 9.52
C LEU B 188 -31.98 4.13 9.90
N PRO B 189 -31.79 3.66 11.14
CA PRO B 189 -30.47 3.16 11.52
C PRO B 189 -29.96 2.02 10.65
N LYS B 190 -28.69 2.10 10.28
CA LYS B 190 -28.10 1.17 9.33
C LYS B 190 -27.71 -0.16 9.98
N ARG B 191 -27.74 -0.23 11.30
CA ARG B 191 -27.53 -1.49 12.00
C ARG B 191 -28.55 -2.52 11.50
N ILE B 192 -29.73 -2.03 11.18
CA ILE B 192 -30.86 -2.85 10.76
C ILE B 192 -30.63 -3.39 9.35
N VAL B 193 -30.07 -2.55 8.49
CA VAL B 193 -29.81 -2.94 7.12
C VAL B 193 -28.67 -3.94 7.07
N GLU B 194 -27.64 -3.69 7.86
CA GLU B 194 -26.50 -4.59 7.97
C GLU B 194 -26.95 -5.92 8.56
N ARG B 195 -27.77 -5.84 9.61
CA ARG B 195 -28.41 -7.03 10.19
C ARG B 195 -29.14 -7.86 9.13
N GLU B 196 -30.05 -7.23 8.40
CA GLU B 196 -30.79 -7.95 7.36
C GLU B 196 -29.91 -8.50 6.23
N VAL B 197 -28.94 -7.70 5.78
CA VAL B 197 -27.99 -8.18 4.79
C VAL B 197 -27.20 -9.39 5.29
N SER B 198 -26.75 -9.32 6.54
CA SER B 198 -26.02 -10.41 7.16
C SER B 198 -26.91 -11.66 7.19
N TYR B 199 -28.15 -11.50 7.67
CA TYR B 199 -29.11 -12.57 7.63
C TYR B 199 -29.15 -13.18 6.23
N ILE B 200 -29.30 -12.33 5.22
CA ILE B 200 -29.34 -12.83 3.85
C ILE B 200 -28.01 -13.44 3.41
N ARG B 201 -26.91 -12.96 4.00
CA ARG B 201 -25.60 -13.56 3.74
C ARG B 201 -25.56 -14.99 4.24
N LYS B 202 -26.05 -15.20 5.46
CA LYS B 202 -26.03 -16.53 6.05
C LYS B 202 -26.95 -17.54 5.37
N LEU B 203 -27.81 -17.06 4.47
CA LEU B 203 -28.68 -17.94 3.68
C LEU B 203 -27.96 -18.49 2.45
N GLY B 204 -26.76 -17.99 2.20
CA GLY B 204 -25.94 -18.45 1.09
C GLY B 204 -26.10 -17.59 -0.16
N VAL B 205 -26.67 -16.40 0.03
CA VAL B 205 -26.75 -15.44 -1.07
C VAL B 205 -25.40 -14.74 -1.15
N ASN B 206 -24.77 -14.85 -2.31
CA ASN B 206 -23.48 -14.21 -2.53
C ASN B 206 -23.64 -12.85 -3.19
N PHE B 207 -23.13 -11.83 -2.50
CA PHE B 207 -23.18 -10.43 -2.95
C PHE B 207 -21.97 -10.05 -3.81
N HIS B 208 -22.22 -9.49 -4.98
CA HIS B 208 -21.17 -8.89 -5.80
C HIS B 208 -21.22 -7.37 -5.68
N LEU B 209 -20.52 -6.83 -4.70
CA LEU B 209 -20.56 -5.39 -4.45
C LEU B 209 -19.59 -4.66 -5.37
N ASN B 210 -19.73 -3.34 -5.44
CA ASN B 210 -18.95 -2.53 -6.38
C ASN B 210 -19.05 -3.06 -7.81
N THR B 211 -20.12 -3.78 -8.08
CA THR B 211 -20.32 -4.39 -9.39
C THR B 211 -21.41 -3.67 -10.14
N VAL B 212 -21.02 -2.94 -11.18
CA VAL B 212 -21.98 -2.26 -12.05
C VAL B 212 -22.25 -3.15 -13.26
N VAL B 213 -23.46 -3.69 -13.34
CA VAL B 213 -23.83 -4.59 -14.43
C VAL B 213 -23.89 -3.81 -15.75
N GLY B 214 -23.33 -4.42 -16.78
CA GLY B 214 -23.21 -3.79 -18.09
C GLY B 214 -21.81 -3.27 -18.29
N LYS B 215 -21.10 -3.06 -17.18
CA LYS B 215 -19.73 -2.58 -17.21
C LYS B 215 -18.77 -3.59 -16.61
N THR B 216 -18.93 -3.84 -15.31
CA THR B 216 -18.11 -4.84 -14.61
C THR B 216 -18.33 -6.20 -15.25
N VAL B 217 -19.60 -6.47 -15.52
CA VAL B 217 -20.03 -7.70 -16.16
C VAL B 217 -21.09 -7.31 -17.20
N LYS B 218 -20.98 -7.89 -18.40
CA LYS B 218 -21.90 -7.57 -19.47
C LYS B 218 -23.24 -8.27 -19.30
N VAL B 219 -24.30 -7.59 -19.72
CA VAL B 219 -25.65 -8.13 -19.61
C VAL B 219 -25.71 -9.50 -20.27
N LYS B 220 -25.01 -9.63 -21.39
CA LYS B 220 -25.01 -10.87 -22.17
C LYS B 220 -24.45 -12.03 -21.36
N GLU B 221 -23.39 -11.78 -20.59
CA GLU B 221 -22.85 -12.79 -19.69
C GLU B 221 -23.90 -13.19 -18.65
N LEU B 222 -24.54 -12.17 -18.07
CA LEU B 222 -25.55 -12.37 -17.04
C LEU B 222 -26.71 -13.20 -17.57
N LEU B 223 -27.08 -12.93 -18.82
CA LEU B 223 -28.15 -13.69 -19.47
C LEU B 223 -27.69 -15.11 -19.80
N SER B 224 -26.47 -15.26 -20.28
CA SER B 224 -25.97 -16.58 -20.68
C SER B 224 -25.78 -17.53 -19.50
N GLU B 225 -25.26 -17.01 -18.40
CA GLU B 225 -24.81 -17.87 -17.30
C GLU B 225 -25.84 -18.12 -16.21
N TYR B 226 -27.02 -17.50 -16.33
CA TYR B 226 -28.04 -17.60 -15.27
C TYR B 226 -29.39 -18.03 -15.81
N ASP B 227 -30.08 -18.87 -15.03
CA ASP B 227 -31.37 -19.44 -15.43
C ASP B 227 -32.46 -18.38 -15.34
N ALA B 228 -32.35 -17.51 -14.34
CA ALA B 228 -33.28 -16.38 -14.27
C ALA B 228 -32.62 -15.12 -13.75
N VAL B 229 -33.26 -13.98 -13.99
CA VAL B 229 -32.71 -12.69 -13.58
C VAL B 229 -33.79 -11.76 -13.03
N PHE B 230 -33.50 -11.10 -11.92
CA PHE B 230 -34.38 -10.08 -11.36
C PHE B 230 -33.68 -8.72 -11.36
N ILE B 231 -34.39 -7.72 -11.89
CA ILE B 231 -33.88 -6.36 -11.97
C ILE B 231 -34.53 -5.48 -10.91
N GLY B 232 -33.75 -5.04 -9.92
CA GLY B 232 -34.27 -4.22 -8.85
C GLY B 232 -33.40 -3.00 -8.61
N THR B 233 -33.19 -2.23 -9.66
CA THR B 233 -32.23 -1.13 -9.66
C THR B 233 -32.82 0.24 -9.32
N GLY B 234 -34.13 0.30 -9.11
CA GLY B 234 -34.79 1.53 -8.71
C GLY B 234 -34.83 2.59 -9.78
N ALA B 235 -35.23 3.80 -9.39
CA ALA B 235 -35.18 4.98 -10.25
C ALA B 235 -34.24 5.99 -9.63
N GLY B 236 -32.94 5.83 -9.84
CA GLY B 236 -31.93 6.64 -9.18
C GLY B 236 -31.23 7.69 -10.02
N THR B 237 -31.63 7.82 -11.27
CA THR B 237 -30.98 8.77 -12.16
C THR B 237 -31.52 10.18 -11.95
N PRO B 238 -30.66 11.11 -11.51
CA PRO B 238 -31.15 12.45 -11.18
C PRO B 238 -31.49 13.26 -12.42
N LYS B 239 -32.48 14.15 -12.30
CA LYS B 239 -32.76 15.15 -13.32
C LYS B 239 -32.70 16.56 -12.71
N PHE B 240 -32.15 17.51 -13.45
CA PHE B 240 -32.12 18.91 -13.02
C PHE B 240 -33.22 19.70 -13.74
N MET B 241 -33.86 20.64 -13.03
CA MET B 241 -34.89 21.49 -13.63
C MET B 241 -34.38 22.15 -14.90
N GLY B 242 -33.13 22.59 -14.86
CA GLY B 242 -32.49 23.19 -16.01
C GLY B 242 -32.65 24.69 -16.11
N ILE B 243 -33.03 25.34 -15.01
CA ILE B 243 -33.12 26.80 -14.99
C ILE B 243 -31.70 27.40 -14.93
N PRO B 244 -31.57 28.71 -15.22
CA PRO B 244 -30.25 29.34 -15.17
C PRO B 244 -29.65 29.32 -13.78
N GLY B 245 -28.35 29.04 -13.70
CA GLY B 245 -27.67 28.96 -12.41
C GLY B 245 -27.66 27.56 -11.82
N THR B 246 -28.06 26.56 -12.62
CA THR B 246 -28.05 25.16 -12.19
C THR B 246 -26.61 24.70 -12.02
N ASN B 247 -25.70 25.43 -12.66
CA ASN B 247 -24.29 25.05 -12.73
C ASN B 247 -23.41 25.80 -11.72
N LEU B 248 -24.04 26.50 -10.79
CA LEU B 248 -23.33 27.24 -9.77
C LEU B 248 -22.76 26.32 -8.67
N ASN B 249 -21.66 26.74 -8.06
CA ASN B 249 -21.14 26.03 -6.90
C ASN B 249 -22.07 26.22 -5.71
N GLY B 250 -22.43 25.13 -5.06
CA GLY B 250 -23.40 25.16 -3.98
C GLY B 250 -24.71 24.56 -4.45
N VAL B 251 -24.79 24.22 -5.73
CA VAL B 251 -26.00 23.61 -6.30
C VAL B 251 -25.81 22.11 -6.40
N TYR B 252 -26.76 21.38 -5.83
CA TYR B 252 -26.66 19.93 -5.66
C TYR B 252 -27.89 19.19 -6.12
N SER B 253 -27.68 17.97 -6.60
CA SER B 253 -28.75 17.00 -6.70
C SER B 253 -28.91 16.37 -5.32
N ALA B 254 -30.14 16.07 -4.92
CA ALA B 254 -30.37 15.42 -3.63
C ALA B 254 -29.68 14.06 -3.62
N ASN B 255 -29.57 13.46 -4.79
CA ASN B 255 -28.79 12.24 -4.95
C ASN B 255 -27.35 12.43 -4.47
N GLU B 256 -26.71 13.52 -4.91
CA GLU B 256 -25.31 13.77 -4.53
C GLU B 256 -25.21 14.20 -3.08
N PHE B 257 -26.08 15.11 -2.66
CA PHE B 257 -26.09 15.57 -1.28
C PHE B 257 -26.25 14.38 -0.34
N LEU B 258 -27.35 13.65 -0.51
CA LEU B 258 -27.65 12.50 0.33
C LEU B 258 -26.62 11.37 0.13
N THR B 259 -26.06 11.20 -1.07
CA THR B 259 -25.01 10.20 -1.22
C THR B 259 -23.79 10.56 -0.38
N ARG B 260 -23.35 11.81 -0.45
CA ARG B 260 -22.21 12.27 0.36
C ARG B 260 -22.52 12.13 1.84
N VAL B 261 -23.65 12.69 2.25
CA VAL B 261 -24.07 12.69 3.64
C VAL B 261 -24.29 11.29 4.21
N ASN B 262 -25.12 10.48 3.57
CA ASN B 262 -25.51 9.18 4.13
C ASN B 262 -24.48 8.09 3.94
N LEU B 263 -24.08 7.87 2.69
CA LEU B 263 -23.14 6.78 2.38
C LEU B 263 -21.71 7.13 2.78
N MET B 264 -21.27 8.33 2.39
CA MET B 264 -19.89 8.75 2.64
C MET B 264 -19.73 9.49 3.96
N LYS B 265 -20.85 9.76 4.62
CA LYS B 265 -20.82 10.28 5.98
C LYS B 265 -19.94 11.52 6.06
N ALA B 266 -20.23 12.47 5.18
CA ALA B 266 -19.46 13.69 5.08
C ALA B 266 -19.68 14.61 6.28
N TYR B 267 -20.67 14.27 7.10
CA TYR B 267 -20.89 14.98 8.35
C TYR B 267 -19.85 14.50 9.36
N LEU B 268 -19.24 13.34 9.08
CA LEU B 268 -18.13 12.81 9.86
C LEU B 268 -16.80 13.05 9.17
N PHE B 269 -16.30 14.28 9.25
CA PHE B 269 -15.13 14.70 8.51
C PHE B 269 -14.21 15.54 9.40
N PRO B 270 -12.87 15.35 9.29
CA PRO B 270 -12.07 14.50 8.39
C PRO B 270 -11.87 13.05 8.83
N GLU B 271 -12.84 12.51 9.58
CA GLU B 271 -12.82 11.10 9.95
C GLU B 271 -12.99 10.27 8.69
N TYR B 272 -14.10 10.51 8.01
CA TYR B 272 -14.31 10.05 6.64
C TYR B 272 -13.77 11.12 5.68
N ASP B 273 -13.17 10.69 4.57
CA ASP B 273 -12.44 11.60 3.70
C ASP B 273 -13.28 12.48 2.77
N THR B 274 -14.58 12.25 2.71
CA THR B 274 -15.44 13.01 1.80
C THR B 274 -15.87 14.36 2.39
N PRO B 275 -15.65 15.47 1.65
CA PRO B 275 -16.03 16.81 2.12
C PRO B 275 -17.47 17.14 1.74
N ILE B 276 -18.02 18.19 2.34
CA ILE B 276 -19.36 18.67 2.00
C ILE B 276 -19.38 20.21 2.11
N ARG B 277 -20.08 20.87 1.20
CA ARG B 277 -20.07 22.34 1.12
C ARG B 277 -20.82 22.99 2.27
N VAL B 278 -20.26 24.12 2.70
CA VAL B 278 -20.85 24.94 3.75
C VAL B 278 -21.98 25.81 3.21
N GLY B 279 -23.10 25.80 3.91
CA GLY B 279 -24.17 26.74 3.63
C GLY B 279 -25.01 26.93 4.86
N LYS B 280 -25.25 28.18 5.22
CA LYS B 280 -25.98 28.52 6.42
C LYS B 280 -27.44 28.77 6.06
N LYS B 281 -27.66 29.29 4.86
CA LYS B 281 -29.00 29.41 4.30
C LYS B 281 -29.09 28.52 3.08
N VAL B 282 -29.64 27.32 3.27
CA VAL B 282 -29.74 26.33 2.20
C VAL B 282 -31.18 26.28 1.70
N ALA B 283 -31.34 26.03 0.40
CA ALA B 283 -32.66 25.83 -0.16
C ALA B 283 -32.78 24.42 -0.72
N VAL B 284 -33.82 23.73 -0.28
CA VAL B 284 -34.12 22.40 -0.78
C VAL B 284 -35.39 22.49 -1.60
N ILE B 285 -35.28 22.05 -2.84
CA ILE B 285 -36.37 22.19 -3.79
C ILE B 285 -37.08 20.85 -3.87
N GLY B 286 -38.35 20.86 -3.45
CA GLY B 286 -39.14 19.66 -3.41
C GLY B 286 -39.89 19.62 -2.09
N ALA B 287 -40.91 18.78 -2.03
CA ALA B 287 -41.60 18.50 -0.78
C ALA B 287 -41.78 17.00 -0.57
N GLY B 288 -40.94 16.20 -1.23
CA GLY B 288 -40.93 14.77 -0.99
C GLY B 288 -40.20 14.45 0.30
N ASN B 289 -39.98 13.16 0.53
CA ASN B 289 -39.19 12.75 1.68
C ASN B 289 -37.74 13.03 1.38
N THR B 290 -37.42 13.00 0.10
CA THR B 290 -36.11 13.35 -0.36
C THR B 290 -35.72 14.77 0.11
N ALA B 291 -36.57 15.74 -0.20
CA ALA B 291 -36.35 17.12 0.23
C ALA B 291 -36.26 17.22 1.75
N MET B 292 -37.14 16.50 2.44
CA MET B 292 -37.20 16.56 3.88
C MET B 292 -35.90 16.02 4.51
N ASP B 293 -35.38 14.92 3.97
CA ASP B 293 -34.15 14.33 4.47
C ASP B 293 -32.97 15.23 4.15
N ALA B 294 -32.93 15.74 2.92
CA ALA B 294 -31.84 16.62 2.51
C ALA B 294 -31.81 17.89 3.35
N ALA B 295 -32.98 18.45 3.59
CA ALA B 295 -33.11 19.64 4.42
C ALA B 295 -32.70 19.34 5.85
N ARG B 296 -33.30 18.31 6.43
CA ARG B 296 -33.06 17.96 7.82
C ARG B 296 -31.60 17.55 8.02
N SER B 297 -30.97 17.02 6.98
CA SER B 297 -29.55 16.72 7.03
C SER B 297 -28.71 17.99 6.99
N ALA B 298 -29.01 18.87 6.04
CA ALA B 298 -28.31 20.15 5.96
C ALA B 298 -28.39 20.93 7.27
N LEU B 299 -29.55 20.88 7.91
CA LEU B 299 -29.72 21.52 9.22
C LEU B 299 -28.74 20.96 10.26
N ARG B 300 -28.56 19.64 10.24
CA ARG B 300 -27.71 18.96 11.21
C ARG B 300 -26.24 19.25 10.98
N LEU B 301 -25.92 19.72 9.79
CA LEU B 301 -24.55 20.11 9.44
C LEU B 301 -24.19 21.51 9.92
N GLY B 302 -25.10 22.15 10.64
CA GLY B 302 -24.86 23.45 11.24
C GLY B 302 -25.30 24.63 10.42
N ALA B 303 -26.28 24.42 9.54
CA ALA B 303 -26.90 25.53 8.82
C ALA B 303 -27.80 26.29 9.77
N GLU B 304 -27.89 27.60 9.59
CA GLU B 304 -28.71 28.42 10.47
C GLU B 304 -30.17 28.45 10.04
N LYS B 305 -30.40 28.63 8.74
CA LYS B 305 -31.76 28.57 8.21
C LYS B 305 -31.84 27.58 7.05
N VAL B 306 -32.93 26.83 7.03
CA VAL B 306 -33.22 25.84 5.99
C VAL B 306 -34.64 26.04 5.48
N TYR B 307 -34.77 26.18 4.17
CA TYR B 307 -36.06 26.44 3.54
C TYR B 307 -36.47 25.28 2.66
N ILE B 308 -37.74 24.88 2.79
CA ILE B 308 -38.37 23.99 1.83
C ILE B 308 -39.15 24.80 0.81
N VAL B 309 -38.84 24.57 -0.46
CA VAL B 309 -39.43 25.35 -1.56
C VAL B 309 -40.30 24.49 -2.45
N TYR B 310 -41.61 24.67 -2.36
CA TYR B 310 -42.56 23.76 -2.99
C TYR B 310 -43.55 24.50 -3.90
N ARG B 311 -43.73 24.00 -5.11
CA ARG B 311 -44.64 24.62 -6.06
C ARG B 311 -46.11 24.42 -5.65
N ARG B 312 -46.35 23.54 -4.68
CA ARG B 312 -47.71 23.23 -4.25
C ARG B 312 -47.91 23.58 -2.78
N THR B 313 -49.01 23.10 -2.18
CA THR B 313 -49.35 23.46 -0.80
C THR B 313 -49.05 22.34 0.19
N GLU B 314 -49.42 22.55 1.44
CA GLU B 314 -49.16 21.58 2.50
C GLU B 314 -50.00 20.32 2.30
N ARG B 315 -51.17 20.45 1.67
CA ARG B 315 -52.09 19.33 1.52
C ARG B 315 -51.87 18.55 0.22
N GLU B 316 -50.93 18.98 -0.60
CA GLU B 316 -50.49 18.17 -1.74
C GLU B 316 -49.17 17.48 -1.44
N MET B 317 -48.47 17.98 -0.43
CA MET B 317 -47.13 17.51 -0.11
C MET B 317 -47.09 16.00 0.15
N PRO B 318 -46.21 15.28 -0.57
CA PRO B 318 -46.11 13.82 -0.50
C PRO B 318 -45.19 13.30 0.61
N ALA B 319 -44.90 14.15 1.58
CA ALA B 319 -43.99 13.78 2.67
C ALA B 319 -44.69 13.04 3.81
N ARG B 320 -43.93 12.19 4.49
CA ARG B 320 -44.39 11.51 5.70
C ARG B 320 -44.73 12.52 6.79
N ARG B 321 -45.94 12.45 7.32
CA ARG B 321 -46.43 13.45 8.26
C ARG B 321 -45.57 13.55 9.53
N GLU B 322 -45.23 12.40 10.13
CA GLU B 322 -44.41 12.35 11.35
C GLU B 322 -43.11 13.14 11.15
N GLU B 323 -42.49 12.94 9.99
CA GLU B 323 -41.19 13.52 9.68
C GLU B 323 -41.31 15.00 9.31
N TYR B 324 -42.43 15.39 8.71
CA TYR B 324 -42.72 16.80 8.45
C TYR B 324 -42.90 17.56 9.78
N HIS B 325 -43.59 16.93 10.73
CA HIS B 325 -43.72 17.47 12.07
C HIS B 325 -42.34 17.62 12.74
N HIS B 326 -41.55 16.56 12.71
CA HIS B 326 -40.17 16.61 13.20
C HIS B 326 -39.40 17.75 12.52
N ALA B 327 -39.57 17.86 11.21
CA ALA B 327 -38.91 18.87 10.41
C ALA B 327 -39.26 20.27 10.89
N LEU B 328 -40.55 20.50 11.13
CA LEU B 328 -40.99 21.75 11.75
C LEU B 328 -40.38 21.96 13.14
N GLU B 329 -40.40 20.91 13.96
CA GLU B 329 -39.85 20.99 15.32
C GLU B 329 -38.35 21.29 15.29
N GLU B 330 -37.68 20.87 14.23
CA GLU B 330 -36.24 21.12 14.08
C GLU B 330 -35.94 22.49 13.44
N GLY B 331 -36.97 23.19 12.98
CA GLY B 331 -36.82 24.56 12.51
C GLY B 331 -36.79 24.76 11.00
N ILE B 332 -37.17 23.75 10.25
CA ILE B 332 -37.25 23.88 8.80
C ILE B 332 -38.37 24.87 8.48
N GLU B 333 -38.13 25.72 7.48
CA GLU B 333 -39.11 26.70 7.03
C GLU B 333 -39.69 26.28 5.68
N PHE B 334 -40.95 26.58 5.46
CA PHE B 334 -41.64 26.12 4.26
C PHE B 334 -42.24 27.24 3.44
N LEU B 335 -42.00 27.15 2.13
CA LEU B 335 -42.52 28.09 1.16
C LEU B 335 -43.51 27.37 0.26
N TRP B 336 -44.79 27.54 0.58
CA TRP B 336 -45.86 26.89 -0.17
C TRP B 336 -46.13 27.67 -1.44
N LEU B 337 -46.37 26.96 -2.53
CA LEU B 337 -46.65 27.58 -3.82
C LEU B 337 -45.48 28.45 -4.24
N THR B 338 -44.29 27.85 -4.25
CA THR B 338 -43.09 28.58 -4.66
C THR B 338 -42.28 27.76 -5.65
N LEU B 339 -41.79 28.44 -6.68
CA LEU B 339 -41.13 27.81 -7.81
C LEU B 339 -39.90 28.60 -8.24
N PRO B 340 -38.70 28.01 -8.14
CA PRO B 340 -37.51 28.74 -8.59
C PRO B 340 -37.41 28.98 -10.10
N ILE B 341 -36.84 30.12 -10.49
CA ILE B 341 -36.71 30.51 -11.88
C ILE B 341 -35.24 30.67 -12.28
N ARG B 342 -34.39 31.01 -11.34
CA ARG B 342 -32.95 31.02 -11.58
C ARG B 342 -32.15 31.14 -10.30
N TYR B 343 -30.99 30.51 -10.33
CA TYR B 343 -30.01 30.61 -9.26
C TYR B 343 -28.97 31.68 -9.62
N ILE B 344 -28.52 32.40 -8.61
CA ILE B 344 -27.59 33.52 -8.80
C ILE B 344 -26.34 33.34 -7.93
N GLY B 345 -25.17 33.56 -8.55
CA GLY B 345 -23.88 33.43 -7.91
C GLY B 345 -23.04 34.70 -7.96
N ASP B 346 -21.90 34.69 -7.28
CA ASP B 346 -21.05 35.88 -7.17
C ASP B 346 -19.73 35.77 -7.95
N ALA B 347 -18.81 36.71 -7.67
CA ALA B 347 -17.53 36.84 -8.37
C ALA B 347 -16.61 35.61 -8.35
N ASN B 348 -16.35 35.08 -7.15
CA ASN B 348 -15.47 33.93 -7.01
C ASN B 348 -16.19 32.62 -7.32
N GLY B 349 -17.18 32.28 -6.50
CA GLY B 349 -17.88 31.03 -6.67
C GLY B 349 -18.80 30.79 -5.50
N ASN B 350 -20.11 30.74 -5.79
CA ASN B 350 -21.12 30.67 -4.76
C ASN B 350 -22.49 30.71 -5.38
N VAL B 351 -23.47 30.10 -4.72
CA VAL B 351 -24.84 30.45 -4.96
C VAL B 351 -25.02 31.63 -4.02
N GLU B 352 -25.75 32.65 -4.42
CA GLU B 352 -26.04 33.73 -3.50
C GLU B 352 -27.54 33.97 -3.46
N ALA B 353 -28.22 33.66 -4.55
CA ALA B 353 -29.68 33.85 -4.53
C ALA B 353 -30.47 32.93 -5.45
N MET B 354 -31.78 33.02 -5.29
CA MET B 354 -32.73 32.22 -6.04
C MET B 354 -33.99 33.02 -6.33
N GLU B 355 -34.34 33.19 -7.59
CA GLU B 355 -35.55 33.93 -7.93
C GLU B 355 -36.76 32.99 -7.98
N CYS B 356 -37.86 33.37 -7.30
CA CYS B 356 -39.08 32.55 -7.22
C CYS B 356 -40.39 33.32 -7.50
N VAL B 357 -41.48 32.59 -7.74
CA VAL B 357 -42.81 33.16 -7.93
C VAL B 357 -43.88 32.41 -7.14
N ARG B 358 -45.12 32.89 -7.19
CA ARG B 358 -46.25 32.19 -6.58
C ARG B 358 -47.16 31.60 -7.64
N MET B 359 -47.85 30.51 -7.30
CA MET B 359 -48.64 29.74 -8.25
C MET B 359 -50.15 29.87 -8.03
N GLU B 360 -50.91 29.40 -9.02
CA GLU B 360 -52.38 29.49 -9.03
C GLU B 360 -52.99 28.09 -9.03
N LEU B 361 -54.24 27.99 -8.57
CA LEU B 361 -54.95 26.70 -8.50
C LEU B 361 -55.64 26.32 -9.81
N LYS B 362 -55.48 27.13 -10.84
CA LYS B 362 -56.21 26.97 -12.10
C LYS B 362 -56.20 25.54 -12.66
N GLU B 363 -55.12 25.14 -13.32
CA GLU B 363 -55.13 23.93 -14.13
C GLU B 363 -55.46 22.70 -13.28
N ALA B 364 -56.27 21.81 -13.85
CA ALA B 364 -56.72 20.61 -13.15
C ALA B 364 -55.81 19.43 -13.40
N ASP B 365 -55.18 18.95 -12.32
CA ASP B 365 -54.34 17.76 -12.36
C ASP B 365 -53.31 17.82 -13.50
N GLY B 366 -53.55 17.07 -14.57
CA GLY B 366 -52.64 17.05 -15.70
C GLY B 366 -51.25 16.60 -15.29
N SER B 367 -51.13 15.33 -14.95
CA SER B 367 -49.90 14.77 -14.38
C SER B 367 -49.57 15.45 -13.05
N GLY B 368 -48.40 15.14 -12.49
CA GLY B 368 -47.94 15.76 -11.25
C GLY B 368 -49.01 15.73 -10.18
N ARG B 369 -49.26 16.90 -9.61
CA ARG B 369 -50.44 17.17 -8.80
C ARG B 369 -51.00 18.43 -9.45
N PRO B 370 -52.27 18.80 -9.17
CA PRO B 370 -52.95 19.85 -9.95
C PRO B 370 -52.02 20.96 -10.39
N ARG B 371 -51.84 21.05 -11.71
CA ARG B 371 -50.76 21.85 -12.27
C ARG B 371 -50.86 23.29 -11.81
N PRO B 372 -49.91 23.73 -10.96
CA PRO B 372 -49.95 25.12 -10.52
C PRO B 372 -49.61 26.05 -11.67
N VAL B 373 -50.30 27.19 -11.74
CA VAL B 373 -50.08 28.18 -12.78
C VAL B 373 -49.45 29.41 -12.15
N PRO B 374 -48.35 29.92 -12.74
CA PRO B 374 -47.65 31.02 -12.09
C PRO B 374 -48.46 32.30 -12.07
N ILE B 375 -48.35 33.02 -10.95
CA ILE B 375 -49.02 34.30 -10.77
C ILE B 375 -48.02 35.42 -11.06
N GLU B 376 -48.49 36.49 -11.70
CA GLU B 376 -47.64 37.59 -12.09
C GLU B 376 -47.60 38.70 -11.04
N GLY B 377 -46.41 39.29 -10.84
CA GLY B 377 -46.21 40.35 -9.88
C GLY B 377 -45.89 39.86 -8.48
N SER B 378 -45.93 38.54 -8.29
CA SER B 378 -45.60 37.94 -7.01
C SER B 378 -44.13 37.56 -6.95
N ASN B 379 -43.42 37.84 -8.03
CA ASN B 379 -42.02 37.48 -8.20
C ASN B 379 -41.12 38.04 -7.10
N PHE B 380 -40.36 37.15 -6.44
CA PHE B 380 -39.46 37.53 -5.35
C PHE B 380 -38.15 36.74 -5.36
N VAL B 381 -37.35 36.90 -4.31
CA VAL B 381 -36.03 36.29 -4.23
C VAL B 381 -35.73 35.66 -2.86
N LEU B 382 -34.96 34.57 -2.87
CA LEU B 382 -34.42 33.99 -1.65
C LEU B 382 -32.90 33.95 -1.74
N GLU B 383 -32.24 34.46 -0.69
CA GLU B 383 -30.78 34.54 -0.63
C GLU B 383 -30.21 33.23 -0.07
N VAL B 384 -29.48 32.50 -0.91
CA VAL B 384 -29.00 31.16 -0.54
C VAL B 384 -27.57 30.89 -0.97
N ASP B 385 -26.84 30.16 -0.12
CA ASP B 385 -25.47 29.80 -0.40
C ASP B 385 -25.38 28.31 -0.78
N MET B 386 -26.52 27.65 -0.84
CA MET B 386 -26.55 26.26 -1.27
C MET B 386 -27.95 25.87 -1.75
N VAL B 387 -28.02 25.14 -2.86
CA VAL B 387 -29.27 24.65 -3.41
C VAL B 387 -29.24 23.16 -3.65
N ILE B 388 -30.28 22.47 -3.19
CA ILE B 388 -30.40 21.03 -3.37
C ILE B 388 -31.70 20.72 -4.10
N GLU B 389 -31.62 20.00 -5.21
CA GLU B 389 -32.81 19.65 -5.97
C GLU B 389 -33.32 18.25 -5.62
N ALA B 390 -34.53 18.22 -5.06
CA ALA B 390 -35.20 16.98 -4.70
C ALA B 390 -36.51 16.87 -5.47
N ILE B 391 -36.41 17.06 -6.78
CA ILE B 391 -37.59 17.13 -7.66
C ILE B 391 -38.00 15.78 -8.22
N GLY B 392 -37.31 14.73 -7.77
CA GLY B 392 -37.58 13.39 -8.25
C GLY B 392 -36.52 12.93 -9.23
N GLN B 393 -36.69 11.72 -9.73
CA GLN B 393 -35.67 11.08 -10.55
C GLN B 393 -36.27 9.91 -11.32
N GLY B 394 -35.57 9.50 -12.37
CA GLY B 394 -36.09 8.53 -13.31
C GLY B 394 -35.19 7.32 -13.40
N PRO B 395 -35.56 6.36 -14.26
CA PRO B 395 -34.92 5.05 -14.42
C PRO B 395 -33.62 5.07 -15.21
N ASN B 396 -32.76 4.08 -14.98
CA ASN B 396 -31.54 3.92 -15.77
C ASN B 396 -31.88 3.39 -17.15
N ARG B 397 -32.27 4.28 -18.05
CA ARG B 397 -32.71 3.90 -19.38
C ARG B 397 -31.58 3.23 -20.18
N VAL B 398 -30.33 3.60 -19.87
CA VAL B 398 -29.17 3.06 -20.57
C VAL B 398 -29.03 1.56 -20.35
N LEU B 399 -29.01 1.15 -19.08
CA LEU B 399 -28.93 -0.26 -18.73
C LEU B 399 -30.11 -1.02 -19.34
N LEU B 400 -31.27 -0.36 -19.41
CA LEU B 400 -32.47 -0.98 -19.96
C LEU B 400 -32.36 -1.20 -21.46
N SER B 401 -31.76 -0.25 -22.16
CA SER B 401 -31.50 -0.41 -23.59
C SER B 401 -30.64 -1.63 -23.90
N GLU B 402 -29.82 -2.04 -22.93
CA GLU B 402 -28.91 -3.17 -23.10
C GLU B 402 -29.61 -4.51 -22.89
N PHE B 403 -30.92 -4.45 -22.63
CA PHE B 403 -31.77 -5.64 -22.62
C PHE B 403 -32.56 -5.66 -23.93
N PRO B 404 -32.26 -6.61 -24.81
CA PRO B 404 -32.99 -6.62 -26.08
C PRO B 404 -34.42 -7.09 -25.91
N GLY B 405 -35.36 -6.38 -26.52
CA GLY B 405 -36.77 -6.74 -26.46
C GLY B 405 -37.44 -6.44 -25.14
N LEU B 406 -36.82 -5.59 -24.33
CA LEU B 406 -37.39 -5.24 -23.02
C LEU B 406 -38.23 -3.97 -23.12
N GLU B 407 -39.55 -4.13 -22.96
CA GLU B 407 -40.50 -3.06 -23.24
C GLU B 407 -40.58 -2.05 -22.10
N LEU B 408 -40.58 -0.77 -22.46
CA LEU B 408 -40.69 0.32 -21.48
C LEU B 408 -42.01 1.08 -21.62
N ASN B 409 -42.45 1.73 -20.55
CA ASN B 409 -43.68 2.52 -20.57
C ASN B 409 -43.41 3.93 -21.06
N GLU B 410 -44.46 4.74 -21.09
CA GLU B 410 -44.40 6.11 -21.59
C GLU B 410 -43.27 6.92 -20.93
N ARG B 411 -43.06 6.71 -19.63
CA ARG B 411 -42.03 7.45 -18.91
C ARG B 411 -40.69 6.72 -18.92
N GLY B 412 -40.66 5.52 -19.49
CA GLY B 412 -39.43 4.76 -19.58
C GLY B 412 -39.22 3.68 -18.53
N TYR B 413 -40.21 3.46 -17.68
CA TYR B 413 -40.13 2.40 -16.68
C TYR B 413 -40.42 1.05 -17.34
N ILE B 414 -40.02 -0.04 -16.71
CA ILE B 414 -40.22 -1.37 -17.31
C ILE B 414 -41.68 -1.77 -17.30
N LYS B 415 -42.11 -2.42 -18.37
CA LYS B 415 -43.43 -3.04 -18.38
C LYS B 415 -43.29 -4.47 -17.86
N ALA B 416 -44.04 -4.74 -16.79
CA ALA B 416 -44.04 -6.05 -16.17
C ALA B 416 -45.41 -6.34 -15.59
N ASP B 417 -45.76 -7.63 -15.57
CA ASP B 417 -47.05 -8.07 -15.06
C ASP B 417 -47.22 -7.66 -13.61
N GLU B 418 -48.37 -7.07 -13.33
CA GLU B 418 -48.66 -6.52 -12.01
C GLU B 418 -48.53 -7.56 -10.91
N ASP B 419 -48.90 -8.80 -11.20
CA ASP B 419 -48.92 -9.82 -10.16
C ASP B 419 -47.68 -10.71 -10.13
N THR B 420 -47.13 -11.05 -11.30
CA THR B 420 -46.01 -11.97 -11.39
C THR B 420 -44.64 -11.26 -11.55
N GLY B 421 -44.67 -10.07 -12.15
CA GLY B 421 -43.46 -9.30 -12.33
C GLY B 421 -42.68 -9.65 -13.59
N ALA B 422 -43.18 -10.62 -14.34
CA ALA B 422 -42.49 -11.06 -15.54
C ALA B 422 -42.57 -9.97 -16.58
N THR B 423 -41.47 -9.76 -17.29
CA THR B 423 -41.42 -8.77 -18.36
C THR B 423 -41.38 -9.48 -19.70
N SER B 424 -41.29 -8.68 -20.77
CA SER B 424 -41.29 -9.18 -22.14
C SER B 424 -40.13 -10.11 -22.51
N VAL B 425 -39.03 -10.05 -21.77
CA VAL B 425 -37.85 -10.88 -22.04
C VAL B 425 -37.91 -12.19 -21.27
N LYS B 426 -37.56 -13.28 -21.95
CA LYS B 426 -37.71 -14.59 -21.36
C LYS B 426 -36.74 -14.86 -20.22
N GLY B 427 -37.30 -15.25 -19.07
CA GLY B 427 -36.52 -15.62 -17.91
C GLY B 427 -36.13 -14.42 -17.07
N VAL B 428 -36.56 -13.23 -17.49
CA VAL B 428 -36.21 -12.01 -16.77
C VAL B 428 -37.42 -11.46 -16.03
N PHE B 429 -37.24 -11.24 -14.74
CA PHE B 429 -38.26 -10.63 -13.89
C PHE B 429 -37.77 -9.25 -13.45
N ALA B 430 -38.64 -8.49 -12.80
CA ALA B 430 -38.29 -7.15 -12.37
C ALA B 430 -39.30 -6.66 -11.34
N GLY B 431 -38.87 -5.78 -10.45
CA GLY B 431 -39.76 -5.24 -9.44
C GLY B 431 -39.15 -4.06 -8.71
N GLY B 432 -39.97 -3.36 -7.94
CA GLY B 432 -39.51 -2.20 -7.20
C GLY B 432 -39.64 -0.94 -8.00
N ASP B 433 -38.86 0.08 -7.64
CA ASP B 433 -39.03 1.41 -8.20
C ASP B 433 -38.71 1.50 -9.70
N ILE B 434 -38.02 0.49 -10.22
CA ILE B 434 -37.60 0.50 -11.61
C ILE B 434 -38.79 0.24 -12.54
N VAL B 435 -39.87 -0.30 -11.97
CA VAL B 435 -41.09 -0.61 -12.72
C VAL B 435 -42.16 0.46 -12.53
N THR B 436 -42.41 0.84 -11.28
CA THR B 436 -43.56 1.66 -10.93
C THR B 436 -43.26 3.15 -10.96
N GLY B 437 -41.97 3.46 -10.96
CA GLY B 437 -41.55 4.79 -10.59
C GLY B 437 -41.54 4.88 -9.08
N ALA B 438 -40.99 5.97 -8.55
CA ALA B 438 -40.79 6.12 -7.13
C ALA B 438 -42.08 5.86 -6.36
N ALA B 439 -42.05 4.88 -5.45
CA ALA B 439 -43.20 4.50 -4.63
C ALA B 439 -42.83 4.30 -3.16
N THR B 440 -42.91 3.07 -2.68
CA THR B 440 -42.61 2.76 -1.28
C THR B 440 -41.69 1.55 -1.17
N VAL B 441 -41.08 1.41 0.01
CA VAL B 441 -40.21 0.29 0.33
C VAL B 441 -41.03 -0.99 0.34
N ILE B 442 -42.22 -0.89 0.91
CA ILE B 442 -43.07 -2.05 1.10
C ILE B 442 -43.51 -2.63 -0.24
N LYS B 443 -43.67 -1.76 -1.23
CA LYS B 443 -44.06 -2.17 -2.57
C LYS B 443 -42.92 -2.86 -3.33
N ALA B 444 -41.70 -2.43 -3.03
CA ALA B 444 -40.50 -3.04 -3.60
C ALA B 444 -40.30 -4.41 -2.97
N MET B 445 -40.48 -4.45 -1.65
CA MET B 445 -40.48 -5.70 -0.90
C MET B 445 -41.50 -6.66 -1.52
N GLY B 446 -42.75 -6.22 -1.62
CA GLY B 446 -43.82 -7.04 -2.16
C GLY B 446 -43.54 -7.54 -3.56
N ALA B 447 -43.09 -6.62 -4.42
CA ALA B 447 -42.73 -6.94 -5.80
C ALA B 447 -41.66 -8.03 -5.86
N GLY B 448 -40.64 -7.90 -5.02
CA GLY B 448 -39.61 -8.91 -4.92
C GLY B 448 -40.08 -10.28 -4.44
N LYS B 449 -40.94 -10.31 -3.41
CA LYS B 449 -41.54 -11.57 -2.96
C LYS B 449 -42.35 -12.28 -4.05
N LYS B 450 -43.22 -11.54 -4.74
CA LYS B 450 -44.01 -12.15 -5.80
C LYS B 450 -43.15 -12.57 -7.01
N ALA B 451 -42.21 -11.71 -7.41
CA ALA B 451 -41.31 -12.07 -8.50
C ALA B 451 -40.59 -13.37 -8.13
N ALA B 452 -40.07 -13.45 -6.91
CA ALA B 452 -39.41 -14.67 -6.43
C ALA B 452 -40.32 -15.90 -6.52
N GLN B 453 -41.56 -15.76 -6.05
CA GLN B 453 -42.48 -16.87 -6.13
C GLN B 453 -42.69 -17.30 -7.57
N PHE B 454 -42.77 -16.35 -8.49
CA PHE B 454 -42.93 -16.75 -9.88
C PHE B 454 -41.64 -17.16 -10.56
N ILE B 455 -40.50 -16.77 -10.00
CA ILE B 455 -39.24 -17.36 -10.42
C ILE B 455 -39.26 -18.84 -10.05
N HIS B 456 -39.70 -19.13 -8.83
CA HIS B 456 -39.90 -20.51 -8.40
C HIS B 456 -40.88 -21.25 -9.31
N SER B 457 -42.04 -20.63 -9.56
CA SER B 457 -43.05 -21.21 -10.45
C SER B 457 -42.47 -21.42 -11.86
N TYR B 458 -41.56 -20.53 -12.26
CA TYR B 458 -40.91 -20.62 -13.56
C TYR B 458 -39.86 -21.73 -13.65
N LEU B 459 -38.92 -21.75 -12.71
CA LEU B 459 -37.80 -22.68 -12.73
C LEU B 459 -38.20 -24.11 -12.36
N THR B 460 -39.47 -24.30 -12.02
CA THR B 460 -40.00 -25.63 -11.74
C THR B 460 -40.88 -26.13 -12.89
N GLY B 461 -41.17 -25.25 -13.84
CA GLY B 461 -41.92 -25.62 -15.02
C GLY B 461 -43.43 -25.59 -14.86
N GLU B 462 -43.88 -25.20 -13.68
CA GLU B 462 -45.32 -25.12 -13.40
C GLU B 462 -46.00 -24.04 -14.24
N TRP B 463 -45.29 -22.93 -14.47
CA TRP B 463 -45.84 -21.75 -15.12
C TRP B 463 -44.83 -21.03 -16.00
N ASN B 464 -45.16 -20.89 -17.28
CA ASN B 464 -44.29 -20.26 -18.26
C ASN B 464 -45.00 -19.13 -19.02
N PRO B 465 -44.64 -17.87 -18.77
CA PRO B 465 -45.25 -16.75 -19.51
C PRO B 465 -44.66 -16.46 -20.89
N TRP B 466 -43.52 -17.05 -21.23
CA TRP B 466 -42.84 -16.74 -22.50
C TRP B 466 -42.90 -17.84 -23.58
N GLN B 467 -43.70 -17.60 -24.61
CA GLN B 467 -43.75 -18.47 -25.78
C GLN B 467 -43.65 -17.64 -27.07
N LYS B 468 -43.77 -18.28 -28.22
CA LYS B 468 -43.73 -17.55 -29.49
C LYS B 468 -45.00 -16.72 -29.69
N MET C 1 26.70 7.18 36.44
CA MET C 1 26.32 8.29 37.35
C MET C 1 25.34 7.83 38.43
N GLY C 2 25.39 6.55 38.77
CA GLY C 2 24.49 5.99 39.77
C GLY C 2 23.09 5.82 39.21
N GLY C 3 22.94 6.01 37.91
CA GLY C 3 21.66 5.94 37.23
C GLY C 3 21.62 4.85 36.17
N THR C 4 20.68 4.98 35.23
CA THR C 4 20.52 4.01 34.16
C THR C 4 21.33 4.40 32.92
N ALA C 5 22.13 3.45 32.41
CA ALA C 5 22.93 3.69 31.21
C ALA C 5 23.02 2.44 30.34
N LEU C 6 23.57 2.60 29.13
CA LEU C 6 23.69 1.52 28.16
C LEU C 6 22.31 0.89 27.95
N ASN C 7 22.25 -0.43 27.84
CA ASN C 7 21.00 -1.14 27.57
C ASN C 7 20.45 -1.72 28.89
N GLU C 8 20.54 -0.91 29.93
CA GLU C 8 20.11 -1.28 31.28
C GLU C 8 18.79 -2.01 31.35
N ILE C 9 18.79 -3.15 32.05
CA ILE C 9 17.54 -3.82 32.42
C ILE C 9 17.04 -3.18 33.71
N VAL C 10 16.12 -2.22 33.59
CA VAL C 10 15.66 -1.45 34.74
C VAL C 10 14.64 -2.23 35.57
N LYS C 11 13.86 -3.07 34.90
CA LYS C 11 12.91 -3.95 35.58
C LYS C 11 12.70 -5.23 34.79
N LYS C 12 12.52 -6.33 35.52
CA LYS C 12 12.27 -7.63 34.92
C LYS C 12 11.23 -8.38 35.72
N VAL C 13 10.13 -8.77 35.06
CA VAL C 13 9.08 -9.53 35.73
C VAL C 13 8.66 -10.76 34.92
N LYS C 14 8.54 -11.90 35.61
CA LYS C 14 8.13 -13.15 34.98
C LYS C 14 6.60 -13.32 35.05
N ILE C 15 6.02 -14.00 34.06
CA ILE C 15 4.57 -14.12 33.97
C ILE C 15 4.04 -15.51 33.60
N ALA C 16 4.93 -16.40 33.18
CA ALA C 16 4.50 -17.75 32.81
C ALA C 16 5.64 -18.75 32.99
N GLU C 17 5.38 -20.00 32.64
CA GLU C 17 6.34 -21.09 32.84
C GLU C 17 7.68 -20.82 32.16
N ASP C 18 7.65 -20.06 31.07
CA ASP C 18 8.83 -19.86 30.24
C ASP C 18 8.91 -18.46 29.60
N VAL C 19 8.09 -17.53 30.08
CA VAL C 19 8.01 -16.18 29.49
C VAL C 19 8.56 -15.11 30.41
N PHE C 20 9.29 -14.14 29.84
CA PHE C 20 9.97 -13.11 30.63
C PHE C 20 9.73 -11.71 30.11
N ASP C 21 9.29 -10.81 31.00
CA ASP C 21 8.99 -9.43 30.64
C ASP C 21 10.10 -8.46 31.06
N PHE C 22 10.79 -7.91 30.06
CA PHE C 22 11.90 -6.97 30.29
C PHE C 22 11.54 -5.52 29.98
N TRP C 23 11.99 -4.61 30.83
CA TRP C 23 12.03 -3.18 30.52
C TRP C 23 13.48 -2.80 30.29
N ILE C 24 13.75 -2.05 29.22
CA ILE C 24 15.13 -1.75 28.85
C ILE C 24 15.33 -0.27 28.57
N HIS C 25 16.28 0.33 29.30
CA HIS C 25 16.65 1.72 29.10
C HIS C 25 17.65 1.82 27.97
N SER C 26 17.26 2.53 26.91
CA SER C 26 18.11 2.81 25.78
C SER C 26 17.37 3.85 24.95
N PRO C 27 17.49 5.14 25.34
CA PRO C 27 16.69 6.25 24.81
C PRO C 27 16.54 6.31 23.30
N SER C 28 17.48 5.74 22.55
CA SER C 28 17.40 5.74 21.10
C SER C 28 16.17 4.97 20.59
N VAL C 29 16.07 3.69 20.93
CA VAL C 29 14.96 2.86 20.45
C VAL C 29 13.65 3.24 21.09
N SER C 30 13.69 3.59 22.38
CA SER C 30 12.48 3.84 23.14
C SER C 30 11.68 5.01 22.57
N LYS C 31 12.39 6.08 22.23
CA LYS C 31 11.76 7.30 21.76
C LYS C 31 11.19 7.16 20.35
N GLU C 32 11.94 6.47 19.48
CA GLU C 32 11.62 6.43 18.06
C GLU C 32 10.70 5.29 17.64
N ALA C 33 10.59 4.25 18.47
CA ALA C 33 9.91 3.01 18.08
C ALA C 33 8.43 3.20 17.83
N ARG C 34 7.95 2.58 16.75
CA ARG C 34 6.54 2.57 16.38
C ARG C 34 6.06 1.13 16.33
N PRO C 35 4.74 0.90 16.49
CA PRO C 35 4.22 -0.47 16.57
C PRO C 35 4.51 -1.34 15.34
N GLY C 36 4.75 -2.62 15.58
CA GLY C 36 5.07 -3.57 14.52
C GLY C 36 6.58 -3.71 14.31
N GLN C 37 7.35 -2.87 14.99
CA GLN C 37 8.80 -2.89 14.88
C GLN C 37 9.45 -3.76 15.96
N PHE C 38 10.74 -4.04 15.78
CA PHE C 38 11.46 -4.96 16.65
C PHE C 38 12.91 -4.52 16.86
N VAL C 39 13.57 -5.15 17.83
CA VAL C 39 15.01 -4.95 18.03
C VAL C 39 15.76 -6.25 17.80
N VAL C 40 16.99 -6.15 17.33
CA VAL C 40 17.87 -7.32 17.24
C VAL C 40 18.84 -7.22 18.38
N ILE C 41 19.12 -8.37 18.99
CA ILE C 41 20.05 -8.42 20.11
C ILE C 41 21.13 -9.48 19.95
N ARG C 42 22.25 -9.21 20.60
CA ARG C 42 23.27 -10.21 20.88
C ARG C 42 23.79 -9.96 22.29
N LEU C 43 24.00 -11.06 23.01
CA LEU C 43 24.30 -11.04 24.44
C LEU C 43 25.79 -10.97 24.78
N HIS C 44 26.60 -11.77 24.08
CA HIS C 44 28.04 -11.84 24.35
C HIS C 44 28.84 -12.04 23.06
N GLU C 45 30.17 -11.94 23.15
CA GLU C 45 31.03 -12.11 21.98
C GLU C 45 30.94 -13.54 21.45
N LYS C 46 30.69 -14.47 22.36
CA LYS C 46 30.38 -15.85 21.99
C LYS C 46 28.87 -15.95 21.89
N GLY C 47 28.30 -15.58 20.75
CA GLY C 47 26.86 -15.53 20.63
C GLY C 47 26.32 -15.40 19.22
N GLU C 48 25.02 -15.66 19.07
CA GLU C 48 24.33 -15.42 17.81
C GLU C 48 23.39 -14.24 17.96
N ARG C 49 23.21 -13.51 16.87
CA ARG C 49 22.24 -12.41 16.80
C ARG C 49 20.84 -12.97 16.65
N ILE C 50 19.91 -12.50 17.49
CA ILE C 50 18.50 -12.89 17.32
C ILE C 50 17.54 -11.69 17.45
N PRO C 51 16.43 -11.71 16.68
CA PRO C 51 15.42 -10.65 16.73
C PRO C 51 14.34 -10.86 17.80
N LEU C 52 13.93 -9.78 18.45
CA LEU C 52 12.85 -9.81 19.45
C LEU C 52 12.01 -8.52 19.34
N THR C 53 10.74 -8.58 19.74
CA THR C 53 9.83 -7.47 19.50
C THR C 53 9.90 -6.34 20.53
N VAL C 54 9.73 -5.11 20.06
CA VAL C 54 9.50 -3.95 20.92
C VAL C 54 8.05 -4.00 21.38
N ALA C 55 7.84 -4.29 22.67
CA ALA C 55 6.49 -4.55 23.16
C ALA C 55 5.81 -3.32 23.74
N ASP C 56 6.57 -2.26 23.99
CA ASP C 56 6.02 -0.98 24.44
C ASP C 56 7.17 -0.01 24.63
N THR C 57 6.87 1.26 24.83
CA THR C 57 7.90 2.25 25.13
C THR C 57 7.40 3.31 26.09
N LYS C 58 8.27 3.70 27.01
CA LYS C 58 8.04 4.83 27.93
C LYS C 58 9.11 5.89 27.67
N PRO C 59 8.91 6.71 26.61
CA PRO C 59 9.87 7.72 26.17
C PRO C 59 10.16 8.81 27.20
N GLU C 60 9.22 9.05 28.11
CA GLU C 60 9.37 10.08 29.13
C GLU C 60 10.68 9.89 29.88
N GLU C 61 10.88 8.67 30.39
CA GLU C 61 12.11 8.31 31.07
C GLU C 61 13.01 7.55 30.11
N GLY C 62 12.48 7.21 28.93
CA GLY C 62 13.26 6.66 27.84
C GLY C 62 13.48 5.16 27.86
N LEU C 63 12.45 4.41 28.22
CA LEU C 63 12.53 2.95 28.34
C LEU C 63 11.71 2.25 27.27
N PHE C 64 12.06 1.00 26.94
CA PHE C 64 11.17 0.20 26.08
C PHE C 64 11.07 -1.24 26.59
N ARG C 65 9.88 -1.80 26.46
CA ARG C 65 9.57 -3.15 26.96
C ARG C 65 9.67 -4.21 25.87
N MET C 66 10.13 -5.39 26.26
CA MET C 66 10.19 -6.54 25.35
C MET C 66 9.91 -7.83 26.11
N VAL C 67 9.14 -8.72 25.49
CA VAL C 67 8.69 -9.96 26.10
C VAL C 67 9.33 -11.16 25.40
N VAL C 68 9.97 -12.03 26.17
CA VAL C 68 10.75 -13.13 25.59
C VAL C 68 10.40 -14.53 26.14
N LYS C 69 10.32 -15.49 25.23
CA LYS C 69 10.07 -16.89 25.57
C LYS C 69 11.31 -17.75 25.31
N VAL C 70 11.56 -18.72 26.20
CA VAL C 70 12.75 -19.58 26.12
C VAL C 70 12.55 -20.72 25.12
N VAL C 71 13.31 -20.66 24.01
CA VAL C 71 13.20 -21.63 22.92
C VAL C 71 14.44 -22.50 22.68
N GLY C 72 15.62 -21.91 22.85
CA GLY C 72 16.87 -22.58 22.50
C GLY C 72 18.05 -21.89 23.15
N LYS C 73 19.27 -22.23 22.76
CA LYS C 73 20.48 -21.79 23.49
C LYS C 73 20.53 -20.29 23.78
N THR C 74 20.22 -19.48 22.79
CA THR C 74 20.36 -18.05 22.96
C THR C 74 19.30 -17.57 23.95
N THR C 75 18.06 -17.97 23.73
CA THR C 75 16.95 -17.64 24.63
C THR C 75 17.08 -18.37 25.98
N HIS C 76 17.63 -19.58 25.94
CA HIS C 76 18.00 -20.30 27.16
C HIS C 76 18.87 -19.37 27.99
N GLU C 77 19.93 -18.91 27.36
CA GLU C 77 20.97 -18.11 28.00
C GLU C 77 20.48 -16.70 28.39
N LEU C 78 19.58 -16.13 27.58
CA LEU C 78 19.05 -14.81 27.87
C LEU C 78 18.25 -14.70 29.18
N SER C 79 17.45 -15.71 29.48
CA SER C 79 16.54 -15.65 30.62
C SER C 79 17.23 -15.48 31.97
N LEU C 80 18.53 -15.78 32.01
CA LEU C 80 19.29 -15.73 33.26
C LEU C 80 19.67 -14.32 33.68
N LYS C 81 19.44 -13.34 32.80
CA LYS C 81 19.77 -11.95 33.09
C LYS C 81 19.04 -11.42 34.33
N LYS C 82 19.78 -11.00 35.35
CA LYS C 82 19.18 -10.34 36.51
C LYS C 82 18.98 -8.84 36.22
N GLU C 83 17.95 -8.23 36.81
CA GLU C 83 17.57 -6.87 36.40
C GLU C 83 18.45 -5.75 36.96
N GLY C 84 19.74 -5.87 36.66
CA GLY C 84 20.68 -4.78 36.78
C GLY C 84 21.58 -4.80 35.56
N ASP C 85 21.64 -5.97 34.92
CA ASP C 85 22.47 -6.23 33.76
C ASP C 85 22.10 -5.40 32.53
N THR C 86 23.11 -5.08 31.72
CA THR C 86 22.92 -4.45 30.43
C THR C 86 23.05 -5.50 29.34
N ILE C 87 22.28 -5.33 28.26
CA ILE C 87 22.41 -6.21 27.10
C ILE C 87 23.43 -5.63 26.13
N LEU C 88 24.29 -6.50 25.60
CA LEU C 88 25.44 -6.03 24.82
C LEU C 88 25.04 -5.23 23.58
N ASP C 89 24.35 -5.87 22.64
CA ASP C 89 23.89 -5.16 21.43
C ASP C 89 22.37 -5.07 21.38
N VAL C 90 21.85 -3.87 21.20
CA VAL C 90 20.43 -3.66 20.95
C VAL C 90 20.26 -2.75 19.73
N VAL C 91 19.67 -3.29 18.67
CA VAL C 91 19.52 -2.57 17.41
C VAL C 91 18.07 -2.41 16.95
N GLY C 92 17.67 -1.15 16.72
CA GLY C 92 16.34 -0.80 16.24
C GLY C 92 16.08 0.69 16.26
N PRO C 93 14.84 1.13 15.96
CA PRO C 93 13.68 0.30 15.57
C PRO C 93 13.82 -0.24 14.16
N LEU C 94 13.45 -1.50 13.97
CA LEU C 94 13.56 -2.14 12.67
C LEU C 94 12.18 -2.50 12.14
N GLY C 95 12.06 -2.71 10.83
CA GLY C 95 10.80 -3.07 10.22
C GLY C 95 9.96 -1.84 10.05
N ASN C 96 8.86 -1.97 9.32
CA ASN C 96 7.95 -0.86 9.06
C ASN C 96 6.88 -0.68 10.14
N PRO C 97 6.61 0.58 10.52
CA PRO C 97 5.51 0.82 11.46
C PRO C 97 4.17 0.34 10.92
N SER C 98 3.29 -0.08 11.81
CA SER C 98 1.97 -0.58 11.45
C SER C 98 1.06 0.53 10.94
N GLU C 99 -0.14 0.16 10.50
CA GLU C 99 -1.15 1.11 10.10
C GLU C 99 -1.95 1.56 11.31
N ILE C 100 -1.70 2.79 11.77
CA ILE C 100 -2.33 3.27 13.01
C ILE C 100 -3.58 4.05 12.63
N GLU C 101 -3.47 4.92 11.64
CA GLU C 101 -4.67 5.48 11.03
C GLU C 101 -5.30 4.32 10.26
N ASN C 102 -6.48 4.55 9.68
CA ASN C 102 -7.37 3.48 9.24
C ASN C 102 -7.92 2.85 10.52
N TYR C 103 -9.08 3.34 10.96
CA TYR C 103 -9.69 2.88 12.22
C TYR C 103 -11.10 2.34 11.99
N GLY C 104 -11.80 2.04 13.09
CA GLY C 104 -13.14 1.50 13.05
C GLY C 104 -13.31 0.35 14.03
N ASN C 105 -14.05 -0.69 13.67
CA ASN C 105 -14.17 -1.89 14.52
C ASN C 105 -13.12 -2.93 14.11
N VAL C 106 -12.40 -3.49 15.09
CA VAL C 106 -11.27 -4.39 14.77
C VAL C 106 -11.16 -5.65 15.67
N LEU C 107 -10.60 -6.73 15.10
CA LEU C 107 -10.37 -8.00 15.81
C LEU C 107 -8.89 -8.43 15.82
N LEU C 108 -8.47 -9.10 16.90
CA LEU C 108 -7.09 -9.59 17.07
C LEU C 108 -7.02 -11.07 17.49
N VAL C 109 -5.83 -11.67 17.34
CA VAL C 109 -5.62 -13.09 17.66
C VAL C 109 -4.22 -13.35 18.27
N GLY C 110 -4.10 -14.40 19.09
CA GLY C 110 -2.86 -14.76 19.77
C GLY C 110 -2.59 -16.26 19.76
N GLY C 111 -1.31 -16.66 19.79
CA GLY C 111 -0.93 -18.06 19.65
C GLY C 111 -0.31 -18.75 20.87
N GLY C 112 -0.29 -20.09 20.84
CA GLY C 112 0.06 -20.91 21.99
C GLY C 112 1.43 -21.57 22.00
N VAL C 113 2.25 -21.29 20.99
CA VAL C 113 3.65 -21.71 20.98
C VAL C 113 4.51 -20.43 20.93
N GLY C 114 3.88 -19.32 20.53
CA GLY C 114 4.52 -18.01 20.50
C GLY C 114 3.48 -16.96 20.85
N ILE C 115 3.90 -15.81 21.38
CA ILE C 115 2.97 -14.85 21.99
C ILE C 115 2.97 -13.39 21.54
N ALA C 116 4.10 -12.71 21.74
CA ALA C 116 4.14 -11.25 21.76
C ALA C 116 3.83 -10.53 20.45
N THR C 117 4.04 -9.22 20.46
CA THR C 117 3.97 -8.34 19.27
C THR C 117 2.55 -7.81 19.00
N LEU C 118 1.55 -8.32 19.71
CA LEU C 118 0.16 -7.93 19.45
C LEU C 118 -0.32 -6.75 20.30
N TYR C 119 0.18 -6.70 21.52
CA TYR C 119 -0.18 -5.66 22.49
C TYR C 119 0.05 -4.23 21.96
N PRO C 120 1.29 -3.93 21.49
CA PRO C 120 1.59 -2.56 21.04
C PRO C 120 0.75 -2.13 19.83
N ILE C 121 0.35 -3.10 19.02
CA ILE C 121 -0.51 -2.83 17.88
C ILE C 121 -1.88 -2.40 18.38
N ALA C 122 -2.50 -3.26 19.19
CA ALA C 122 -3.79 -3.00 19.79
C ALA C 122 -3.86 -1.62 20.45
N LYS C 123 -2.88 -1.34 21.31
CA LYS C 123 -2.89 -0.07 22.03
C LYS C 123 -2.83 1.13 21.08
N ALA C 124 -2.24 0.95 19.91
CA ALA C 124 -2.13 2.02 18.94
C ALA C 124 -3.44 2.12 18.14
N LEU C 125 -4.04 0.97 17.89
CA LEU C 125 -5.35 0.94 17.25
C LEU C 125 -6.38 1.69 18.08
N LYS C 126 -6.45 1.38 19.37
CA LYS C 126 -7.48 1.99 20.23
C LYS C 126 -7.35 3.52 20.32
N GLU C 127 -6.12 4.02 20.41
CA GLU C 127 -5.89 5.46 20.53
C GLU C 127 -6.19 6.21 19.23
N ALA C 128 -6.58 5.49 18.18
CA ALA C 128 -6.97 6.12 16.93
C ALA C 128 -8.44 6.50 16.99
N GLY C 129 -9.31 5.50 16.93
CA GLY C 129 -10.74 5.71 17.06
C GLY C 129 -11.49 4.39 17.11
N ASN C 130 -10.78 3.31 17.39
CA ASN C 130 -11.32 1.97 17.26
C ASN C 130 -12.12 1.43 18.43
N ASN C 131 -12.96 0.44 18.10
CA ASN C 131 -13.56 -0.46 19.07
C ASN C 131 -13.11 -1.87 18.70
N ILE C 132 -12.42 -2.51 19.64
CA ILE C 132 -11.67 -3.71 19.34
C ILE C 132 -12.31 -4.93 19.99
N THR C 133 -11.95 -6.11 19.50
CA THR C 133 -12.28 -7.37 20.16
C THR C 133 -11.04 -8.28 20.11
N THR C 134 -10.78 -9.02 21.19
CA THR C 134 -9.51 -9.73 21.35
C THR C 134 -9.64 -11.23 21.61
N VAL C 135 -8.66 -11.99 21.09
CA VAL C 135 -8.61 -13.45 21.26
C VAL C 135 -7.21 -13.93 21.64
N LEU C 136 -7.13 -14.73 22.70
CA LEU C 136 -5.85 -15.27 23.17
C LEU C 136 -5.92 -16.80 23.31
N GLY C 137 -4.93 -17.52 22.78
CA GLY C 137 -4.92 -18.98 22.79
C GLY C 137 -3.65 -19.64 23.31
N ALA C 138 -3.78 -20.86 23.83
CA ALA C 138 -2.65 -21.59 24.44
C ALA C 138 -2.78 -23.11 24.30
N ARG C 139 -1.73 -23.82 24.71
CA ARG C 139 -1.75 -25.28 24.72
C ARG C 139 -2.29 -25.80 26.04
N THR C 140 -2.42 -24.90 27.01
CA THR C 140 -3.02 -25.20 28.30
C THR C 140 -3.34 -23.89 28.99
N LYS C 141 -3.94 -23.98 30.18
CA LYS C 141 -4.29 -22.79 30.94
C LYS C 141 -3.07 -21.97 31.26
N ASP C 142 -2.21 -22.55 32.09
CA ASP C 142 -1.12 -21.82 32.71
C ASP C 142 0.18 -22.00 31.92
N TYR C 143 0.09 -22.66 30.78
CA TYR C 143 1.28 -22.94 29.99
C TYR C 143 1.85 -21.63 29.48
N LEU C 144 1.10 -20.99 28.59
CA LEU C 144 1.51 -19.72 28.00
C LEU C 144 0.36 -18.71 28.14
N ILE C 145 0.57 -17.66 28.92
CA ILE C 145 -0.42 -16.61 29.08
C ILE C 145 0.03 -15.35 28.33
N MET C 146 -0.81 -14.33 28.33
CA MET C 146 -0.49 -13.07 27.68
C MET C 146 -0.97 -11.93 28.55
N VAL C 147 -0.63 -10.71 28.18
CA VAL C 147 -1.03 -9.56 28.97
C VAL C 147 -2.56 -9.43 28.91
N ASP C 148 -3.25 -10.27 29.68
CA ASP C 148 -4.71 -10.36 29.65
C ASP C 148 -5.44 -9.13 30.14
N GLU C 149 -5.05 -8.62 31.30
CA GLU C 149 -5.79 -7.52 31.92
C GLU C 149 -5.65 -6.26 31.07
N PHE C 150 -4.42 -5.87 30.78
CA PHE C 150 -4.18 -4.67 29.97
C PHE C 150 -4.87 -4.78 28.61
N LYS C 151 -5.04 -6.01 28.12
CA LYS C 151 -5.79 -6.22 26.89
C LYS C 151 -7.30 -6.00 27.14
N GLU C 152 -7.83 -6.60 28.21
CA GLU C 152 -9.21 -6.37 28.60
C GLU C 152 -9.48 -4.87 28.77
N ILE C 153 -8.46 -4.12 29.18
CA ILE C 153 -8.61 -2.66 29.31
C ILE C 153 -8.99 -1.99 27.99
N SER C 154 -8.41 -2.44 26.88
CA SER C 154 -8.65 -1.78 25.60
C SER C 154 -10.12 -1.92 25.22
N ASP C 155 -10.67 -3.13 25.44
CA ASP C 155 -12.10 -3.42 25.34
C ASP C 155 -12.30 -4.92 25.48
N VAL C 156 -13.53 -5.37 25.28
CA VAL C 156 -13.91 -6.75 25.59
C VAL C 156 -13.00 -7.83 24.97
N LEU C 157 -12.65 -8.80 25.80
CA LEU C 157 -11.67 -9.85 25.48
C LEU C 157 -12.28 -11.25 25.59
N LEU C 158 -11.89 -12.14 24.68
CA LEU C 158 -12.23 -13.56 24.75
C LEU C 158 -11.00 -14.44 24.97
N VAL C 159 -11.12 -15.42 25.85
CA VAL C 159 -10.01 -16.31 26.18
C VAL C 159 -10.22 -17.71 25.61
N THR C 160 -9.14 -18.29 25.08
CA THR C 160 -9.18 -19.63 24.52
C THR C 160 -7.94 -20.41 24.92
N ASP C 161 -8.00 -21.74 24.81
CA ASP C 161 -6.83 -22.58 25.02
C ASP C 161 -7.13 -23.97 24.45
N ASP C 162 -6.25 -24.94 24.71
CA ASP C 162 -6.41 -26.27 24.14
C ASP C 162 -7.66 -27.01 24.64
N GLY C 163 -8.23 -26.53 25.75
CA GLY C 163 -9.32 -27.20 26.41
C GLY C 163 -9.28 -26.96 27.91
N SER C 164 -8.19 -26.36 28.37
CA SER C 164 -7.90 -26.23 29.80
C SER C 164 -8.57 -24.99 30.41
N ALA C 165 -8.10 -23.81 30.03
CA ALA C 165 -8.67 -22.56 30.53
C ALA C 165 -9.89 -22.03 29.77
N GLY C 166 -10.27 -22.66 28.67
CA GLY C 166 -11.42 -22.19 27.94
C GLY C 166 -11.66 -22.88 26.61
N MET C 167 -12.94 -23.01 26.27
CA MET C 167 -13.37 -23.65 25.03
C MET C 167 -12.66 -24.99 24.79
N LYS C 168 -12.38 -25.31 23.54
CA LYS C 168 -11.81 -26.60 23.15
C LYS C 168 -10.56 -26.34 22.35
N GLY C 169 -9.99 -27.37 21.73
CA GLY C 169 -8.75 -27.24 20.99
C GLY C 169 -8.87 -26.28 19.81
N LYS C 183 -20.90 -2.28 7.23
CA LYS C 183 -19.93 -2.93 8.11
C LYS C 183 -18.53 -2.36 7.86
N PHE C 184 -17.66 -2.47 8.86
CA PHE C 184 -16.28 -1.99 8.75
C PHE C 184 -15.35 -2.80 9.67
N ASP C 185 -14.82 -3.90 9.15
CA ASP C 185 -14.00 -4.84 9.92
C ASP C 185 -12.60 -5.07 9.33
N ILE C 186 -11.58 -5.08 10.20
CA ILE C 186 -10.21 -5.45 9.82
C ILE C 186 -9.80 -6.62 10.72
N CYS C 187 -8.73 -7.35 10.39
CA CYS C 187 -8.19 -8.35 11.32
C CYS C 187 -6.66 -8.41 11.33
N TRP C 188 -6.12 -9.00 12.39
CA TRP C 188 -4.68 -9.16 12.59
C TRP C 188 -4.42 -10.49 13.31
N ALA C 189 -3.43 -11.26 12.85
CA ALA C 189 -3.09 -12.52 13.52
C ALA C 189 -1.59 -12.67 13.81
N VAL C 190 -1.25 -12.86 15.08
CA VAL C 190 0.15 -13.01 15.52
C VAL C 190 0.37 -14.21 16.46
N GLY C 191 1.35 -15.04 16.11
CA GLY C 191 1.63 -16.25 16.88
C GLY C 191 2.54 -17.21 16.13
N PRO C 192 2.52 -18.50 16.51
CA PRO C 192 3.34 -19.52 15.84
C PRO C 192 3.13 -19.58 14.33
N THR C 193 4.19 -19.87 13.59
CA THR C 193 4.12 -19.92 12.14
C THR C 193 3.16 -21.03 11.68
N ILE C 194 3.32 -22.20 12.29
CA ILE C 194 2.47 -23.35 12.01
C ILE C 194 1.00 -22.98 12.17
N MET C 195 0.71 -22.22 13.22
CA MET C 195 -0.63 -21.73 13.51
C MET C 195 -1.12 -20.80 12.42
N MET C 196 -0.30 -19.81 12.09
CA MET C 196 -0.64 -18.78 11.10
C MET C 196 -0.95 -19.42 9.74
N LYS C 197 -0.18 -20.45 9.37
CA LYS C 197 -0.48 -21.21 8.15
C LYS C 197 -1.94 -21.66 8.09
N PHE C 198 -2.32 -22.57 8.98
CA PHE C 198 -3.66 -23.16 8.94
C PHE C 198 -4.75 -22.15 9.30
N CYS C 199 -4.40 -21.11 10.04
CA CYS C 199 -5.32 -20.01 10.23
C CYS C 199 -5.66 -19.36 8.88
N THR C 200 -4.63 -19.08 8.07
CA THR C 200 -4.86 -18.57 6.70
C THR C 200 -5.50 -19.58 5.74
N LEU C 201 -4.95 -20.79 5.65
CA LEU C 201 -5.27 -21.73 4.57
C LEU C 201 -6.76 -21.99 4.30
N LYS C 202 -7.61 -21.80 5.29
CA LYS C 202 -9.05 -21.86 5.07
C LYS C 202 -9.65 -20.46 4.90
N ALA C 203 -9.60 -19.97 3.67
CA ALA C 203 -10.44 -18.87 3.23
C ALA C 203 -11.78 -19.44 2.73
N ARG C 204 -11.88 -20.78 2.72
CA ARG C 204 -13.09 -21.44 2.24
C ARG C 204 -14.18 -21.35 3.31
N GLU C 205 -13.78 -21.44 4.57
CA GLU C 205 -14.72 -21.50 5.68
C GLU C 205 -15.40 -20.15 5.88
N PHE C 206 -14.62 -19.12 6.23
CA PHE C 206 -15.15 -17.77 6.44
C PHE C 206 -14.64 -16.73 5.44
N GLY C 207 -13.61 -17.06 4.66
CA GLY C 207 -13.04 -16.10 3.73
C GLY C 207 -12.49 -14.87 4.43
N VAL C 208 -11.33 -15.02 5.06
CA VAL C 208 -10.79 -14.05 6.01
C VAL C 208 -9.73 -13.11 5.39
N PRO C 209 -9.80 -11.78 5.68
CA PRO C 209 -8.75 -10.81 5.32
C PRO C 209 -7.78 -10.48 6.47
N ILE C 210 -6.54 -10.94 6.37
CA ILE C 210 -5.63 -10.92 7.53
C ILE C 210 -4.29 -10.22 7.30
N TRP C 211 -4.01 -9.26 8.18
CA TRP C 211 -2.64 -8.79 8.37
C TRP C 211 -1.95 -9.76 9.34
N VAL C 212 -0.67 -10.01 9.09
CA VAL C 212 0.09 -10.98 9.86
C VAL C 212 1.51 -10.47 10.10
N SER C 213 2.09 -10.77 11.25
CA SER C 213 3.46 -10.39 11.56
C SER C 213 4.33 -11.65 11.55
N LEU C 214 5.37 -11.67 10.72
CA LEU C 214 6.18 -12.86 10.48
C LEU C 214 7.33 -13.02 11.46
N ASN C 215 7.82 -14.25 11.57
CA ASN C 215 8.94 -14.58 12.45
C ASN C 215 9.95 -15.50 11.76
N PRO C 216 10.59 -15.03 10.68
CA PRO C 216 11.57 -15.82 9.92
C PRO C 216 13.01 -15.71 10.43
N ILE C 217 13.91 -16.42 9.76
CA ILE C 217 15.34 -16.36 10.07
C ILE C 217 15.91 -14.96 9.80
N MET C 218 16.46 -14.32 10.82
CA MET C 218 17.11 -13.03 10.68
C MET C 218 18.55 -13.04 11.20
N VAL C 219 19.38 -12.18 10.61
CA VAL C 219 20.74 -11.95 11.05
C VAL C 219 20.94 -10.47 11.35
N ASP C 220 21.03 -9.67 10.30
CA ASP C 220 21.18 -8.23 10.44
C ASP C 220 19.85 -7.55 10.70
N GLY C 221 18.83 -7.93 9.93
CA GLY C 221 17.53 -7.29 10.01
C GLY C 221 17.48 -5.98 9.24
N THR C 222 18.51 -5.72 8.43
CA THR C 222 18.61 -4.47 7.66
C THR C 222 18.37 -4.69 6.16
N GLY C 223 18.38 -5.96 5.73
CA GLY C 223 17.98 -6.29 4.38
C GLY C 223 19.10 -6.55 3.38
N MET C 224 20.32 -6.76 3.87
CA MET C 224 21.50 -6.85 3.00
C MET C 224 22.04 -8.26 2.93
N CYS C 225 21.34 -9.22 3.53
CA CYS C 225 21.82 -10.61 3.59
C CYS C 225 20.80 -11.56 2.97
N GLY C 226 19.52 -11.35 3.28
CA GLY C 226 18.46 -12.13 2.67
C GLY C 226 18.13 -13.40 3.43
N ALA C 227 18.47 -13.44 4.71
CA ALA C 227 18.13 -14.57 5.55
C ALA C 227 16.63 -14.69 5.69
N CYS C 228 16.00 -13.54 5.91
CA CYS C 228 14.56 -13.49 6.17
C CYS C 228 13.75 -13.49 4.88
N ARG C 229 14.35 -13.96 3.79
CA ARG C 229 13.66 -13.94 2.51
C ARG C 229 12.37 -14.77 2.58
N VAL C 230 11.36 -14.28 1.89
CA VAL C 230 10.04 -14.90 1.89
C VAL C 230 9.46 -14.83 0.49
N THR C 231 8.88 -15.94 0.05
CA THR C 231 8.21 -15.98 -1.24
C THR C 231 6.75 -15.58 -1.07
N VAL C 232 6.40 -14.42 -1.62
CA VAL C 232 5.03 -13.93 -1.56
C VAL C 232 4.46 -13.94 -2.97
N SER C 233 3.33 -14.62 -3.13
CA SER C 233 2.76 -14.88 -4.44
C SER C 233 3.80 -15.60 -5.28
N GLY C 234 4.76 -14.84 -5.80
CA GLY C 234 5.89 -15.40 -6.49
C GLY C 234 7.18 -14.64 -6.22
N GLN C 235 7.06 -13.45 -5.65
CA GLN C 235 8.21 -12.55 -5.50
C GLN C 235 8.83 -12.66 -4.13
N ILE C 236 10.16 -12.74 -4.11
CA ILE C 236 10.93 -12.84 -2.88
C ILE C 236 11.08 -11.48 -2.21
N LYS C 237 10.78 -11.41 -0.91
CA LYS C 237 10.98 -10.18 -0.14
C LYS C 237 11.66 -10.53 1.17
N PHE C 238 12.38 -9.55 1.73
CA PHE C 238 13.03 -9.72 3.03
C PHE C 238 12.13 -9.10 4.09
N ALA C 239 11.67 -9.91 5.02
CA ALA C 239 10.66 -9.48 5.98
C ALA C 239 11.14 -8.42 6.98
N CYS C 240 12.44 -8.35 7.24
CA CYS C 240 12.94 -7.43 8.26
C CYS C 240 12.83 -5.98 7.79
N VAL C 241 12.70 -5.80 6.49
CA VAL C 241 12.69 -4.48 5.88
C VAL C 241 11.30 -4.20 5.33
N ASP C 242 10.74 -5.18 4.62
CA ASP C 242 9.41 -5.06 4.03
C ASP C 242 8.30 -5.40 5.03
N GLY C 243 8.68 -6.10 6.09
CA GLY C 243 7.75 -6.50 7.14
C GLY C 243 8.22 -6.09 8.52
N PRO C 244 8.12 -7.01 9.51
CA PRO C 244 7.69 -8.41 9.41
C PRO C 244 6.21 -8.59 9.06
N GLU C 245 5.46 -7.49 9.01
CA GLU C 245 4.04 -7.59 8.76
C GLU C 245 3.71 -7.71 7.27
N PHE C 246 3.00 -8.78 6.92
CA PHE C 246 2.55 -9.04 5.56
C PHE C 246 1.06 -9.43 5.51
N ARG C 247 0.54 -9.58 4.30
CA ARG C 247 -0.84 -10.06 4.11
C ARG C 247 -0.81 -11.58 3.99
N GLY C 248 -1.46 -12.24 4.95
CA GLY C 248 -1.34 -13.68 5.10
C GLY C 248 -1.69 -14.53 3.88
N GLU C 249 -2.59 -14.01 3.05
CA GLU C 249 -3.12 -14.76 1.91
C GLU C 249 -2.08 -15.07 0.83
N GLU C 250 -1.10 -14.19 0.67
CA GLU C 250 -0.15 -14.27 -0.43
C GLU C 250 1.10 -15.12 -0.11
N VAL C 251 1.32 -15.37 1.17
CA VAL C 251 2.51 -16.08 1.62
C VAL C 251 2.57 -17.50 1.07
N ASP C 252 3.66 -17.82 0.38
CA ASP C 252 3.97 -19.21 0.07
C ASP C 252 4.40 -19.87 1.36
N TRP C 253 3.63 -20.86 1.82
CA TRP C 253 3.86 -21.46 3.13
C TRP C 253 4.70 -22.74 3.04
N ASP C 254 4.58 -23.46 1.92
CA ASP C 254 5.35 -24.68 1.72
C ASP C 254 6.80 -24.33 1.42
N GLU C 255 7.01 -23.39 0.49
CA GLU C 255 8.33 -22.85 0.20
C GLU C 255 8.71 -21.84 1.28
N LEU C 256 8.62 -22.23 2.55
CA LEU C 256 8.82 -21.32 3.67
C LEU C 256 8.93 -22.03 5.02
N LEU C 257 7.88 -22.74 5.40
CA LEU C 257 7.79 -23.34 6.73
C LEU C 257 8.88 -24.38 6.99
N LYS C 258 9.48 -24.90 5.93
CA LYS C 258 10.52 -25.93 6.03
C LYS C 258 11.89 -25.48 6.59
N ARG C 259 12.11 -24.18 6.75
CA ARG C 259 13.45 -23.69 7.09
C ARG C 259 13.62 -23.18 8.51
N LEU C 260 12.56 -23.16 9.31
CA LEU C 260 12.66 -22.56 10.64
C LEU C 260 13.48 -23.37 11.64
N ALA C 261 13.33 -24.69 11.62
CA ALA C 261 14.14 -25.59 12.44
C ALA C 261 15.22 -26.22 11.56
N GLN C 262 15.61 -25.48 10.52
CA GLN C 262 16.50 -25.98 9.46
C GLN C 262 17.79 -26.60 9.95
N TYR C 263 18.39 -26.02 11.00
CA TYR C 263 19.67 -26.50 11.48
C TYR C 263 19.52 -27.63 12.47
N ARG C 264 20.16 -28.76 12.16
CA ARG C 264 20.31 -29.86 13.11
C ARG C 264 21.49 -29.55 14.04
N GLU C 265 22.02 -28.35 13.88
CA GLU C 265 22.95 -27.74 14.82
C GLU C 265 22.19 -26.72 15.67
N GLN C 266 22.90 -26.07 16.60
CA GLN C 266 22.37 -24.92 17.35
C GLN C 266 21.28 -25.31 18.37
N GLU C 267 20.70 -26.49 18.22
CA GLU C 267 20.08 -27.16 19.35
C GLU C 267 21.08 -28.25 19.74
N LYS C 268 21.94 -28.59 18.79
CA LYS C 268 23.09 -29.43 19.05
C LYS C 268 23.99 -28.72 20.04
N ILE C 269 24.15 -27.40 19.90
CA ILE C 269 24.96 -26.62 20.83
C ILE C 269 24.23 -26.47 22.16
N SER C 270 22.90 -26.50 22.12
CA SER C 270 22.11 -26.35 23.34
C SER C 270 22.52 -27.47 24.30
N TYR C 271 22.81 -28.65 23.74
CA TYR C 271 23.44 -29.72 24.51
C TYR C 271 24.70 -29.19 25.17
N GLU C 272 25.55 -28.57 24.35
CA GLU C 272 26.85 -28.07 24.79
C GLU C 272 26.68 -27.06 25.91
N ARG C 273 25.74 -26.13 25.76
CA ARG C 273 25.58 -25.03 26.72
C ARG C 273 25.54 -25.53 28.15
N PHE C 274 25.24 -26.81 28.34
CA PHE C 274 25.11 -27.40 29.67
C PHE C 274 26.44 -27.43 30.42
N LEU C 275 27.26 -26.39 30.24
CA LEU C 275 28.47 -26.17 31.01
C LEU C 275 28.13 -25.57 32.35
N LYS C 276 27.44 -24.43 32.33
CA LYS C 276 27.08 -23.72 33.56
C LYS C 276 25.65 -23.20 33.46
N MET D 1 65.05 -18.23 -14.51
CA MET D 1 64.14 -18.19 -13.32
C MET D 1 64.25 -16.88 -12.55
N LYS D 2 65.39 -16.19 -12.68
CA LYS D 2 65.68 -15.06 -11.81
C LYS D 2 65.10 -13.73 -12.29
N ASN D 3 65.03 -12.80 -11.35
CA ASN D 3 64.41 -11.49 -11.54
C ASN D 3 62.92 -11.70 -11.78
N ARG D 4 62.41 -12.69 -11.06
CA ARG D 4 60.99 -12.83 -10.83
C ARG D 4 60.83 -12.19 -9.45
N LYS D 5 59.61 -12.05 -8.96
CA LYS D 5 59.40 -11.51 -7.62
C LYS D 5 60.22 -12.29 -6.60
N THR D 6 60.78 -11.61 -5.61
CA THR D 6 61.42 -12.28 -4.51
C THR D 6 60.36 -13.19 -3.87
N PRO D 7 60.71 -14.45 -3.62
CA PRO D 7 59.66 -15.30 -3.06
C PRO D 7 59.24 -14.87 -1.67
N MET D 8 57.94 -14.93 -1.39
CA MET D 8 57.42 -14.71 -0.06
C MET D 8 56.94 -16.05 0.44
N LYS D 9 57.17 -16.32 1.72
CA LYS D 9 56.65 -17.53 2.31
C LYS D 9 55.15 -17.42 2.44
N GLU D 10 54.44 -18.45 2.00
CA GLU D 10 53.00 -18.54 2.22
C GLU D 10 52.70 -19.85 2.92
N GLN D 11 51.57 -19.91 3.61
CA GLN D 11 51.15 -21.14 4.29
C GLN D 11 50.97 -22.23 3.24
N SER D 12 51.17 -23.48 3.65
CA SER D 12 51.02 -24.59 2.72
C SER D 12 49.54 -24.84 2.44
N PRO D 13 49.18 -25.19 1.19
CA PRO D 13 47.78 -25.43 0.83
C PRO D 13 47.06 -26.48 1.68
N GLU D 14 47.73 -27.60 1.97
CA GLU D 14 47.13 -28.65 2.78
C GLU D 14 46.96 -28.21 4.22
N SER D 15 47.89 -27.38 4.70
CA SER D 15 47.88 -26.92 6.08
C SER D 15 46.91 -25.76 6.27
N ARG D 16 46.80 -24.94 5.24
CA ARG D 16 45.95 -23.76 5.32
C ARG D 16 44.48 -24.09 5.10
N ARG D 17 44.20 -25.29 4.62
CA ARG D 17 42.82 -25.76 4.44
C ARG D 17 42.08 -25.86 5.77
N ARG D 18 42.82 -26.00 6.87
CA ARG D 18 42.21 -26.33 8.16
C ARG D 18 41.87 -25.12 9.01
N ASN D 19 42.45 -23.98 8.66
CA ASN D 19 42.33 -22.76 9.45
C ASN D 19 41.91 -21.60 8.59
N PHE D 20 41.54 -20.50 9.25
CA PHE D 20 41.24 -19.27 8.55
C PHE D 20 42.37 -18.25 8.75
N GLU D 21 43.49 -18.72 9.29
CA GLU D 21 44.65 -17.84 9.47
C GLU D 21 45.22 -17.50 8.10
N GLU D 22 45.87 -16.34 8.01
CA GLU D 22 46.36 -15.85 6.73
C GLU D 22 47.38 -16.75 6.07
N VAL D 23 47.30 -16.80 4.75
CA VAL D 23 48.12 -17.66 3.92
C VAL D 23 49.46 -17.02 3.55
N ALA D 24 49.43 -15.74 3.18
CA ALA D 24 50.66 -15.01 2.88
C ALA D 24 51.28 -14.45 4.15
N LEU D 25 52.43 -15.02 4.53
CA LEU D 25 53.03 -14.73 5.83
C LEU D 25 53.96 -13.51 5.83
N GLY D 26 54.36 -13.07 4.64
CA GLY D 26 55.12 -11.84 4.52
C GLY D 26 56.62 -11.99 4.34
N TYR D 27 57.20 -11.00 3.67
CA TYR D 27 58.63 -10.99 3.40
C TYR D 27 59.43 -10.86 4.67
N THR D 28 60.64 -11.43 4.65
CA THR D 28 61.68 -11.07 5.60
C THR D 28 62.25 -9.75 5.14
N LEU D 29 62.98 -9.06 6.01
CA LEU D 29 63.57 -7.78 5.64
C LEU D 29 64.51 -7.91 4.44
N GLU D 30 65.35 -8.93 4.44
CA GLU D 30 66.31 -9.14 3.36
C GLU D 30 65.60 -9.40 2.04
N GLU D 31 64.48 -10.11 2.09
CA GLU D 31 63.66 -10.37 0.90
C GLU D 31 63.03 -9.07 0.39
N ALA D 32 62.52 -8.26 1.32
CA ALA D 32 62.02 -6.92 0.97
C ALA D 32 63.13 -6.07 0.37
N LEU D 33 64.33 -6.17 0.95
CA LEU D 33 65.47 -5.43 0.44
C LEU D 33 65.89 -5.92 -0.93
N GLU D 34 65.86 -7.24 -1.10
CA GLU D 34 66.20 -7.88 -2.37
C GLU D 34 65.20 -7.43 -3.43
N GLU D 35 63.94 -7.34 -3.03
CA GLU D 35 62.87 -6.95 -3.95
C GLU D 35 62.89 -5.46 -4.29
N ALA D 36 63.14 -4.61 -3.29
CA ALA D 36 63.20 -3.15 -3.50
C ALA D 36 64.38 -2.72 -4.38
N GLN D 37 65.40 -3.57 -4.51
CA GLN D 37 66.57 -3.30 -5.34
C GLN D 37 66.29 -3.61 -6.79
N ARG D 38 65.24 -4.38 -7.02
CA ARG D 38 64.83 -4.69 -8.38
C ARG D 38 64.28 -3.43 -9.02
N CYS D 39 63.77 -2.53 -8.18
CA CYS D 39 63.19 -1.28 -8.65
C CYS D 39 64.25 -0.34 -9.19
N LEU D 40 64.02 0.13 -10.41
CA LEU D 40 65.01 0.87 -11.17
C LEU D 40 64.97 2.37 -10.91
N GLN D 41 64.01 2.80 -10.09
CA GLN D 41 63.82 4.21 -9.82
C GLN D 41 63.61 4.99 -11.13
N CYS D 42 62.63 4.56 -11.93
CA CYS D 42 62.39 5.17 -13.23
C CYS D 42 62.01 6.65 -13.11
N PRO D 43 62.74 7.54 -13.80
CA PRO D 43 62.43 8.97 -13.73
C PRO D 43 61.01 9.30 -14.19
N THR D 44 60.49 8.53 -15.14
CA THR D 44 59.12 8.72 -15.62
C THR D 44 58.12 7.98 -14.75
N HIS D 45 58.64 7.11 -13.88
CA HIS D 45 57.86 6.34 -12.89
C HIS D 45 56.45 6.01 -13.35
N PRO D 46 56.34 5.13 -14.35
CA PRO D 46 55.04 4.74 -14.92
C PRO D 46 54.19 3.89 -13.97
N CYS D 47 54.83 3.12 -13.10
CA CYS D 47 54.11 2.31 -12.12
C CYS D 47 53.00 3.10 -11.41
N VAL D 48 53.34 4.31 -10.99
CA VAL D 48 52.42 5.12 -10.21
C VAL D 48 51.18 5.48 -11.04
N SER D 49 51.33 5.44 -12.36
CA SER D 49 50.21 5.76 -13.23
C SER D 49 49.17 4.62 -13.22
N GLY D 50 49.56 3.47 -12.69
CA GLY D 50 48.63 2.36 -12.57
C GLY D 50 47.96 2.33 -11.21
N CYS D 51 48.45 3.15 -10.30
CA CYS D 51 47.92 3.23 -8.95
C CYS D 51 46.80 4.27 -8.95
N PRO D 52 45.60 3.90 -8.46
CA PRO D 52 44.48 4.84 -8.51
C PRO D 52 44.76 6.16 -7.81
N VAL D 53 45.56 6.15 -6.75
CA VAL D 53 45.87 7.37 -6.01
C VAL D 53 47.32 7.83 -6.23
N GLU D 54 48.03 7.14 -7.12
CA GLU D 54 49.34 7.57 -7.59
C GLU D 54 50.37 7.76 -6.47
N ILE D 55 50.58 6.71 -5.70
CA ILE D 55 51.57 6.73 -4.64
C ILE D 55 52.98 6.84 -5.20
N ASP D 56 53.81 7.63 -4.53
CA ASP D 56 55.22 7.73 -4.88
C ASP D 56 55.89 6.39 -4.63
N ILE D 57 55.72 5.49 -5.59
CA ILE D 57 56.17 4.10 -5.45
C ILE D 57 57.69 4.01 -5.35
N PRO D 58 58.41 4.48 -6.37
CA PRO D 58 59.86 4.36 -6.28
C PRO D 58 60.42 5.12 -5.10
N GLY D 59 59.67 6.11 -4.63
CA GLY D 59 60.09 6.85 -3.48
C GLY D 59 60.10 5.99 -2.23
N PHE D 60 58.96 5.39 -1.90
CA PHE D 60 58.89 4.61 -0.66
C PHE D 60 59.67 3.32 -0.82
N ILE D 61 59.80 2.85 -2.04
CA ILE D 61 60.62 1.68 -2.28
C ILE D 61 62.10 2.02 -2.01
N ARG D 62 62.54 3.16 -2.53
CA ARG D 62 63.92 3.62 -2.31
C ARG D 62 64.17 3.89 -0.82
N LYS D 63 63.23 4.55 -0.15
CA LYS D 63 63.37 4.76 1.28
C LYS D 63 63.42 3.43 2.02
N LEU D 64 62.66 2.44 1.57
CA LEU D 64 62.75 1.09 2.14
C LEU D 64 64.12 0.44 1.94
N ARG D 65 64.57 0.35 0.68
CA ARG D 65 65.84 -0.30 0.37
C ARG D 65 67.03 0.39 1.07
N ASP D 66 66.98 1.71 1.18
CA ASP D 66 68.03 2.46 1.86
C ASP D 66 67.89 2.35 3.37
N GLY D 67 66.80 1.73 3.81
CA GLY D 67 66.55 1.50 5.23
C GLY D 67 65.78 2.57 5.99
N LYS D 68 65.27 3.56 5.29
CA LYS D 68 64.54 4.65 5.94
C LYS D 68 63.06 4.28 6.04
N LEU D 69 62.75 3.36 6.92
CA LEU D 69 61.42 2.75 6.97
C LEU D 69 60.33 3.74 7.37
N GLU D 70 60.65 4.60 8.32
CA GLU D 70 59.66 5.52 8.85
C GLU D 70 59.26 6.56 7.80
N GLU D 71 60.24 7.09 7.07
CA GLU D 71 59.97 8.03 5.99
C GLU D 71 59.14 7.36 4.88
N SER D 72 59.49 6.13 4.54
CA SER D 72 58.76 5.33 3.56
C SER D 72 57.29 5.20 3.97
N TYR D 73 57.07 4.86 5.24
CA TYR D 73 55.70 4.76 5.76
C TYR D 73 54.98 6.11 5.71
N ARG D 74 55.68 7.19 6.07
CA ARG D 74 55.07 8.51 6.04
C ARG D 74 54.63 8.84 4.61
N ILE D 75 55.49 8.52 3.65
CA ILE D 75 55.17 8.67 2.24
C ILE D 75 53.88 7.93 1.91
N LEU D 76 53.81 6.65 2.26
CA LEU D 76 52.57 5.90 2.05
C LEU D 76 51.38 6.58 2.70
N LYS D 77 51.49 6.99 3.96
CA LYS D 77 50.34 7.57 4.65
C LYS D 77 49.95 8.94 4.09
N SER D 78 50.89 9.63 3.48
CA SER D 78 50.55 10.90 2.83
C SER D 78 49.66 10.69 1.62
N TYR D 79 49.61 9.45 1.12
CA TYR D 79 48.76 9.10 -0.01
C TYR D 79 47.62 8.20 0.42
N ASN D 80 47.98 7.12 1.11
CA ASN D 80 47.04 6.07 1.47
C ASN D 80 46.94 5.87 2.98
N ASN D 81 45.72 5.95 3.51
CA ASN D 81 45.49 5.65 4.92
C ASN D 81 45.56 4.16 5.22
N LEU D 82 45.31 3.31 4.22
CA LEU D 82 45.19 1.86 4.43
C LEU D 82 46.18 1.02 3.62
N PRO D 83 47.48 1.34 3.69
CA PRO D 83 48.50 0.64 2.92
C PRO D 83 48.61 -0.84 3.30
N ALA D 84 48.43 -1.14 4.59
CA ALA D 84 48.49 -2.52 5.05
C ALA D 84 47.42 -3.36 4.39
N VAL D 85 46.33 -2.72 3.97
CA VAL D 85 45.24 -3.41 3.29
C VAL D 85 45.55 -3.54 1.82
N CYS D 86 45.79 -2.41 1.19
CA CYS D 86 45.97 -2.37 -0.23
C CYS D 86 47.15 -3.24 -0.66
N GLY D 87 48.24 -3.19 0.08
CA GLY D 87 49.36 -4.07 -0.24
C GLY D 87 48.97 -5.54 -0.27
N ARG D 88 47.99 -5.89 0.56
CA ARG D 88 47.45 -7.24 0.59
C ARG D 88 46.40 -7.51 -0.50
N VAL D 89 45.44 -6.60 -0.68
CA VAL D 89 44.27 -6.88 -1.52
C VAL D 89 44.12 -6.19 -2.88
N CYS D 90 44.80 -5.08 -3.14
CA CYS D 90 44.69 -4.44 -4.46
C CYS D 90 44.94 -5.46 -5.58
N PRO D 91 44.15 -5.38 -6.67
CA PRO D 91 44.50 -6.18 -7.84
C PRO D 91 45.65 -5.56 -8.61
N GLN D 92 46.85 -5.62 -8.02
CA GLN D 92 47.98 -4.87 -8.54
C GLN D 92 48.31 -5.26 -9.98
N GLU D 93 47.84 -6.44 -10.39
CA GLU D 93 48.19 -6.97 -11.69
C GLU D 93 47.54 -6.18 -12.83
N VAL D 94 46.48 -5.44 -12.51
CA VAL D 94 45.86 -4.50 -13.45
C VAL D 94 45.97 -3.06 -12.96
N GLN D 95 46.76 -2.85 -11.92
CA GLN D 95 46.96 -1.53 -11.34
C GLN D 95 48.46 -1.25 -11.38
N CYS D 96 49.09 -1.02 -10.22
CA CYS D 96 50.47 -0.55 -10.19
C CYS D 96 51.46 -1.47 -10.92
N GLU D 97 51.36 -2.78 -10.70
CA GLU D 97 52.32 -3.73 -11.25
C GLU D 97 52.13 -3.99 -12.76
N SER D 98 51.01 -3.51 -13.30
CA SER D 98 50.76 -3.61 -14.73
C SER D 98 51.48 -2.52 -15.48
N ARG D 99 51.94 -1.49 -14.77
CA ARG D 99 52.63 -0.35 -15.37
C ARG D 99 54.13 -0.34 -15.06
N CYS D 100 54.58 -1.31 -14.27
CA CYS D 100 55.99 -1.42 -13.91
C CYS D 100 56.83 -1.89 -15.09
N VAL D 101 57.88 -1.15 -15.41
CA VAL D 101 58.78 -1.49 -16.50
C VAL D 101 59.34 -2.91 -16.37
N VAL D 102 59.79 -3.27 -15.17
CA VAL D 102 60.49 -4.52 -14.94
C VAL D 102 59.64 -5.73 -15.33
N GLY D 103 58.33 -5.58 -15.27
CA GLY D 103 57.42 -6.69 -15.52
C GLY D 103 57.12 -6.98 -16.97
N LYS D 104 57.34 -6.00 -17.84
CA LYS D 104 57.04 -6.17 -19.26
C LYS D 104 58.01 -7.13 -19.93
N MET D 105 59.21 -7.27 -19.35
CA MET D 105 60.23 -8.17 -19.88
C MET D 105 59.75 -9.62 -19.88
N LYS D 106 60.25 -10.40 -20.83
CA LYS D 106 59.87 -11.79 -20.98
C LYS D 106 60.49 -12.64 -19.87
N ASP D 107 59.74 -13.62 -19.38
CA ASP D 107 60.19 -14.48 -18.28
C ASP D 107 60.54 -13.63 -17.07
N SER D 108 59.74 -12.60 -16.82
CA SER D 108 60.05 -11.62 -15.78
C SER D 108 58.81 -11.06 -15.08
N GLU D 109 58.83 -11.05 -13.75
CA GLU D 109 57.75 -10.48 -12.96
C GLU D 109 58.11 -9.06 -12.55
N PRO D 110 57.09 -8.19 -12.36
CA PRO D 110 57.34 -6.81 -11.95
C PRO D 110 57.81 -6.72 -10.50
N VAL D 111 58.20 -5.53 -10.08
CA VAL D 111 58.47 -5.27 -8.67
C VAL D 111 57.21 -5.57 -7.86
N ALA D 112 57.37 -6.22 -6.72
CA ALA D 112 56.22 -6.56 -5.89
C ALA D 112 55.82 -5.39 -5.04
N ILE D 113 55.38 -4.33 -5.71
CA ILE D 113 55.00 -3.07 -5.09
C ILE D 113 54.02 -3.25 -3.93
N GLY D 114 53.05 -4.14 -4.12
CA GLY D 114 52.06 -4.43 -3.10
C GLY D 114 52.65 -5.15 -1.89
N ARG D 115 53.53 -6.12 -2.12
CA ARG D 115 54.19 -6.82 -1.02
C ARG D 115 55.05 -5.85 -0.20
N LEU D 116 55.69 -4.92 -0.90
CA LEU D 116 56.59 -3.96 -0.29
C LEU D 116 55.82 -2.92 0.53
N GLU D 117 54.76 -2.38 -0.06
CA GLU D 117 53.82 -1.52 0.66
C GLU D 117 53.35 -2.23 1.93
N ARG D 118 52.91 -3.48 1.76
CA ARG D 118 52.48 -4.32 2.86
C ARG D 118 53.55 -4.40 3.95
N PHE D 119 54.77 -4.74 3.53
CA PHE D 119 55.89 -4.88 4.46
C PHE D 119 56.08 -3.63 5.31
N VAL D 120 56.17 -2.49 4.64
CA VAL D 120 56.37 -1.23 5.36
C VAL D 120 55.21 -0.97 6.34
N ALA D 121 53.97 -1.13 5.89
CA ALA D 121 52.85 -0.90 6.79
C ALA D 121 52.87 -1.89 7.97
N ASP D 122 53.32 -3.12 7.73
CA ASP D 122 53.36 -4.11 8.80
C ASP D 122 54.41 -3.66 9.78
N TRP D 123 55.52 -3.16 9.26
CA TRP D 123 56.56 -2.62 10.09
C TRP D 123 56.06 -1.48 10.94
N ALA D 124 55.40 -0.50 10.32
CA ALA D 124 54.93 0.68 11.06
C ALA D 124 53.83 0.32 12.02
N ALA D 125 53.07 -0.71 11.66
CA ALA D 125 52.01 -1.18 12.52
C ALA D 125 52.64 -1.82 13.74
N GLU D 126 53.69 -2.60 13.48
CA GLU D 126 54.35 -3.36 14.53
C GLU D 126 55.56 -2.65 15.15
N ASN D 127 55.97 -1.50 14.64
CA ASN D 127 57.16 -0.81 15.19
C ASN D 127 57.11 0.71 15.37
N LEU D 128 55.93 1.31 15.46
CA LEU D 128 55.84 2.77 15.64
C LEU D 128 55.30 3.12 17.03
N GLU D 129 55.37 4.41 17.35
CA GLU D 129 54.95 4.92 18.66
C GLU D 129 54.17 6.23 18.46
N GLU D 130 54.24 7.11 19.46
CA GLU D 130 53.67 8.47 19.45
C GLU D 130 52.23 8.52 20.00
N ASP D 131 51.48 7.42 19.87
CA ASP D 131 50.07 7.33 20.31
C ASP D 131 49.37 8.69 20.18
N VAL D 132 48.87 8.95 18.98
CA VAL D 132 48.58 10.31 18.51
C VAL D 132 47.54 11.08 19.33
N LYS D 133 47.68 12.40 19.29
CA LYS D 133 46.75 13.32 19.95
C LYS D 133 45.44 13.40 19.19
N PRO D 134 44.30 13.45 19.91
CA PRO D 134 43.05 13.69 19.21
C PRO D 134 42.97 15.12 18.72
N LEU D 135 42.57 15.30 17.47
CA LEU D 135 42.55 16.62 16.86
C LEU D 135 41.13 17.15 16.75
N ALA D 136 40.16 16.27 16.97
CA ALA D 136 38.76 16.64 16.96
C ALA D 136 38.44 17.42 18.23
N GLY D 137 37.54 18.40 18.12
CA GLY D 137 37.16 19.21 19.26
C GLY D 137 37.82 20.58 19.30
N SER D 138 38.42 20.98 18.18
CA SER D 138 39.04 22.30 18.08
C SER D 138 38.11 23.33 17.42
N LYS D 139 37.42 22.91 16.36
CA LYS D 139 36.57 23.81 15.56
C LYS D 139 35.08 23.61 15.85
N LYS D 140 34.29 24.63 15.50
CA LYS D 140 32.88 24.73 15.86
C LYS D 140 31.94 23.75 15.16
N GLU D 141 32.41 23.12 14.08
CA GLU D 141 31.51 22.38 13.22
C GLU D 141 31.47 20.88 13.52
N LYS D 142 30.30 20.30 13.28
CA LYS D 142 30.05 18.88 13.44
C LYS D 142 29.82 18.27 12.06
N VAL D 143 30.40 17.10 11.82
CA VAL D 143 30.21 16.38 10.57
C VAL D 143 29.80 14.95 10.84
N ALA D 144 28.87 14.43 10.04
CA ALA D 144 28.44 13.05 10.19
C ALA D 144 28.96 12.16 9.07
N VAL D 145 29.51 11.02 9.44
CA VAL D 145 29.99 10.02 8.50
C VAL D 145 29.14 8.75 8.60
N VAL D 146 28.56 8.39 7.47
CA VAL D 146 27.68 7.23 7.39
C VAL D 146 28.41 6.06 6.72
N GLY D 147 28.70 5.02 7.50
CA GLY D 147 29.39 3.85 7.00
C GLY D 147 30.81 3.74 7.54
N SER D 148 31.19 2.53 7.95
CA SER D 148 32.51 2.27 8.53
C SER D 148 33.39 1.39 7.66
N GLY D 149 33.15 1.40 6.35
CA GLY D 149 34.01 0.68 5.42
C GLY D 149 35.21 1.54 5.07
N PRO D 150 35.97 1.13 4.04
CA PRO D 150 37.14 1.86 3.56
C PRO D 150 36.90 3.36 3.46
N ALA D 151 35.77 3.73 2.87
CA ALA D 151 35.48 5.12 2.60
C ALA D 151 35.29 5.93 3.87
N GLY D 152 34.36 5.50 4.71
CA GLY D 152 33.99 6.26 5.89
C GLY D 152 35.10 6.41 6.92
N LEU D 153 35.86 5.35 7.09
CA LEU D 153 37.01 5.35 7.98
C LEU D 153 37.99 6.44 7.55
N THR D 154 38.28 6.48 6.26
CA THR D 154 39.23 7.43 5.72
C THR D 154 38.71 8.85 5.80
N ALA D 155 37.50 9.07 5.30
CA ALA D 155 36.90 10.40 5.38
C ALA D 155 36.85 10.90 6.82
N ALA D 156 36.37 10.06 7.73
CA ALA D 156 36.26 10.41 9.13
C ALA D 156 37.64 10.75 9.70
N ALA D 157 38.61 9.87 9.47
CA ALA D 157 40.00 10.12 9.84
C ALA D 157 40.46 11.50 9.43
N ASP D 158 40.42 11.75 8.13
CA ASP D 158 40.92 13.01 7.57
C ASP D 158 40.17 14.22 8.12
N LEU D 159 38.86 14.08 8.28
CA LEU D 159 38.05 15.15 8.84
C LEU D 159 38.37 15.43 10.30
N ALA D 160 38.60 14.38 11.07
CA ALA D 160 39.01 14.51 12.46
C ALA D 160 40.36 15.19 12.53
N LYS D 161 41.26 14.81 11.63
CA LYS D 161 42.58 15.42 11.56
C LYS D 161 42.50 16.94 11.34
N MET D 162 41.42 17.43 10.74
CA MET D 162 41.29 18.85 10.41
C MET D 162 40.62 19.67 11.51
N GLY D 163 40.22 19.02 12.60
CA GLY D 163 39.70 19.72 13.76
C GLY D 163 38.19 19.66 13.93
N TYR D 164 37.51 19.06 12.97
CA TYR D 164 36.05 19.02 13.00
C TYR D 164 35.53 18.00 14.00
N HIS D 165 34.30 18.21 14.47
CA HIS D 165 33.63 17.24 15.33
C HIS D 165 33.05 16.14 14.45
N VAL D 166 33.67 14.96 14.48
CA VAL D 166 33.28 13.87 13.59
C VAL D 166 32.61 12.71 14.32
N ASP D 167 31.39 12.41 13.90
CA ASP D 167 30.65 11.28 14.43
C ASP D 167 30.36 10.29 13.32
N ILE D 168 30.99 9.11 13.40
CA ILE D 168 30.74 8.06 12.41
C ILE D 168 29.61 7.14 12.86
N PHE D 169 28.83 6.65 11.91
CA PHE D 169 27.71 5.74 12.20
C PHE D 169 27.79 4.42 11.43
N GLU D 170 27.75 3.30 12.15
CA GLU D 170 27.79 1.96 11.55
C GLU D 170 26.63 1.10 12.03
N ALA D 171 26.10 0.28 11.12
CA ALA D 171 24.98 -0.58 11.44
C ALA D 171 25.43 -1.72 12.34
N PHE D 172 26.57 -2.31 12.00
CA PHE D 172 27.03 -3.52 12.67
C PHE D 172 27.70 -3.24 14.01
N HIS D 173 27.91 -4.32 14.76
CA HIS D 173 28.54 -4.28 16.07
C HIS D 173 30.07 -4.26 15.97
N LYS D 174 30.61 -4.59 14.79
CA LYS D 174 32.05 -4.69 14.59
C LYS D 174 32.56 -3.43 13.89
N PRO D 175 33.81 -3.04 14.18
CA PRO D 175 34.39 -1.82 13.59
C PRO D 175 34.28 -1.63 12.06
N GLY D 176 34.88 -2.50 11.26
CA GLY D 176 35.02 -2.25 9.83
C GLY D 176 33.78 -2.39 8.96
N GLY D 177 34.00 -2.47 7.65
CA GLY D 177 32.93 -2.63 6.67
C GLY D 177 33.01 -3.96 5.95
N VAL D 178 33.20 -3.91 4.64
CA VAL D 178 33.50 -5.13 3.89
C VAL D 178 34.76 -5.76 4.47
N LEU D 179 35.56 -4.95 5.15
CA LEU D 179 36.83 -5.38 5.71
C LEU D 179 36.67 -6.35 6.87
N VAL D 180 35.48 -6.41 7.48
CA VAL D 180 35.25 -7.32 8.61
C VAL D 180 34.33 -8.49 8.27
N TYR D 181 33.30 -8.25 7.47
CA TYR D 181 32.34 -9.31 7.18
C TYR D 181 32.48 -9.84 5.77
N GLY D 182 33.26 -9.14 4.96
CA GLY D 182 33.40 -9.47 3.55
C GLY D 182 34.67 -10.24 3.22
N ILE D 183 35.81 -9.57 3.34
CA ILE D 183 37.09 -10.19 3.05
C ILE D 183 37.42 -11.12 4.24
N PRO D 184 37.87 -12.36 3.96
CA PRO D 184 38.14 -13.29 5.06
C PRO D 184 39.43 -13.06 5.82
N GLU D 185 39.54 -13.77 6.94
CA GLU D 185 40.73 -13.72 7.79
C GLU D 185 41.95 -14.21 7.03
N PHE D 186 41.77 -15.17 6.12
CA PHE D 186 42.92 -15.72 5.41
C PHE D 186 43.38 -14.84 4.24
N ARG D 187 42.68 -13.73 4.02
CA ARG D 187 43.06 -12.73 3.02
C ARG D 187 43.42 -11.40 3.69
N LEU D 188 42.57 -11.02 4.64
CA LEU D 188 42.75 -9.78 5.40
C LEU D 188 42.44 -10.03 6.89
N PRO D 189 43.48 -10.25 7.73
CA PRO D 189 43.31 -10.41 9.18
C PRO D 189 42.63 -9.22 9.85
N LYS D 190 41.76 -9.52 10.81
CA LYS D 190 40.93 -8.49 11.42
C LYS D 190 41.71 -7.61 12.38
N ARG D 191 42.90 -8.03 12.77
CA ARG D 191 43.78 -7.19 13.58
C ARG D 191 44.14 -5.90 12.83
N ILE D 192 44.18 -6.00 11.51
CA ILE D 192 44.64 -4.93 10.62
C ILE D 192 43.64 -3.79 10.60
N VAL D 193 42.37 -4.13 10.64
CA VAL D 193 41.31 -3.13 10.68
C VAL D 193 41.26 -2.51 12.07
N GLU D 194 41.43 -3.35 13.09
CA GLU D 194 41.44 -2.92 14.49
C GLU D 194 42.51 -1.86 14.70
N ARG D 195 43.67 -2.04 14.07
CA ARG D 195 44.71 -1.00 14.05
C ARG D 195 44.13 0.38 13.73
N GLU D 196 43.56 0.50 12.54
CA GLU D 196 43.08 1.78 12.05
C GLU D 196 41.94 2.28 12.93
N VAL D 197 41.10 1.36 13.38
CA VAL D 197 40.00 1.73 14.26
C VAL D 197 40.49 2.41 15.54
N SER D 198 41.45 1.78 16.23
CA SER D 198 42.03 2.38 17.43
C SER D 198 42.66 3.74 17.10
N TYR D 199 43.45 3.75 16.03
CA TYR D 199 44.02 4.98 15.48
C TYR D 199 43.01 6.10 15.30
N ILE D 200 41.88 5.81 14.67
CA ILE D 200 40.86 6.83 14.43
C ILE D 200 40.11 7.21 15.71
N ARG D 201 39.88 6.26 16.60
CA ARG D 201 39.32 6.57 17.90
C ARG D 201 40.21 7.53 18.65
N LYS D 202 41.51 7.28 18.59
CA LYS D 202 42.48 8.11 19.28
C LYS D 202 42.54 9.52 18.69
N LEU D 203 41.99 9.70 17.49
CA LEU D 203 41.95 11.03 16.87
C LEU D 203 40.75 11.84 17.39
N GLY D 204 39.85 11.19 18.12
CA GLY D 204 38.70 11.85 18.71
C GLY D 204 37.43 11.75 17.88
N VAL D 205 37.38 10.73 17.02
CA VAL D 205 36.18 10.45 16.25
C VAL D 205 35.19 9.74 17.17
N ASN D 206 33.93 10.17 17.11
CA ASN D 206 32.88 9.54 17.90
C ASN D 206 32.26 8.39 17.12
N PHE D 207 32.45 7.18 17.63
CA PHE D 207 31.87 5.99 17.01
C PHE D 207 30.47 5.79 17.54
N HIS D 208 29.49 5.91 16.65
CA HIS D 208 28.10 5.59 16.99
C HIS D 208 27.70 4.29 16.30
N LEU D 209 28.03 3.19 16.98
CA LEU D 209 27.80 1.85 16.50
C LEU D 209 26.42 1.39 16.92
N ASN D 210 26.02 0.22 16.42
CA ASN D 210 24.67 -0.29 16.61
C ASN D 210 23.64 0.72 16.14
N THR D 211 24.07 1.66 15.30
CA THR D 211 23.21 2.74 14.81
C THR D 211 23.02 2.64 13.29
N VAL D 212 21.82 2.26 12.87
CA VAL D 212 21.47 2.18 11.44
C VAL D 212 20.78 3.47 11.01
N VAL D 213 21.45 4.25 10.18
CA VAL D 213 20.87 5.50 9.72
C VAL D 213 19.69 5.16 8.80
N GLY D 214 18.55 5.78 9.07
CA GLY D 214 17.32 5.51 8.33
C GLY D 214 16.32 4.63 9.07
N LYS D 215 16.79 3.85 10.03
CA LYS D 215 15.90 3.05 10.88
C LYS D 215 16.09 3.41 12.35
N THR D 216 17.29 3.18 12.87
CA THR D 216 17.59 3.55 14.25
C THR D 216 17.40 5.03 14.47
N VAL D 217 17.82 5.82 13.48
CA VAL D 217 17.64 7.27 13.49
C VAL D 217 17.25 7.70 12.08
N LYS D 218 16.24 8.54 11.96
CA LYS D 218 15.75 8.96 10.66
C LYS D 218 16.74 9.95 10.07
N VAL D 219 16.93 9.88 8.76
CA VAL D 219 17.91 10.71 8.08
C VAL D 219 17.75 12.19 8.38
N LYS D 220 16.50 12.64 8.43
CA LYS D 220 16.16 14.04 8.61
C LYS D 220 16.65 14.58 9.95
N GLU D 221 16.48 13.79 11.00
CA GLU D 221 16.98 14.14 12.32
C GLU D 221 18.49 14.33 12.26
N LEU D 222 19.16 13.41 11.58
CA LEU D 222 20.60 13.48 11.40
C LEU D 222 21.00 14.71 10.56
N LEU D 223 20.18 15.07 9.58
CA LEU D 223 20.43 16.28 8.79
C LEU D 223 20.31 17.52 9.65
N SER D 224 19.31 17.56 10.53
CA SER D 224 19.11 18.72 11.38
C SER D 224 20.28 19.00 12.30
N GLU D 225 20.93 17.95 12.79
CA GLU D 225 21.93 18.07 13.85
C GLU D 225 23.38 18.16 13.35
N TYR D 226 23.59 18.04 12.05
CA TYR D 226 24.95 18.10 11.48
C TYR D 226 25.06 19.10 10.33
N ASP D 227 26.21 19.77 10.27
CA ASP D 227 26.48 20.80 9.27
C ASP D 227 26.75 20.18 7.90
N ALA D 228 27.42 19.03 7.90
CA ALA D 228 27.67 18.29 6.67
C ALA D 228 27.66 16.79 6.91
N VAL D 229 27.45 16.05 5.83
CA VAL D 229 27.34 14.61 5.90
C VAL D 229 28.08 13.92 4.74
N PHE D 230 28.83 12.87 5.09
CA PHE D 230 29.45 11.99 4.11
C PHE D 230 28.82 10.61 4.13
N ILE D 231 28.41 10.14 2.97
CA ILE D 231 27.76 8.84 2.81
C ILE D 231 28.70 7.80 2.22
N GLY D 232 29.03 6.77 2.99
CA GLY D 232 29.91 5.70 2.54
C GLY D 232 29.33 4.35 2.92
N THR D 233 28.10 4.13 2.50
CA THR D 233 27.28 3.01 2.91
C THR D 233 27.51 1.76 2.06
N GLY D 234 28.36 1.89 1.05
CA GLY D 234 28.68 0.77 0.19
C GLY D 234 27.58 0.42 -0.78
N ALA D 235 27.64 -0.82 -1.26
CA ALA D 235 26.60 -1.39 -2.10
C ALA D 235 25.81 -2.41 -1.28
N GLY D 236 26.27 -3.66 -1.29
CA GLY D 236 25.88 -4.66 -0.31
C GLY D 236 24.48 -5.22 -0.36
N THR D 237 23.62 -4.70 -1.22
CA THR D 237 22.30 -5.28 -1.38
C THR D 237 22.42 -6.36 -2.44
N PRO D 238 22.32 -7.63 -2.03
CA PRO D 238 22.69 -8.68 -2.98
C PRO D 238 21.75 -8.78 -4.18
N LYS D 239 22.28 -9.25 -5.30
CA LYS D 239 21.48 -9.55 -6.47
C LYS D 239 21.14 -11.03 -6.45
N PHE D 240 19.85 -11.33 -6.57
CA PHE D 240 19.38 -12.70 -6.61
C PHE D 240 18.99 -13.08 -8.02
N MET D 241 19.28 -14.32 -8.42
CA MET D 241 18.86 -14.82 -9.71
C MET D 241 17.34 -14.84 -9.82
N GLY D 242 16.68 -15.33 -8.78
CA GLY D 242 15.22 -15.37 -8.73
C GLY D 242 14.66 -16.58 -9.45
N ILE D 243 15.51 -17.55 -9.76
CA ILE D 243 15.09 -18.76 -10.48
C ILE D 243 14.27 -19.71 -9.58
N PRO D 244 13.64 -20.72 -10.20
CA PRO D 244 12.91 -21.71 -9.37
C PRO D 244 13.85 -22.48 -8.47
N GLY D 245 13.43 -22.70 -7.22
CA GLY D 245 14.23 -23.44 -6.27
C GLY D 245 15.20 -22.55 -5.53
N THR D 246 15.00 -21.25 -5.65
CA THR D 246 15.88 -20.26 -5.00
C THR D 246 15.76 -20.29 -3.48
N ASN D 247 14.59 -20.67 -2.98
CA ASN D 247 14.31 -20.61 -1.55
C ASN D 247 14.38 -21.98 -0.85
N LEU D 248 14.95 -22.96 -1.54
CA LEU D 248 15.15 -24.27 -0.95
C LEU D 248 16.21 -24.15 0.14
N ASN D 249 16.17 -25.03 1.12
CA ASN D 249 17.21 -25.04 2.13
C ASN D 249 18.54 -25.43 1.48
N GLY D 250 19.61 -24.72 1.81
CA GLY D 250 20.94 -24.97 1.26
C GLY D 250 21.42 -23.88 0.31
N VAL D 251 20.52 -22.99 -0.10
CA VAL D 251 20.86 -21.90 -1.00
C VAL D 251 20.90 -20.59 -0.23
N TYR D 252 22.05 -19.93 -0.28
CA TYR D 252 22.26 -18.66 0.43
C TYR D 252 22.89 -17.63 -0.50
N SER D 253 22.71 -16.37 -0.15
CA SER D 253 23.50 -15.30 -0.72
C SER D 253 24.87 -15.30 -0.06
N ALA D 254 25.89 -14.90 -0.83
CA ALA D 254 27.25 -14.84 -0.30
C ALA D 254 27.40 -13.84 0.86
N ASN D 255 26.59 -12.78 0.88
CA ASN D 255 26.61 -11.85 2.00
C ASN D 255 26.31 -12.55 3.34
N GLU D 256 25.25 -13.36 3.41
CA GLU D 256 24.90 -14.00 4.68
C GLU D 256 25.92 -15.06 5.07
N PHE D 257 26.36 -15.84 4.09
CA PHE D 257 27.37 -16.85 4.32
C PHE D 257 28.62 -16.21 4.89
N LEU D 258 29.16 -15.22 4.17
CA LEU D 258 30.38 -14.54 4.57
C LEU D 258 30.19 -13.81 5.90
N THR D 259 29.03 -13.21 6.11
CA THR D 259 28.72 -12.55 7.37
C THR D 259 28.70 -13.56 8.52
N ARG D 260 28.08 -14.71 8.29
CA ARG D 260 28.04 -15.77 9.30
C ARG D 260 29.44 -16.25 9.66
N VAL D 261 30.20 -16.61 8.63
CA VAL D 261 31.53 -17.15 8.84
C VAL D 261 32.47 -16.13 9.49
N ASN D 262 32.70 -15.00 8.82
CA ASN D 262 33.77 -14.09 9.25
C ASN D 262 33.41 -13.17 10.40
N LEU D 263 32.28 -12.46 10.27
CA LEU D 263 31.92 -11.46 11.26
C LEU D 263 31.51 -12.10 12.58
N MET D 264 30.66 -13.12 12.49
CA MET D 264 30.16 -13.81 13.68
C MET D 264 31.06 -14.98 14.11
N LYS D 265 32.09 -15.27 13.30
CA LYS D 265 33.10 -16.28 13.62
C LYS D 265 32.51 -17.67 13.76
N ALA D 266 31.64 -18.04 12.84
CA ALA D 266 30.95 -19.32 12.87
C ALA D 266 31.84 -20.48 12.41
N TYR D 267 33.05 -20.18 11.97
CA TYR D 267 34.00 -21.23 11.58
C TYR D 267 34.62 -21.91 12.81
N LEU D 268 34.48 -21.30 13.97
CA LEU D 268 34.94 -21.90 15.23
C LEU D 268 33.79 -22.62 15.91
N PHE D 269 32.60 -22.51 15.31
CA PHE D 269 31.39 -23.13 15.82
C PHE D 269 31.67 -24.60 16.05
N PRO D 270 31.12 -25.18 17.13
CA PRO D 270 30.21 -24.59 18.13
C PRO D 270 30.87 -23.85 19.28
N GLU D 271 32.08 -23.31 19.08
CA GLU D 271 32.67 -22.46 20.10
C GLU D 271 31.87 -21.17 20.17
N TYR D 272 31.84 -20.44 19.06
CA TYR D 272 30.94 -19.30 18.93
C TYR D 272 29.56 -19.82 18.57
N ASP D 273 28.54 -19.20 19.13
CA ASP D 273 27.18 -19.72 19.11
C ASP D 273 26.47 -19.51 17.78
N THR D 274 27.09 -18.77 16.88
CA THR D 274 26.48 -18.46 15.58
C THR D 274 26.66 -19.66 14.65
N PRO D 275 25.54 -20.21 14.14
CA PRO D 275 25.66 -21.46 13.39
C PRO D 275 26.04 -21.34 11.93
N ILE D 276 26.59 -22.42 11.40
CA ILE D 276 26.89 -22.53 9.98
C ILE D 276 26.72 -23.98 9.54
N ARG D 277 25.88 -24.20 8.54
CA ARG D 277 25.75 -25.52 7.96
C ARG D 277 26.86 -25.71 6.95
N VAL D 278 27.63 -26.79 7.10
CA VAL D 278 28.68 -27.08 6.16
C VAL D 278 28.07 -27.81 4.98
N GLY D 279 28.35 -27.33 3.78
CA GLY D 279 27.97 -28.03 2.57
C GLY D 279 29.03 -29.07 2.25
N LYS D 280 28.60 -30.22 1.74
CA LYS D 280 29.53 -31.31 1.44
C LYS D 280 30.07 -31.19 0.03
N LYS D 281 29.19 -30.85 -0.89
CA LYS D 281 29.58 -30.52 -2.26
C LYS D 281 28.98 -29.17 -2.60
N VAL D 282 29.80 -28.13 -2.58
CA VAL D 282 29.31 -26.77 -2.72
C VAL D 282 29.57 -26.18 -4.09
N ALA D 283 28.62 -25.36 -4.54
CA ALA D 283 28.80 -24.57 -5.76
C ALA D 283 28.69 -23.08 -5.45
N VAL D 284 29.63 -22.32 -6.00
CA VAL D 284 29.61 -20.86 -5.90
C VAL D 284 29.41 -20.26 -7.29
N ILE D 285 28.43 -19.39 -7.43
CA ILE D 285 28.17 -18.76 -8.71
C ILE D 285 28.76 -17.34 -8.78
N GLY D 286 29.77 -17.17 -9.62
CA GLY D 286 30.45 -15.90 -9.75
C GLY D 286 31.95 -16.09 -9.76
N ALA D 287 32.66 -15.06 -10.25
CA ALA D 287 34.12 -15.06 -10.26
C ALA D 287 34.71 -13.79 -9.65
N GLY D 288 33.92 -13.09 -8.84
CA GLY D 288 34.40 -11.91 -8.15
C GLY D 288 35.27 -12.30 -6.97
N ASN D 289 35.60 -11.33 -6.14
CA ASN D 289 36.33 -11.60 -4.92
C ASN D 289 35.40 -12.21 -3.90
N THR D 290 34.16 -11.76 -3.96
CA THR D 290 33.12 -12.30 -3.13
C THR D 290 33.01 -13.83 -3.32
N ALA D 291 32.81 -14.25 -4.56
CA ALA D 291 32.71 -15.68 -4.87
C ALA D 291 33.99 -16.44 -4.50
N MET D 292 35.14 -15.88 -4.85
CA MET D 292 36.42 -16.55 -4.60
C MET D 292 36.60 -16.76 -3.10
N ASP D 293 36.23 -15.74 -2.32
CA ASP D 293 36.32 -15.81 -0.87
C ASP D 293 35.34 -16.84 -0.31
N ALA D 294 34.11 -16.81 -0.79
CA ALA D 294 33.10 -17.75 -0.33
C ALA D 294 33.51 -19.20 -0.63
N ALA D 295 34.05 -19.39 -1.83
CA ALA D 295 34.55 -20.69 -2.26
C ALA D 295 35.68 -21.17 -1.38
N ARG D 296 36.66 -20.31 -1.17
CA ARG D 296 37.80 -20.68 -0.33
C ARG D 296 37.36 -20.90 1.13
N SER D 297 36.32 -20.19 1.57
CA SER D 297 35.78 -20.37 2.92
C SER D 297 35.08 -21.70 3.11
N ALA D 298 34.20 -22.08 2.17
CA ALA D 298 33.48 -23.35 2.26
C ALA D 298 34.41 -24.55 2.39
N LEU D 299 35.49 -24.54 1.61
CA LEU D 299 36.51 -25.58 1.72
C LEU D 299 37.07 -25.67 3.13
N ARG D 300 37.32 -24.51 3.74
CA ARG D 300 37.85 -24.46 5.08
C ARG D 300 36.78 -24.86 6.09
N LEU D 301 35.52 -24.81 5.68
CA LEU D 301 34.44 -25.31 6.52
C LEU D 301 34.34 -26.82 6.44
N GLY D 302 35.22 -27.44 5.66
CA GLY D 302 35.31 -28.89 5.59
C GLY D 302 34.50 -29.51 4.47
N ALA D 303 34.26 -28.75 3.41
CA ALA D 303 33.55 -29.25 2.25
C ALA D 303 34.39 -30.26 1.48
N GLU D 304 33.72 -31.24 0.87
CA GLU D 304 34.40 -32.31 0.15
C GLU D 304 34.79 -31.85 -1.24
N LYS D 305 33.86 -31.19 -1.92
CA LYS D 305 34.14 -30.51 -3.18
C LYS D 305 33.48 -29.14 -3.22
N VAL D 306 34.21 -28.16 -3.73
CA VAL D 306 33.70 -26.79 -3.89
C VAL D 306 33.95 -26.31 -5.31
N TYR D 307 32.89 -25.81 -5.96
CA TYR D 307 32.96 -25.37 -7.35
C TYR D 307 32.75 -23.88 -7.50
N ILE D 308 33.56 -23.25 -8.35
CA ILE D 308 33.28 -21.90 -8.85
C ILE D 308 32.52 -22.05 -10.16
N VAL D 309 31.37 -21.40 -10.29
CA VAL D 309 30.54 -21.50 -11.49
C VAL D 309 30.36 -20.11 -12.14
N TYR D 310 30.94 -19.91 -13.31
CA TYR D 310 31.03 -18.56 -13.90
C TYR D 310 30.46 -18.51 -15.33
N ARG D 311 29.79 -17.40 -15.65
CA ARG D 311 29.15 -17.21 -16.95
C ARG D 311 30.14 -17.01 -18.10
N ARG D 312 31.39 -16.66 -17.78
CA ARG D 312 32.41 -16.38 -18.79
C ARG D 312 33.67 -17.25 -18.62
N THR D 313 34.78 -16.85 -19.24
CA THR D 313 35.98 -17.68 -19.28
C THR D 313 36.99 -17.27 -18.22
N GLU D 314 38.16 -17.90 -18.27
CA GLU D 314 39.18 -17.72 -17.24
C GLU D 314 39.83 -16.35 -17.20
N ARG D 315 40.04 -15.73 -18.35
CA ARG D 315 40.75 -14.46 -18.37
C ARG D 315 39.75 -13.31 -18.26
N GLU D 316 38.47 -13.65 -18.15
CA GLU D 316 37.43 -12.67 -17.90
C GLU D 316 37.12 -12.60 -16.42
N MET D 317 37.62 -13.59 -15.68
CA MET D 317 37.45 -13.63 -14.23
C MET D 317 38.04 -12.36 -13.62
N PRO D 318 37.24 -11.62 -12.82
CA PRO D 318 37.67 -10.34 -12.26
C PRO D 318 38.34 -10.39 -10.89
N ALA D 319 38.60 -11.58 -10.36
CA ALA D 319 39.14 -11.70 -9.03
C ALA D 319 40.64 -11.53 -9.05
N ARG D 320 41.19 -11.18 -7.90
CA ARG D 320 42.64 -11.10 -7.74
C ARG D 320 43.23 -12.42 -8.16
N ARG D 321 44.12 -12.37 -9.15
CA ARG D 321 44.69 -13.59 -9.73
C ARG D 321 45.47 -14.39 -8.69
N GLU D 322 46.21 -13.69 -7.82
CA GLU D 322 46.98 -14.32 -6.76
C GLU D 322 46.07 -15.23 -5.92
N GLU D 323 44.85 -14.76 -5.69
CA GLU D 323 43.87 -15.47 -4.89
C GLU D 323 43.21 -16.62 -5.66
N TYR D 324 43.05 -16.41 -6.96
CA TYR D 324 42.56 -17.46 -7.86
C TYR D 324 43.52 -18.63 -7.92
N HIS D 325 44.79 -18.34 -8.15
CA HIS D 325 45.81 -19.37 -8.10
C HIS D 325 45.87 -20.00 -6.70
N HIS D 326 45.83 -19.18 -5.65
CA HIS D 326 45.69 -19.74 -4.30
C HIS D 326 44.54 -20.73 -4.26
N ALA D 327 43.41 -20.38 -4.86
CA ALA D 327 42.26 -21.28 -4.90
C ALA D 327 42.62 -22.59 -5.62
N LEU D 328 43.28 -22.47 -6.76
CA LEU D 328 43.77 -23.65 -7.48
C LEU D 328 44.72 -24.49 -6.60
N GLU D 329 45.59 -23.82 -5.86
CA GLU D 329 46.56 -24.48 -5.01
C GLU D 329 45.87 -25.28 -3.90
N GLU D 330 44.67 -24.83 -3.52
CA GLU D 330 43.89 -25.47 -2.47
C GLU D 330 42.99 -26.59 -3.01
N GLY D 331 43.01 -26.78 -4.31
CA GLY D 331 42.37 -27.94 -4.92
C GLY D 331 40.98 -27.65 -5.43
N ILE D 332 40.61 -26.38 -5.50
CA ILE D 332 39.30 -26.00 -6.01
C ILE D 332 39.20 -26.33 -7.49
N GLU D 333 38.01 -26.78 -7.90
CA GLU D 333 37.72 -27.06 -9.30
C GLU D 333 36.89 -25.91 -9.88
N PHE D 334 37.14 -25.58 -11.15
CA PHE D 334 36.54 -24.42 -11.80
C PHE D 334 35.70 -24.79 -13.02
N LEU D 335 34.54 -24.15 -13.15
CA LEU D 335 33.61 -24.38 -14.25
C LEU D 335 33.41 -23.12 -15.10
N TRP D 336 34.17 -23.02 -16.18
CA TRP D 336 34.07 -21.89 -17.10
C TRP D 336 32.89 -22.04 -18.06
N LEU D 337 32.21 -20.94 -18.33
CA LEU D 337 31.09 -20.89 -19.28
C LEU D 337 29.96 -21.85 -18.91
N THR D 338 29.50 -21.73 -17.66
CA THR D 338 28.39 -22.52 -17.15
C THR D 338 27.40 -21.60 -16.43
N LEU D 339 26.11 -21.85 -16.60
CA LEU D 339 25.07 -20.99 -16.04
C LEU D 339 23.92 -21.82 -15.46
N PRO D 340 23.66 -21.71 -14.14
CA PRO D 340 22.54 -22.46 -13.56
C PRO D 340 21.18 -21.97 -14.04
N ILE D 341 20.26 -22.90 -14.25
CA ILE D 341 18.93 -22.57 -14.75
C ILE D 341 17.86 -23.05 -13.79
N ARG D 342 18.19 -24.05 -12.97
CA ARG D 342 17.27 -24.48 -11.92
C ARG D 342 18.01 -25.14 -10.77
N TYR D 343 17.51 -24.89 -9.57
CA TYR D 343 18.00 -25.59 -8.39
C TYR D 343 17.13 -26.80 -8.20
N ILE D 344 17.73 -27.90 -7.76
CA ILE D 344 17.01 -29.16 -7.62
C ILE D 344 17.03 -29.64 -6.18
N GLY D 345 15.82 -29.80 -5.65
CA GLY D 345 15.60 -30.15 -4.26
C GLY D 345 14.91 -31.48 -4.08
N ASP D 346 14.89 -31.94 -2.84
CA ASP D 346 14.40 -33.25 -2.49
C ASP D 346 13.03 -33.15 -1.81
N ALA D 347 12.56 -34.26 -1.23
CA ALA D 347 11.25 -34.30 -0.59
C ALA D 347 11.14 -33.20 0.45
N ASN D 348 12.18 -33.06 1.25
CA ASN D 348 12.28 -31.99 2.23
C ASN D 348 12.73 -30.73 1.53
N GLY D 349 12.86 -29.64 2.29
CA GLY D 349 13.14 -28.36 1.70
C GLY D 349 14.51 -28.22 1.06
N ASN D 350 15.38 -29.20 1.27
CA ASN D 350 16.80 -29.04 0.94
C ASN D 350 17.15 -29.30 -0.53
N VAL D 351 18.20 -28.63 -1.00
CA VAL D 351 18.74 -28.90 -2.33
C VAL D 351 19.73 -30.05 -2.33
N GLU D 352 19.67 -30.86 -3.38
CA GLU D 352 20.58 -31.98 -3.55
C GLU D 352 21.30 -31.89 -4.90
N ALA D 353 20.79 -31.07 -5.81
CA ALA D 353 21.49 -30.86 -7.08
C ALA D 353 21.17 -29.52 -7.72
N MET D 354 21.84 -29.25 -8.84
CA MET D 354 21.60 -28.01 -9.57
C MET D 354 21.62 -28.23 -11.08
N GLU D 355 20.55 -27.81 -11.74
CA GLU D 355 20.49 -27.85 -13.20
C GLU D 355 21.09 -26.60 -13.83
N CYS D 356 22.00 -26.82 -14.77
CA CYS D 356 22.73 -25.75 -15.46
C CYS D 356 22.81 -25.93 -16.98
N VAL D 357 23.23 -24.87 -17.67
CA VAL D 357 23.44 -24.89 -19.12
C VAL D 357 24.85 -24.38 -19.40
N ARG D 358 25.34 -24.60 -20.61
CA ARG D 358 26.68 -24.14 -20.97
C ARG D 358 26.59 -22.94 -21.89
N MET D 359 27.60 -22.08 -21.82
CA MET D 359 27.56 -20.81 -22.53
C MET D 359 28.51 -20.82 -23.71
N GLU D 360 28.26 -19.90 -24.65
CA GLU D 360 29.10 -19.75 -25.82
C GLU D 360 29.58 -18.32 -25.94
N LEU D 361 30.71 -18.17 -26.64
CA LEU D 361 31.30 -16.88 -26.95
C LEU D 361 30.60 -16.24 -28.14
N LYS D 362 30.02 -15.06 -27.92
CA LYS D 362 29.31 -14.35 -28.97
C LYS D 362 30.03 -13.02 -29.19
N GLU D 363 29.63 -12.28 -30.22
CA GLU D 363 30.45 -11.20 -30.77
C GLU D 363 31.00 -10.20 -29.73
N ALA D 364 30.29 -9.08 -29.52
CA ALA D 364 30.67 -8.02 -28.58
C ALA D 364 29.90 -6.77 -28.98
N ASP D 365 29.73 -5.81 -28.07
CA ASP D 365 29.01 -4.59 -28.44
C ASP D 365 29.20 -3.43 -27.46
N GLY D 366 30.09 -2.50 -27.80
CA GLY D 366 30.19 -1.22 -27.11
C GLY D 366 30.25 -1.39 -25.62
N SER D 367 31.42 -1.77 -25.10
CA SER D 367 31.52 -2.32 -23.76
C SER D 367 30.85 -3.68 -23.81
N GLY D 368 30.34 -4.15 -22.69
CA GLY D 368 29.66 -5.43 -22.65
C GLY D 368 30.49 -6.64 -23.00
N ARG D 369 31.30 -6.57 -24.07
CA ARG D 369 32.22 -7.65 -24.42
C ARG D 369 31.42 -8.90 -24.81
N PRO D 370 32.10 -9.94 -25.35
CA PRO D 370 31.42 -11.12 -25.88
C PRO D 370 30.24 -11.59 -25.05
N ARG D 371 29.05 -11.54 -25.63
CA ARG D 371 27.83 -11.89 -24.93
C ARG D 371 27.85 -13.36 -24.57
N PRO D 372 27.76 -13.69 -23.28
CA PRO D 372 27.70 -15.13 -23.00
C PRO D 372 26.35 -15.69 -23.42
N VAL D 373 26.32 -16.66 -24.33
CA VAL D 373 25.03 -17.20 -24.79
C VAL D 373 24.82 -18.68 -24.47
N PRO D 374 23.69 -19.02 -23.81
CA PRO D 374 23.43 -20.42 -23.49
C PRO D 374 23.16 -21.26 -24.71
N ILE D 375 23.65 -22.49 -24.71
CA ILE D 375 23.45 -23.42 -25.82
C ILE D 375 22.32 -24.40 -25.47
N GLU D 376 21.50 -24.73 -26.46
CA GLU D 376 20.41 -25.68 -26.26
C GLU D 376 20.92 -27.11 -26.39
N GLY D 377 20.43 -27.99 -25.53
CA GLY D 377 20.85 -29.38 -25.56
C GLY D 377 22.13 -29.60 -24.79
N SER D 378 22.66 -28.51 -24.26
CA SER D 378 23.85 -28.58 -23.41
C SER D 378 23.44 -28.75 -21.96
N ASN D 379 22.14 -28.87 -21.72
CA ASN D 379 21.61 -28.95 -20.37
C ASN D 379 22.25 -30.07 -19.58
N PHE D 380 22.77 -29.77 -18.39
CA PHE D 380 23.28 -30.82 -17.52
C PHE D 380 22.98 -30.50 -16.05
N VAL D 381 23.48 -31.36 -15.17
CA VAL D 381 23.19 -31.25 -13.75
C VAL D 381 24.46 -31.46 -12.94
N LEU D 382 24.54 -30.75 -11.83
CA LEU D 382 25.66 -30.88 -10.92
C LEU D 382 25.18 -31.36 -9.55
N GLU D 383 25.91 -32.31 -8.98
CA GLU D 383 25.59 -32.89 -7.69
C GLU D 383 26.19 -32.04 -6.57
N VAL D 384 25.33 -31.26 -5.94
CA VAL D 384 25.74 -30.33 -4.88
C VAL D 384 24.65 -30.24 -3.81
N ASP D 385 25.05 -30.13 -2.56
CA ASP D 385 24.09 -29.98 -1.47
C ASP D 385 24.10 -28.55 -0.93
N MET D 386 24.86 -27.67 -1.59
CA MET D 386 24.98 -26.28 -1.18
C MET D 386 25.29 -25.37 -2.37
N VAL D 387 24.57 -24.24 -2.44
CA VAL D 387 24.75 -23.26 -3.51
C VAL D 387 24.91 -21.87 -2.90
N ILE D 388 25.90 -21.12 -3.38
CA ILE D 388 26.14 -19.75 -2.92
C ILE D 388 26.14 -18.79 -4.12
N GLU D 389 25.27 -17.78 -4.06
CA GLU D 389 25.15 -16.79 -5.16
C GLU D 389 25.95 -15.51 -4.89
N ALA D 390 26.99 -15.27 -5.71
CA ALA D 390 27.78 -14.05 -5.64
C ALA D 390 27.98 -13.39 -7.01
N ILE D 391 26.91 -13.28 -7.78
CA ILE D 391 27.00 -12.80 -9.17
C ILE D 391 26.75 -11.31 -9.31
N GLY D 392 26.62 -10.64 -8.18
CA GLY D 392 26.37 -9.21 -8.20
C GLY D 392 25.93 -8.64 -6.87
N GLN D 393 25.71 -7.33 -6.85
CA GLN D 393 25.34 -6.61 -5.65
C GLN D 393 24.79 -5.26 -6.08
N GLY D 394 23.96 -4.67 -5.22
CA GLY D 394 23.23 -3.48 -5.60
C GLY D 394 23.11 -2.45 -4.50
N PRO D 395 22.46 -1.32 -4.81
CA PRO D 395 22.24 -0.24 -3.85
C PRO D 395 20.98 -0.45 -2.99
N ASN D 396 21.05 0.07 -1.77
CA ASN D 396 19.90 0.08 -0.87
C ASN D 396 18.96 1.22 -1.22
N ARG D 397 17.97 0.94 -2.05
CA ARG D 397 17.08 1.99 -2.57
C ARG D 397 16.30 2.72 -1.46
N VAL D 398 15.96 2.01 -0.39
CA VAL D 398 15.13 2.60 0.66
C VAL D 398 15.87 3.73 1.34
N LEU D 399 17.08 3.43 1.79
CA LEU D 399 17.94 4.38 2.47
C LEU D 399 18.19 5.63 1.63
N LEU D 400 18.39 5.42 0.33
CA LEU D 400 18.64 6.52 -0.60
C LEU D 400 17.38 7.34 -0.83
N SER D 401 16.23 6.66 -0.88
CA SER D 401 14.96 7.34 -1.02
C SER D 401 14.66 8.31 0.13
N GLU D 402 15.27 8.09 1.30
CA GLU D 402 14.94 8.90 2.48
C GLU D 402 15.50 10.32 2.41
N PHE D 403 16.22 10.61 1.33
CA PHE D 403 16.71 11.96 1.04
C PHE D 403 15.88 12.63 -0.05
N PRO D 404 15.09 13.64 0.31
CA PRO D 404 14.32 14.34 -0.72
C PRO D 404 15.20 15.24 -1.59
N GLY D 405 14.96 15.25 -2.89
CA GLY D 405 15.74 16.08 -3.80
C GLY D 405 17.14 15.53 -4.01
N LEU D 406 17.31 14.26 -3.70
CA LEU D 406 18.61 13.61 -3.84
C LEU D 406 18.73 12.84 -5.14
N GLU D 407 19.61 13.30 -6.03
CA GLU D 407 19.74 12.67 -7.34
C GLU D 407 20.54 11.38 -7.30
N LEU D 408 19.99 10.36 -7.96
CA LEU D 408 20.66 9.10 -8.19
C LEU D 408 20.89 8.95 -9.70
N ASN D 409 21.88 8.14 -10.07
CA ASN D 409 22.13 7.85 -11.47
C ASN D 409 21.19 6.74 -11.93
N GLU D 410 21.27 6.40 -13.21
CA GLU D 410 20.42 5.38 -13.81
C GLU D 410 20.50 4.03 -13.07
N ARG D 411 21.68 3.73 -12.53
CA ARG D 411 21.96 2.42 -11.96
C ARG D 411 21.41 2.28 -10.54
N GLY D 412 20.90 3.38 -9.99
CA GLY D 412 20.35 3.40 -8.65
C GLY D 412 21.39 3.85 -7.63
N TYR D 413 22.62 4.03 -8.09
CA TYR D 413 23.69 4.56 -7.26
C TYR D 413 23.60 6.07 -7.20
N ILE D 414 24.24 6.66 -6.20
CA ILE D 414 24.19 8.09 -6.02
C ILE D 414 24.98 8.79 -7.11
N LYS D 415 24.45 9.92 -7.56
CA LYS D 415 25.21 10.82 -8.42
C LYS D 415 26.03 11.73 -7.52
N ALA D 416 27.34 11.65 -7.70
CA ALA D 416 28.24 12.51 -6.96
C ALA D 416 29.42 12.85 -7.84
N ASP D 417 29.96 14.04 -7.66
CA ASP D 417 31.11 14.48 -8.44
C ASP D 417 32.32 13.62 -8.09
N GLU D 418 32.97 13.09 -9.12
CA GLU D 418 34.08 12.17 -8.96
C GLU D 418 35.17 12.77 -8.09
N ASP D 419 35.30 14.09 -8.17
CA ASP D 419 36.38 14.79 -7.48
C ASP D 419 35.97 15.46 -6.16
N THR D 420 34.76 16.01 -6.06
CA THR D 420 34.35 16.72 -4.85
C THR D 420 33.57 15.83 -3.88
N GLY D 421 32.84 14.87 -4.44
CA GLY D 421 32.02 13.98 -3.65
C GLY D 421 30.68 14.62 -3.38
N ALA D 422 30.49 15.83 -3.88
CA ALA D 422 29.29 16.61 -3.60
C ALA D 422 28.06 16.02 -4.26
N THR D 423 26.94 16.17 -3.59
CA THR D 423 25.66 15.63 -4.01
C THR D 423 24.76 16.75 -4.52
N SER D 424 23.57 16.43 -5.01
CA SER D 424 22.59 17.45 -5.35
C SER D 424 22.08 18.16 -4.10
N VAL D 425 22.23 17.50 -2.95
CA VAL D 425 21.75 18.03 -1.68
C VAL D 425 22.83 18.82 -0.99
N LYS D 426 22.45 19.97 -0.44
CA LYS D 426 23.39 20.87 0.21
C LYS D 426 24.04 20.22 1.41
N GLY D 427 25.37 20.18 1.42
CA GLY D 427 26.12 19.71 2.56
C GLY D 427 26.21 18.20 2.60
N VAL D 428 25.67 17.55 1.58
CA VAL D 428 25.68 16.10 1.52
C VAL D 428 26.71 15.62 0.51
N PHE D 429 27.62 14.80 0.99
CA PHE D 429 28.67 14.20 0.18
C PHE D 429 28.55 12.66 0.16
N ALA D 430 29.33 12.00 -0.70
CA ALA D 430 29.27 10.54 -0.83
C ALA D 430 30.47 9.96 -1.60
N GLY D 431 30.81 8.70 -1.30
CA GLY D 431 31.89 8.02 -2.00
C GLY D 431 31.93 6.51 -1.74
N GLY D 432 32.68 5.79 -2.57
CA GLY D 432 32.77 4.35 -2.47
C GLY D 432 31.77 3.60 -3.33
N ASP D 433 31.40 2.40 -2.89
CA ASP D 433 30.54 1.51 -3.66
C ASP D 433 29.13 2.06 -3.84
N ILE D 434 28.80 3.11 -3.08
CA ILE D 434 27.48 3.73 -3.18
C ILE D 434 27.35 4.67 -4.38
N VAL D 435 28.49 5.14 -4.89
CA VAL D 435 28.55 6.01 -6.05
C VAL D 435 29.00 5.24 -7.29
N THR D 436 30.03 4.42 -7.10
CA THR D 436 30.69 3.73 -8.19
C THR D 436 30.11 2.34 -8.47
N GLY D 437 29.41 1.78 -7.50
CA GLY D 437 29.13 0.36 -7.51
C GLY D 437 30.39 -0.38 -7.08
N ALA D 438 30.28 -1.70 -6.95
CA ALA D 438 31.39 -2.51 -6.45
C ALA D 438 32.68 -2.23 -7.22
N ALA D 439 33.72 -1.82 -6.49
CA ALA D 439 35.03 -1.54 -7.08
C ALA D 439 36.17 -2.15 -6.25
N THR D 440 37.03 -1.30 -5.68
CA THR D 440 38.18 -1.74 -4.89
C THR D 440 38.32 -0.93 -3.61
N VAL D 441 39.12 -1.44 -2.69
CA VAL D 441 39.37 -0.74 -1.44
C VAL D 441 40.08 0.59 -1.63
N ILE D 442 41.05 0.59 -2.54
CA ILE D 442 41.89 1.75 -2.74
C ILE D 442 41.09 2.92 -3.33
N LYS D 443 40.08 2.61 -4.13
CA LYS D 443 39.25 3.66 -4.72
C LYS D 443 38.30 4.28 -3.70
N ALA D 444 37.78 3.47 -2.78
CA ALA D 444 36.91 3.98 -1.73
C ALA D 444 37.70 4.79 -0.74
N MET D 445 38.87 4.26 -0.37
CA MET D 445 39.83 5.04 0.42
C MET D 445 40.05 6.41 -0.25
N GLY D 446 40.52 6.37 -1.51
CA GLY D 446 40.84 7.58 -2.24
C GLY D 446 39.68 8.56 -2.24
N ALA D 447 38.49 8.00 -2.48
CA ALA D 447 37.26 8.79 -2.46
C ALA D 447 37.05 9.50 -1.13
N GLY D 448 37.29 8.80 -0.02
CA GLY D 448 37.17 9.42 1.30
C GLY D 448 38.17 10.56 1.52
N LYS D 449 39.43 10.31 1.18
CA LYS D 449 40.47 11.34 1.25
C LYS D 449 40.06 12.59 0.47
N LYS D 450 39.56 12.39 -0.76
CA LYS D 450 39.10 13.51 -1.59
C LYS D 450 37.87 14.23 -1.03
N ALA D 451 36.87 13.48 -0.58
CA ALA D 451 35.67 14.07 0.00
C ALA D 451 35.98 14.98 1.19
N ALA D 452 36.80 14.50 2.12
CA ALA D 452 37.16 15.29 3.31
C ALA D 452 37.62 16.73 2.97
N GLN D 453 38.44 16.84 1.94
CA GLN D 453 38.98 18.13 1.53
C GLN D 453 37.89 19.11 1.09
N PHE D 454 36.95 18.63 0.28
CA PHE D 454 35.92 19.51 -0.24
C PHE D 454 34.77 19.72 0.75
N ILE D 455 34.65 18.84 1.74
CA ILE D 455 33.78 19.14 2.88
C ILE D 455 34.40 20.29 3.70
N HIS D 456 35.71 20.19 3.97
CA HIS D 456 36.42 21.25 4.65
C HIS D 456 36.31 22.58 3.92
N SER D 457 36.62 22.57 2.63
CA SER D 457 36.54 23.78 1.81
C SER D 457 35.11 24.36 1.81
N TYR D 458 34.12 23.49 1.99
CA TYR D 458 32.72 23.92 2.01
C TYR D 458 32.35 24.59 3.33
N LEU D 459 32.60 23.91 4.45
CA LEU D 459 32.18 24.43 5.76
C LEU D 459 33.02 25.61 6.22
N THR D 460 33.99 26.01 5.40
CA THR D 460 34.75 27.23 5.62
C THR D 460 34.40 28.28 4.56
N GLY D 461 33.63 27.87 3.55
CA GLY D 461 33.18 28.78 2.51
C GLY D 461 34.15 28.98 1.37
N GLU D 462 35.23 28.20 1.34
CA GLU D 462 36.22 28.30 0.26
C GLU D 462 35.60 27.91 -1.07
N TRP D 463 34.69 26.94 -1.02
CA TRP D 463 34.08 26.40 -2.21
C TRP D 463 32.69 25.89 -1.91
N ASN D 464 31.69 26.46 -2.56
CA ASN D 464 30.33 25.99 -2.43
C ASN D 464 29.73 25.74 -3.80
N PRO D 465 29.52 24.47 -4.17
CA PRO D 465 28.95 24.19 -5.49
C PRO D 465 27.47 24.53 -5.51
N TRP D 466 26.89 24.72 -4.33
CA TRP D 466 25.48 25.04 -4.20
C TRP D 466 25.38 26.53 -3.93
N GLN D 467 24.97 27.29 -4.95
CA GLN D 467 24.86 28.74 -4.82
C GLN D 467 23.45 29.22 -5.16
N LYS D 468 23.21 29.46 -6.45
CA LYS D 468 21.95 30.00 -6.90
C LYS D 468 21.64 29.52 -8.32
FE1 FES E . -21.20 11.30 -12.49
FE2 FES E . -22.24 11.27 -9.62
S1 FES E . -20.24 11.46 -10.53
S2 FES E . -23.20 11.35 -11.59
PA FAD F . -9.19 14.74 -1.92
O1A FAD F . -10.68 14.65 -1.85
O2A FAD F . -8.65 14.83 -0.51
O5B FAD F . -8.85 16.00 -2.85
C5B FAD F . -7.90 17.05 -2.49
C4B FAD F . -7.72 18.00 -3.69
O4B FAD F . -7.95 17.39 -4.80
C3B FAD F . -8.81 19.11 -3.59
O3B FAD F . -8.24 20.31 -3.29
C2B FAD F . -9.46 19.15 -4.98
O2B FAD F . -9.61 20.58 -5.43
C1B FAD F . -8.63 18.50 -5.76
N9A FAD F . -9.33 17.86 -6.82
C8A FAD F . -9.22 18.10 -8.15
N7A FAD F . -10.08 17.27 -8.80
C5A FAD F . -10.72 16.50 -7.86
C6A FAD F . -11.68 15.49 -7.98
N6A FAD F . -12.32 14.91 -9.14
N1A FAD F . -12.15 14.88 -6.88
C2A FAD F . -11.67 15.25 -5.63
N3A FAD F . -10.73 16.24 -5.52
C4A FAD F . -10.26 16.86 -6.65
N1 FAD F . -5.67 11.98 -10.92
C2 FAD F . -4.37 11.32 -11.02
O2 FAD F . -3.50 11.58 -10.23
N3 FAD F . -4.16 10.32 -12.07
C4 FAD F . -5.21 10.02 -12.98
O4 FAD F . -5.04 9.22 -13.83
C4X FAD F . -6.51 10.71 -12.87
N5 FAD F . -7.58 10.40 -13.78
C5X FAD F . -8.86 11.08 -13.67
C6 FAD F . -9.91 10.78 -14.57
C7 FAD F . -11.15 11.43 -14.45
C7M FAD F . -12.05 10.89 -15.56
C8 FAD F . -11.34 12.37 -13.43
C8M FAD F . -12.66 13.09 -13.29
C9 FAD F . -10.31 12.68 -12.55
C9A FAD F . -9.06 12.03 -12.65
N10 FAD F . -7.95 12.33 -11.70
C10 FAD F . -6.71 11.67 -11.83
C1' FAD F . -8.12 13.33 -10.63
C2' FAD F . -8.16 12.68 -9.27
O2' FAD F . -9.45 12.14 -9.05
C3' FAD F . -7.92 13.72 -8.20
O3' FAD F . -6.52 14.08 -8.20
C4' FAD F . -8.38 13.14 -6.91
O4' FAD F . -9.80 13.19 -6.89
C5' FAD F . -7.84 13.88 -5.71
O5' FAD F . -7.27 12.94 -4.83
P FAD F . -7.08 13.43 -3.32
O1P FAD F . -6.14 12.48 -2.58
O2P FAD F . -6.40 14.80 -3.41
O3P FAD F . -8.53 13.47 -2.63
FE1 SF4 G . -57.66 -0.28 14.14
FE2 SF4 G . -57.10 -2.69 12.46
FE3 SF4 G . -59.80 -2.58 14.05
FE4 SF4 G . -57.22 -3.02 15.54
S1 SF4 G . -58.14 -3.99 13.84
S2 SF4 G . -58.75 -1.46 15.61
S3 SF4 G . -56.09 -1.78 14.15
S4 SF4 G . -58.78 -1.32 12.59
FE1 SF4 H . -46.53 -2.39 8.49
FE2 SF4 H . -46.41 -0.42 6.13
FE3 SF4 H . -48.82 -0.39 8.01
FE4 SF4 H . -48.33 -2.71 6.04
S1 SF4 H . -48.57 -0.56 5.85
S2 SF4 H . -48.67 -2.56 8.18
S3 SF4 H . -46.19 -2.59 6.36
S4 SF4 H . -46.66 -0.22 8.30
PA FAD I . -33.47 1.08 -5.05
O1A FAD I . -33.46 0.93 -3.57
O2A FAD I . -33.65 2.52 -5.37
O5B FAD I . -32.06 0.64 -5.66
C5B FAD I . -31.53 -0.63 -5.22
C4B FAD I . -30.16 -0.97 -5.84
O4B FAD I . -30.14 -0.94 -7.14
C3B FAD I . -29.06 0.05 -5.45
O3B FAD I . -28.31 -0.47 -4.45
C2B FAD I . -28.23 0.20 -6.73
O2B FAD I . -26.76 0.23 -6.45
C1B FAD I . -28.55 -0.87 -7.40
N9A FAD I . -28.23 -0.75 -8.78
C8A FAD I . -28.73 0.12 -9.68
N7A FAD I . -28.14 -0.13 -10.88
C5A FAD I . -27.26 -1.16 -10.70
C6A FAD I . -26.40 -1.82 -11.59
N6A FAD I . -26.14 -1.61 -13.02
N1A FAD I . -25.63 -2.82 -11.14
C2A FAD I . -25.68 -3.22 -9.83
N3A FAD I . -26.53 -2.57 -8.96
C4A FAD I . -27.31 -1.54 -9.41
N1 FAD I . -40.29 4.79 0.79
C2 FAD I . -41.19 4.62 1.91
O2 FAD I . -42.00 3.73 1.88
N3 FAD I . -41.08 5.54 3.03
C4 FAD I . -40.11 6.58 3.02
O4 FAD I . -40.01 7.32 3.92
C4X FAD I . -39.20 6.72 1.87
N5 FAD I . -38.22 7.77 1.86
C5X FAD I . -37.33 7.91 0.72
C6 FAD I . -36.35 8.94 0.70
C7 FAD I . -35.50 9.05 -0.40
C7M FAD I . -34.58 10.23 -0.13
C8 FAD I . -35.61 8.18 -1.48
C8M FAD I . -34.66 8.35 -2.67
C9 FAD I . -36.56 7.18 -1.48
C9A FAD I . -37.43 7.03 -0.36
N10 FAD I . -38.46 5.93 -0.35
C10 FAD I . -39.32 5.83 0.77
C1' FAD I . -38.61 4.99 -1.47
C2' FAD I . -37.90 3.66 -1.24
O2' FAD I . -36.69 3.88 -0.56
C3' FAD I . -37.64 3.02 -2.60
O3' FAD I . -38.90 2.88 -3.25
C4' FAD I . -36.98 1.68 -2.49
O4' FAD I . -35.64 1.83 -2.01
C5' FAD I . -36.93 1.00 -3.85
O5' FAD I . -36.36 -0.29 -3.76
P FAD I . -35.60 -0.87 -5.05
O1P FAD I . -36.64 -1.26 -6.11
O2P FAD I . -34.80 -2.14 -4.69
O3P FAD I . -34.64 0.22 -5.71
P PO4 J . -36.13 -7.29 10.51
O1 PO4 J . -36.70 -7.58 11.87
O2 PO4 J . -36.33 -8.50 9.64
O3 PO4 J . -36.82 -6.09 9.90
O4 PO4 J . -34.65 -6.98 10.66
PA FAD K . 17.68 -22.02 18.53
O1A FAD K . 18.84 -21.20 18.05
O2A FAD K . 18.17 -23.28 19.16
O5B FAD K . 16.78 -22.37 17.25
C5B FAD K . 15.58 -23.16 17.40
C4B FAD K . 14.38 -22.35 16.85
O4B FAD K . 14.57 -21.08 17.04
C3B FAD K . 14.27 -22.49 15.32
O3B FAD K . 13.45 -23.52 14.94
C2B FAD K . 13.65 -21.17 14.86
O2B FAD K . 12.23 -21.43 14.45
C1B FAD K . 13.68 -20.36 15.89
N9A FAD K . 14.17 -19.05 15.54
C8A FAD K . 13.50 -17.88 15.75
N7A FAD K . 14.26 -16.86 15.29
C5A FAD K . 15.42 -17.38 14.80
C6A FAD K . 16.52 -16.75 14.22
N6A FAD K . 16.80 -15.34 13.96
N1A FAD K . 17.56 -17.49 13.80
C2A FAD K . 17.52 -18.87 13.96
N3A FAD K . 16.43 -19.48 14.52
C4A FAD K . 15.37 -18.73 14.95
N1 FAD K . 10.56 -14.34 20.59
C2 FAD K . 10.06 -13.92 21.89
O2 FAD K . 10.08 -14.70 22.81
N3 FAD K . 9.53 -12.56 22.05
C4 FAD K . 9.52 -11.66 20.95
O4 FAD K . 9.10 -10.59 21.11
C4X FAD K . 10.04 -12.12 19.64
N5 FAD K . 10.04 -11.25 18.49
C5X FAD K . 10.56 -11.71 17.21
C6 FAD K . 10.56 -10.83 16.10
C7 FAD K . 11.04 -11.26 14.86
C7M FAD K . 10.89 -10.08 13.91
C8 FAD K . 11.54 -12.56 14.73
C8M FAD K . 12.09 -13.03 13.39
C9 FAD K . 11.55 -13.43 15.81
C9A FAD K . 11.05 -13.01 17.07
N10 FAD K . 11.06 -13.92 18.25
C10 FAD K . 10.55 -13.45 19.49
C1' FAD K . 11.57 -15.30 18.18
C2' FAD K . 12.89 -15.40 18.91
O2' FAD K . 13.90 -14.78 18.12
C3' FAD K . 13.27 -16.86 19.15
O3' FAD K . 12.75 -17.31 20.41
C4' FAD K . 14.75 -17.02 19.14
O4' FAD K . 15.30 -16.54 17.91
C5' FAD K . 15.12 -18.47 19.30
O5' FAD K . 16.53 -18.55 19.29
P FAD K . 17.26 -19.72 20.12
O1P FAD K . 18.77 -19.48 19.99
O2P FAD K . 16.88 -19.63 21.60
O3P FAD K . 16.83 -21.15 19.54
FE1 FES L . 16.42 -9.45 7.00
FE2 FES L . 19.29 -10.17 6.61
S1 FES L . 17.90 -10.41 8.30
S2 FES L . 17.73 -9.56 5.22
FE1 SF4 M . 60.38 1.68 -12.56
FE2 SF4 M . 57.91 2.03 -10.80
FE3 SF4 M . 58.80 -0.78 -11.70
FE4 SF4 M . 60.41 0.73 -9.66
S1 SF4 M . 58.31 0.15 -9.79
S2 SF4 M . 60.88 -0.20 -11.58
S3 SF4 M . 60.00 2.63 -10.64
S4 SF4 M . 58.30 1.08 -12.70
FE1 SF4 N . 47.17 -0.82 -4.65
FE2 SF4 N . 49.72 0.10 -3.25
FE3 SF4 N . 49.74 -0.70 -6.24
FE4 SF4 N . 48.36 1.85 -5.29
S1 SF4 N . 50.36 1.05 -5.11
S2 SF4 N . 47.76 0.14 -6.51
S3 SF4 N . 47.71 0.90 -3.45
S4 SF4 N . 49.17 -1.68 -4.38
PA FAD O . 31.82 -0.95 2.35
O1A FAD O . 33.15 -1.62 2.35
O2A FAD O . 30.78 -1.83 1.69
O5B FAD O . 31.34 -0.63 3.82
C5B FAD O . 30.17 0.23 3.89
C4B FAD O . 29.59 0.25 5.31
O4B FAD O . 28.47 0.91 5.33
C3B FAD O . 29.23 -1.19 5.76
O3B FAD O . 29.91 -1.50 6.89
C2B FAD O . 27.72 -1.16 6.04
O2B FAD O . 27.38 -2.07 7.19
C1B FAD O . 27.50 0.10 6.33
N9A FAD O . 26.17 0.50 6.12
C8A FAD O . 25.36 0.24 5.04
N7A FAD O . 24.16 0.84 5.26
C5A FAD O . 24.21 1.48 6.47
C6A FAD O . 23.27 2.23 7.17
N6A FAD O . 21.91 2.61 6.84
N1A FAD O . 23.60 2.76 8.35
C2A FAD O . 24.86 2.54 8.88
N3A FAD O . 25.78 1.80 8.19
C4A FAD O . 25.45 1.27 7.00
N1 FAD O . 38.75 -4.84 -3.42
C2 FAD O . 40.18 -4.97 -3.65
O2 FAD O . 40.82 -4.06 -4.12
N3 FAD O . 40.85 -6.22 -3.32
C4 FAD O . 40.10 -7.29 -2.76
O4 FAD O . 40.62 -8.30 -2.48
C4X FAD O . 38.66 -7.14 -2.52
N5 FAD O . 37.95 -8.26 -1.96
C5X FAD O . 36.53 -8.14 -1.73
C6 FAD O . 35.82 -9.24 -1.16
C7 FAD O . 34.44 -9.14 -0.93
C7M FAD O . 34.00 -10.47 -0.33
C8 FAD O . 33.77 -7.96 -1.25
C8M FAD O . 32.27 -7.86 -0.99
C9 FAD O . 34.46 -6.88 -1.79
C9A FAD O . 35.85 -6.96 -2.04
N10 FAD O . 36.60 -5.80 -2.62
C10 FAD O . 38.00 -5.92 -2.85
C1' FAD O . 35.94 -4.54 -2.99
C2' FAD O . 36.05 -3.53 -1.87
O2' FAD O . 35.79 -4.17 -0.65
C3' FAD O . 35.02 -2.44 -2.08
O3' FAD O . 35.36 -1.71 -3.26
C4' FAD O . 35.08 -1.54 -0.89
O4' FAD O . 35.07 -2.35 0.29
C5' FAD O . 33.89 -0.62 -0.82
O5' FAD O . 34.12 0.29 0.24
P FAD O . 32.93 1.21 0.78
O1P FAD O . 32.28 1.93 -0.41
O2P FAD O . 33.46 2.24 1.79
O3P FAD O . 31.78 0.39 1.51
P PO4 P . 67.42 8.51 0.18
O1 PO4 P . 66.33 9.42 -0.31
O2 PO4 P . 66.81 7.17 0.48
O3 PO4 P . 68.02 9.11 1.42
O4 PO4 P . 68.47 8.33 -0.88
#